data_6QKG
#
_entry.id   6QKG
#
_cell.length_a   82.450
_cell.length_b   86.840
_cell.length_c   96.870
_cell.angle_alpha   90.00
_cell.angle_beta   90.71
_cell.angle_gamma   90.00
#
_symmetry.space_group_name_H-M   'P 1 21 1'
#
loop_
_entity.id
_entity.type
_entity.pdbx_description
1 polymer 'NCR A'
2 non-polymer 'IRON/SULFUR CLUSTER'
3 non-polymer 'FLAVIN-ADENINE DINUCLEOTIDE'
4 non-polymer 'FLAVIN MONONUCLEOTIDE'
5 water water
#
_entity_poly.entity_id   1
_entity_poly.type   'polypeptide(L)'
_entity_poly.pdbx_seq_one_letter_code
;MELILTKGGVTIMYENLCKPIKIGNHLVKNRMKYAATVDNFCDTKNGNVIDREIEYLRERAKGGFGIVVSQGGYTHILGK
GYVGQMGLVEESHLPGLKKLADAINAEGAMSIGQIMHTGRYGHAHEYGIHEAIAGGKTVGPEPVGPTAMSSPIKRYSPCR
EMTPEEIEEQIQAHIVAARMFKQTGWKGVEVCAIVGYLIADFLSRWTNKRTDKWGGSLENRARFLIEILKGIRKEVGDDY
PLVMRLNSTDLIEGGNTDEEYIEIAKMCEAAVRIDLFSITVGWHESPGAAITAEKRPGDWLHLADNWKKAGIKAPICMAY
RMNQPDVAEKAVAEGRIDIWEMCRPGIADPYLPKKVCEGRPEDIVTCTACNQGCFYYVFIDAIMGCMVNPRVGNEWDPAY
AINPAAKKKKVLVVGAGPSGMECARLAAVRGHDVTIMEKSDSIGGEVKLGVKSPLLYDWAETIRYYKAQIDKLGIKLKLN
TEATADSIKAEAPDVLVIATGGKPSRPKIEGIDNKIVTNVFDILEGKVKLGDKVVFIGGNEISIQTAEYVAEQGKEVTVL
EKGKHICFDVNIFNILQHRRLMAKLNMKSMTNVTINEINDDGVEISTAGGKDVTIEADNVVVAEGMDADDALAKAVGTKI
APEVYSIGDCAGVRKLYEAIHDGYKMGVKIRGSLEVDLQGDHGLSAWSHPQFEKGGGSGGGSGGGSWSHPQFEK
;
_entity_poly.pdbx_strand_id   A,B
#
# COMPACT_ATOMS: atom_id res chain seq x y z
N MET A 13 -11.90 1.88 -2.24
CA MET A 13 -10.59 1.89 -2.93
C MET A 13 -10.25 3.17 -3.80
N TYR A 14 -11.06 3.58 -4.72
CA TYR A 14 -10.76 4.75 -5.53
C TYR A 14 -11.92 5.72 -5.31
N GLU A 15 -12.06 6.17 -4.06
CA GLU A 15 -13.14 7.05 -3.63
C GLU A 15 -13.18 8.33 -4.43
N ASN A 16 -12.01 8.92 -4.70
CA ASN A 16 -11.93 10.17 -5.46
C ASN A 16 -12.28 10.04 -6.91
N LEU A 17 -11.87 8.96 -7.56
CA LEU A 17 -12.20 8.70 -8.98
C LEU A 17 -13.66 8.38 -9.19
N CYS A 18 -14.30 7.79 -8.17
CA CYS A 18 -15.69 7.35 -8.24
C CYS A 18 -16.70 8.36 -7.66
N LYS A 19 -16.19 9.52 -7.21
CA LYS A 19 -16.93 10.64 -6.65
C LYS A 19 -17.60 11.44 -7.80
N PRO A 20 -18.89 11.83 -7.68
CA PRO A 20 -19.52 12.61 -8.76
C PRO A 20 -19.04 14.07 -8.86
N ILE A 21 -19.43 14.77 -9.96
CA ILE A 21 -19.03 16.17 -10.22
C ILE A 21 -20.06 16.87 -11.11
N LYS A 22 -20.29 18.17 -10.90
CA LYS A 22 -21.19 18.97 -11.75
C LYS A 22 -20.41 19.62 -12.91
N ILE A 23 -20.78 19.34 -14.17
CA ILE A 23 -20.15 19.95 -15.35
C ILE A 23 -21.25 20.82 -15.94
N GLY A 24 -21.16 22.12 -15.66
CA GLY A 24 -22.21 23.09 -15.96
C GLY A 24 -23.36 22.75 -15.02
N ASN A 25 -24.51 22.45 -15.57
CA ASN A 25 -25.64 22.05 -14.74
C ASN A 25 -25.78 20.53 -14.57
N HIS A 26 -25.03 19.77 -15.38
CA HIS A 26 -25.09 18.31 -15.49
C HIS A 26 -24.26 17.57 -14.43
N LEU A 27 -24.90 16.65 -13.70
CA LEU A 27 -24.19 15.83 -12.73
C LEU A 27 -23.60 14.60 -13.42
N VAL A 28 -22.27 14.48 -13.32
CA VAL A 28 -21.46 13.40 -13.89
C VAL A 28 -21.22 12.43 -12.75
N LYS A 29 -21.44 11.14 -12.99
CA LYS A 29 -21.39 10.10 -11.95
C LYS A 29 -19.97 9.82 -11.38
N ASN A 30 -18.92 10.12 -12.14
CA ASN A 30 -17.55 9.89 -11.67
C ASN A 30 -16.56 10.87 -12.30
N ARG A 31 -15.27 10.74 -11.97
CA ARG A 31 -14.20 11.61 -12.44
C ARG A 31 -13.41 10.95 -13.56
N MET A 32 -14.05 10.07 -14.33
CA MET A 32 -13.39 9.42 -15.45
C MET A 32 -14.01 9.86 -16.80
N LYS A 33 -13.21 10.45 -17.62
CA LYS A 33 -13.61 11.01 -18.93
C LYS A 33 -12.93 10.31 -20.08
N TYR A 34 -13.74 9.80 -21.02
CA TYR A 34 -13.19 9.22 -22.23
C TYR A 34 -13.07 10.37 -23.26
N ALA A 35 -11.84 10.71 -23.62
CA ALA A 35 -11.47 11.80 -24.54
C ALA A 35 -11.74 11.54 -26.02
N ALA A 36 -11.90 12.63 -26.81
CA ALA A 36 -12.13 12.59 -28.26
C ALA A 36 -11.09 11.74 -28.97
N THR A 37 -11.58 10.86 -29.87
CA THR A 37 -10.75 9.88 -30.57
C THR A 37 -11.17 9.74 -32.02
N VAL A 38 -10.53 10.46 -32.95
CA VAL A 38 -10.82 10.20 -34.37
C VAL A 38 -10.30 8.75 -34.66
N ASP A 39 -11.13 7.93 -35.28
CA ASP A 39 -10.81 6.49 -35.43
C ASP A 39 -11.00 5.95 -36.84
N ASN A 40 -11.46 6.80 -37.77
CA ASN A 40 -11.73 6.41 -39.17
C ASN A 40 -12.87 5.36 -39.26
N PHE A 41 -13.82 5.46 -38.34
CA PHE A 41 -15.00 4.56 -38.26
C PHE A 41 -16.21 5.21 -38.89
N CYS A 42 -16.16 6.52 -39.16
CA CYS A 42 -17.33 7.14 -39.78
C CYS A 42 -17.24 6.94 -41.27
N ASP A 43 -18.36 7.15 -41.96
CA ASP A 43 -18.48 6.98 -43.40
C ASP A 43 -17.48 7.92 -44.08
N THR A 44 -16.46 7.29 -44.74
CA THR A 44 -15.39 7.99 -45.45
C THR A 44 -15.90 8.88 -46.60
N LYS A 45 -17.08 8.54 -47.16
CA LYS A 45 -17.66 9.29 -48.29
C LYS A 45 -18.27 10.60 -47.91
N ASN A 46 -18.89 10.70 -46.70
CA ASN A 46 -19.67 11.89 -46.35
C ASN A 46 -19.55 12.39 -44.88
N GLY A 47 -18.74 11.72 -44.05
CA GLY A 47 -18.56 12.09 -42.63
C GLY A 47 -19.68 11.70 -41.69
N ASN A 48 -20.59 10.86 -42.18
CA ASN A 48 -21.72 10.37 -41.39
C ASN A 48 -21.29 9.34 -40.38
N VAL A 49 -21.94 9.38 -39.22
CA VAL A 49 -21.79 8.43 -38.12
C VAL A 49 -22.48 7.15 -38.61
N ILE A 50 -21.79 6.00 -38.50
CA ILE A 50 -22.32 4.69 -38.87
C ILE A 50 -22.19 3.72 -37.65
N ASP A 51 -22.75 2.50 -37.75
CA ASP A 51 -22.77 1.51 -36.66
C ASP A 51 -21.41 1.20 -36.06
N ARG A 52 -20.32 1.19 -36.86
CA ARG A 52 -18.97 0.94 -36.34
C ARG A 52 -18.63 1.97 -35.26
N GLU A 53 -18.96 3.27 -35.52
CA GLU A 53 -18.69 4.34 -34.57
C GLU A 53 -19.59 4.26 -33.34
N ILE A 54 -20.91 4.09 -33.56
CA ILE A 54 -21.94 4.00 -32.51
C ILE A 54 -21.59 2.95 -31.47
N GLU A 55 -21.25 1.74 -31.94
CA GLU A 55 -20.94 0.63 -31.06
C GLU A 55 -19.59 0.79 -30.37
N TYR A 56 -18.66 1.48 -31.03
CA TYR A 56 -17.37 1.78 -30.41
C TYR A 56 -17.57 2.69 -29.18
N LEU A 57 -18.32 3.80 -29.32
CA LEU A 57 -18.54 4.74 -28.24
C LEU A 57 -19.57 4.24 -27.23
N ARG A 58 -20.52 3.38 -27.67
CA ARG A 58 -21.47 2.74 -26.76
C ARG A 58 -20.73 1.85 -25.77
N GLU A 59 -19.65 1.18 -26.23
CA GLU A 59 -18.87 0.30 -25.38
C GLU A 59 -18.16 1.12 -24.27
N ARG A 60 -17.74 2.37 -24.58
CA ARG A 60 -17.08 3.24 -23.59
C ARG A 60 -18.11 3.73 -22.59
N ALA A 61 -19.36 4.03 -23.05
CA ALA A 61 -20.46 4.43 -22.17
C ALA A 61 -20.93 3.25 -21.30
N LYS A 62 -21.01 2.03 -21.85
CA LYS A 62 -21.37 0.84 -21.05
C LYS A 62 -20.23 0.53 -20.06
N GLY A 63 -18.98 0.84 -20.44
CA GLY A 63 -17.80 0.64 -19.62
C GLY A 63 -17.72 1.49 -18.34
N GLY A 64 -18.62 2.46 -18.20
CA GLY A 64 -18.74 3.26 -16.99
C GLY A 64 -18.17 4.66 -16.95
N PHE A 65 -17.67 5.18 -18.08
CA PHE A 65 -17.11 6.54 -18.13
C PHE A 65 -18.21 7.57 -17.80
N GLY A 66 -17.90 8.52 -16.90
CA GLY A 66 -18.85 9.54 -16.52
C GLY A 66 -19.13 10.46 -17.71
N ILE A 67 -18.11 10.70 -18.53
CA ILE A 67 -18.18 11.54 -19.73
C ILE A 67 -17.60 10.77 -20.91
N VAL A 68 -18.31 10.80 -22.05
CA VAL A 68 -17.85 10.20 -23.31
C VAL A 68 -17.89 11.32 -24.38
N VAL A 69 -16.72 11.67 -24.90
CA VAL A 69 -16.60 12.71 -25.91
C VAL A 69 -16.57 12.05 -27.28
N SER A 70 -17.30 12.66 -28.26
CA SER A 70 -17.25 12.16 -29.65
C SER A 70 -15.86 12.50 -30.17
N GLN A 71 -15.51 12.02 -31.35
CA GLN A 71 -14.27 12.44 -32.01
C GLN A 71 -14.50 13.88 -32.52
N GLY A 72 -13.41 14.57 -32.82
CA GLY A 72 -13.49 15.93 -33.34
C GLY A 72 -14.10 15.90 -34.72
N GLY A 73 -15.23 16.59 -34.87
CA GLY A 73 -15.94 16.62 -36.14
C GLY A 73 -15.52 17.81 -36.99
N TYR A 74 -15.30 17.62 -38.30
CA TYR A 74 -14.88 18.75 -39.13
C TYR A 74 -16.04 19.73 -39.37
N THR A 75 -15.73 21.03 -39.41
CA THR A 75 -16.73 22.10 -39.63
C THR A 75 -16.84 22.56 -41.10
N HIS A 76 -15.96 22.04 -41.97
CA HIS A 76 -15.88 22.36 -43.39
C HIS A 76 -15.00 21.27 -43.97
N ILE A 77 -15.27 20.84 -45.22
CA ILE A 77 -14.54 19.76 -45.87
C ILE A 77 -13.01 20.00 -45.91
N LEU A 78 -12.54 21.28 -45.97
CA LEU A 78 -11.11 21.63 -45.98
C LEU A 78 -10.46 21.30 -44.66
N GLY A 79 -11.29 21.29 -43.61
CA GLY A 79 -10.92 20.92 -42.25
C GLY A 79 -10.92 19.44 -41.96
N LYS A 80 -11.21 18.59 -42.98
CA LYS A 80 -11.20 17.12 -42.82
C LYS A 80 -9.71 16.66 -42.83
N GLY A 81 -9.25 16.11 -41.72
CA GLY A 81 -7.87 15.68 -41.58
C GLY A 81 -7.66 14.19 -41.45
N TYR A 82 -8.76 13.41 -41.47
CA TYR A 82 -8.71 11.94 -41.33
C TYR A 82 -9.74 11.35 -42.29
N VAL A 83 -9.38 10.27 -42.98
CA VAL A 83 -10.19 9.69 -44.05
C VAL A 83 -11.66 9.42 -43.63
N GLY A 84 -11.84 8.93 -42.41
CA GLY A 84 -13.17 8.62 -41.91
C GLY A 84 -13.61 9.52 -40.78
N GLN A 85 -13.17 10.78 -40.80
CA GLN A 85 -13.53 11.75 -39.76
C GLN A 85 -15.00 12.06 -39.82
N MET A 86 -15.61 12.25 -38.61
CA MET A 86 -17.02 12.64 -38.46
C MET A 86 -17.19 14.10 -38.95
N GLY A 87 -18.29 14.36 -39.64
CA GLY A 87 -18.62 15.68 -40.16
C GLY A 87 -19.69 16.38 -39.36
N LEU A 88 -19.55 17.72 -39.24
CA LEU A 88 -20.51 18.60 -38.55
C LEU A 88 -20.81 19.79 -39.46
N VAL A 89 -21.36 19.50 -40.65
CA VAL A 89 -21.62 20.52 -41.67
C VAL A 89 -23.09 20.55 -42.16
N GLU A 90 -23.59 19.42 -42.62
CA GLU A 90 -24.89 19.29 -43.29
C GLU A 90 -26.00 18.74 -42.44
N GLU A 91 -27.25 18.96 -42.88
CA GLU A 91 -28.47 18.42 -42.26
C GLU A 91 -28.48 16.89 -42.30
N SER A 92 -27.87 16.29 -43.33
CA SER A 92 -27.71 14.84 -43.50
C SER A 92 -26.78 14.22 -42.41
N HIS A 93 -26.07 15.06 -41.62
CA HIS A 93 -25.22 14.53 -40.53
C HIS A 93 -26.07 14.29 -39.28
N LEU A 94 -27.21 15.04 -39.14
CA LEU A 94 -28.10 15.02 -37.97
C LEU A 94 -28.59 13.63 -37.58
N PRO A 95 -29.17 12.78 -38.47
CA PRO A 95 -29.65 11.48 -37.98
C PRO A 95 -28.59 10.64 -37.26
N GLY A 96 -27.37 10.61 -37.78
CA GLY A 96 -26.27 9.85 -37.18
C GLY A 96 -25.83 10.40 -35.84
N LEU A 97 -25.80 11.73 -35.73
CA LEU A 97 -25.41 12.42 -34.49
C LEU A 97 -26.39 12.07 -33.38
N LYS A 98 -27.70 12.02 -33.71
CA LYS A 98 -28.77 11.66 -32.77
C LYS A 98 -28.61 10.22 -32.28
N LYS A 99 -28.34 9.29 -33.18
CA LYS A 99 -28.12 7.87 -32.86
C LYS A 99 -26.94 7.67 -31.92
N LEU A 100 -25.83 8.43 -32.16
CA LEU A 100 -24.61 8.40 -31.37
C LEU A 100 -24.88 8.89 -29.94
N ALA A 101 -25.55 10.05 -29.80
CA ALA A 101 -25.92 10.64 -28.52
C ALA A 101 -26.87 9.73 -27.74
N ASP A 102 -27.89 9.15 -28.41
CA ASP A 102 -28.83 8.21 -27.78
C ASP A 102 -28.08 7.05 -27.14
N ALA A 103 -27.17 6.42 -27.91
CA ALA A 103 -26.32 5.31 -27.49
C ALA A 103 -25.46 5.61 -26.28
N ILE A 104 -24.82 6.79 -26.23
CA ILE A 104 -24.02 7.17 -25.07
C ILE A 104 -24.92 7.47 -23.86
N ASN A 105 -25.94 8.33 -24.07
CA ASN A 105 -26.87 8.75 -23.01
C ASN A 105 -27.59 7.62 -22.34
N ALA A 106 -28.00 6.58 -23.12
CA ALA A 106 -28.71 5.41 -22.58
C ALA A 106 -27.91 4.68 -21.53
N GLU A 107 -26.57 4.77 -21.60
CA GLU A 107 -25.72 4.08 -20.64
C GLU A 107 -25.48 4.86 -19.35
N GLY A 108 -25.87 6.13 -19.32
CA GLY A 108 -25.69 6.98 -18.14
C GLY A 108 -24.46 7.86 -18.19
N ALA A 109 -23.80 7.90 -19.33
CA ALA A 109 -22.62 8.72 -19.53
C ALA A 109 -23.04 10.09 -20.09
N MET A 110 -22.34 11.15 -19.70
CA MET A 110 -22.59 12.49 -20.24
C MET A 110 -21.98 12.58 -21.65
N SER A 111 -22.83 12.64 -22.67
CA SER A 111 -22.33 12.75 -24.06
C SER A 111 -21.84 14.19 -24.33
N ILE A 112 -20.62 14.32 -24.84
CA ILE A 112 -20.04 15.61 -25.18
C ILE A 112 -19.58 15.56 -26.64
N GLY A 113 -20.04 16.51 -27.43
CA GLY A 113 -19.70 16.59 -28.84
C GLY A 113 -18.53 17.50 -29.09
N GLN A 114 -17.48 16.98 -29.69
CA GLN A 114 -16.31 17.79 -29.99
C GLN A 114 -16.33 18.38 -31.44
N ILE A 115 -15.93 19.65 -31.54
CA ILE A 115 -15.86 20.38 -32.82
C ILE A 115 -14.38 20.56 -33.15
N MET A 116 -13.93 19.97 -34.29
CA MET A 116 -12.51 20.00 -34.65
C MET A 116 -12.23 20.20 -36.15
N HIS A 117 -11.99 21.43 -36.55
CA HIS A 117 -11.50 21.74 -37.92
C HIS A 117 -9.97 21.50 -37.78
N THR A 118 -9.37 20.63 -38.62
CA THR A 118 -7.95 20.27 -38.50
C THR A 118 -6.96 21.28 -39.07
N GLY A 119 -7.47 22.37 -39.65
CA GLY A 119 -6.66 23.45 -40.21
C GLY A 119 -5.48 23.00 -41.04
N ARG A 120 -4.24 23.33 -40.57
CA ARG A 120 -3.00 23.03 -41.27
C ARG A 120 -2.77 21.57 -41.51
N TYR A 121 -3.46 20.72 -40.75
CA TYR A 121 -3.36 19.27 -40.82
C TYR A 121 -4.44 18.63 -41.69
N GLY A 122 -5.18 19.45 -42.43
CA GLY A 122 -6.21 19.02 -43.36
C GLY A 122 -5.61 18.24 -44.52
N HIS A 123 -6.37 17.28 -45.05
CA HIS A 123 -5.97 16.41 -46.16
C HIS A 123 -7.14 16.22 -47.16
N ALA A 124 -8.01 17.25 -47.39
CA ALA A 124 -9.14 17.16 -48.32
C ALA A 124 -8.80 16.64 -49.73
N HIS A 125 -7.61 16.99 -50.23
CA HIS A 125 -7.10 16.59 -51.54
CA HIS A 125 -7.07 16.60 -51.53
C HIS A 125 -6.99 15.08 -51.64
N GLU A 126 -6.61 14.41 -50.55
CA GLU A 126 -6.50 12.96 -50.50
C GLU A 126 -7.85 12.26 -50.34
N TYR A 127 -8.92 13.01 -50.11
CA TYR A 127 -10.23 12.41 -49.88
C TYR A 127 -11.20 12.66 -51.05
N GLY A 128 -10.65 12.74 -52.25
CA GLY A 128 -11.40 12.92 -53.50
C GLY A 128 -12.03 14.29 -53.66
N ILE A 129 -11.49 15.30 -52.97
CA ILE A 129 -11.97 16.67 -53.05
C ILE A 129 -11.02 17.39 -54.01
N HIS A 130 -11.57 17.91 -55.09
N HIS A 130 -11.59 17.89 -55.14
CA HIS A 130 -10.74 18.56 -56.08
CA HIS A 130 -10.86 18.60 -56.20
C HIS A 130 -10.86 20.10 -55.95
C HIS A 130 -10.86 20.11 -55.95
N GLU A 131 -11.98 20.61 -55.39
CA GLU A 131 -12.21 22.01 -55.10
C GLU A 131 -13.32 22.15 -54.04
N ALA A 132 -13.42 23.35 -53.44
CA ALA A 132 -14.39 23.68 -52.39
C ALA A 132 -14.74 25.16 -52.49
N ILE A 133 -15.81 25.56 -51.80
CA ILE A 133 -16.26 26.95 -51.67
C ILE A 133 -15.87 27.37 -50.27
N ALA A 134 -15.07 28.44 -50.12
CA ALA A 134 -14.66 28.96 -48.82
C ALA A 134 -14.57 30.48 -48.86
N GLY A 135 -15.33 31.11 -47.97
CA GLY A 135 -15.45 32.55 -47.88
C GLY A 135 -16.11 33.13 -49.12
N GLY A 136 -17.11 32.40 -49.64
CA GLY A 136 -17.87 32.74 -50.83
C GLY A 136 -17.10 32.66 -52.14
N LYS A 137 -15.98 31.93 -52.16
CA LYS A 137 -15.13 31.80 -53.35
C LYS A 137 -14.66 30.37 -53.59
N THR A 138 -14.45 30.00 -54.87
CA THR A 138 -13.96 28.68 -55.25
C THR A 138 -12.47 28.62 -54.98
N VAL A 139 -12.05 27.60 -54.20
CA VAL A 139 -10.67 27.41 -53.78
C VAL A 139 -10.23 25.99 -54.07
N GLY A 140 -8.92 25.79 -54.05
CA GLY A 140 -8.35 24.44 -54.20
C GLY A 140 -8.59 23.62 -52.93
N PRO A 141 -8.20 22.33 -52.91
CA PRO A 141 -8.47 21.51 -51.71
C PRO A 141 -7.37 21.53 -50.62
N GLU A 142 -6.37 22.45 -50.73
CA GLU A 142 -5.27 22.52 -49.80
C GLU A 142 -5.71 22.93 -48.36
N PRO A 143 -4.99 22.47 -47.27
CA PRO A 143 -5.35 22.90 -45.92
C PRO A 143 -5.28 24.41 -45.75
N VAL A 144 -6.04 24.92 -44.79
CA VAL A 144 -6.08 26.36 -44.53
C VAL A 144 -5.51 26.69 -43.17
N GLY A 145 -4.93 27.87 -43.07
CA GLY A 145 -4.36 28.41 -41.84
C GLY A 145 -4.39 29.92 -41.81
N PRO A 146 -4.07 30.57 -40.66
CA PRO A 146 -4.09 32.06 -40.63
C PRO A 146 -3.01 32.64 -41.56
N THR A 147 -1.94 31.86 -41.71
CA THR A 147 -0.76 32.21 -42.49
C THR A 147 -0.37 31.06 -43.43
N ALA A 148 -0.13 31.38 -44.72
CA ALA A 148 0.33 30.46 -45.76
C ALA A 148 1.75 30.01 -45.39
N MET A 149 1.93 28.71 -45.12
CA MET A 149 3.22 28.14 -44.72
C MET A 149 3.29 26.64 -45.00
N SER A 150 4.47 26.06 -44.77
CA SER A 150 4.78 24.67 -44.95
C SER A 150 4.99 24.05 -43.59
N SER A 151 4.93 22.71 -43.55
CA SER A 151 5.14 21.93 -42.34
C SER A 151 6.55 21.26 -42.30
N PRO A 152 7.22 21.20 -41.12
CA PRO A 152 8.48 20.42 -41.04
C PRO A 152 8.22 18.92 -41.32
N ILE A 153 6.98 18.46 -41.06
CA ILE A 153 6.47 17.09 -41.23
C ILE A 153 5.87 16.90 -42.63
N LYS A 154 6.41 15.93 -43.40
CA LYS A 154 6.02 15.68 -44.80
C LYS A 154 4.57 15.24 -44.99
N ARG A 155 3.93 14.69 -43.94
CA ARG A 155 2.53 14.27 -43.95
C ARG A 155 1.60 15.49 -44.13
N TYR A 156 2.06 16.67 -43.69
CA TYR A 156 1.27 17.90 -43.79
C TYR A 156 1.73 18.77 -44.97
N SER A 157 0.80 18.96 -45.92
CA SER A 157 1.03 19.73 -47.13
C SER A 157 0.96 21.25 -46.90
N PRO A 158 1.57 22.11 -47.78
CA PRO A 158 1.53 23.55 -47.55
C PRO A 158 0.12 24.12 -47.53
N CYS A 159 -0.14 25.00 -46.56
CA CYS A 159 -1.46 25.56 -46.34
C CYS A 159 -1.67 26.91 -47.02
N ARG A 160 -2.93 27.23 -47.33
CA ARG A 160 -3.32 28.49 -47.93
C ARG A 160 -3.77 29.48 -46.82
N GLU A 161 -3.54 30.78 -47.02
CA GLU A 161 -3.93 31.82 -46.09
C GLU A 161 -5.46 32.04 -46.19
N MET A 162 -6.17 31.91 -45.05
CA MET A 162 -7.62 32.15 -45.02
C MET A 162 -7.88 33.65 -45.23
N THR A 163 -8.93 33.98 -46.00
CA THR A 163 -9.31 35.37 -46.20
C THR A 163 -10.09 35.78 -44.93
N PRO A 164 -10.24 37.07 -44.59
CA PRO A 164 -11.02 37.43 -43.40
C PRO A 164 -12.44 36.85 -43.42
N GLU A 165 -13.04 36.72 -44.64
CA GLU A 165 -14.37 36.17 -44.86
C GLU A 165 -14.44 34.69 -44.50
N GLU A 166 -13.36 33.92 -44.78
CA GLU A 166 -13.23 32.49 -44.43
C GLU A 166 -13.17 32.34 -42.92
N ILE A 167 -12.53 33.32 -42.23
CA ILE A 167 -12.42 33.34 -40.76
C ILE A 167 -13.83 33.51 -40.17
N GLU A 168 -14.56 34.49 -40.68
CA GLU A 168 -15.91 34.80 -40.22
C GLU A 168 -16.85 33.62 -40.43
N GLU A 169 -16.77 33.00 -41.62
CA GLU A 169 -17.52 31.80 -42.00
C GLU A 169 -17.20 30.61 -41.06
N GLN A 170 -15.92 30.41 -40.71
CA GLN A 170 -15.53 29.32 -39.79
C GLN A 170 -16.05 29.51 -38.37
N ILE A 171 -16.18 30.77 -37.90
CA ILE A 171 -16.75 31.07 -36.59
C ILE A 171 -18.21 30.62 -36.62
N GLN A 172 -18.95 30.99 -37.69
CA GLN A 172 -20.35 30.61 -37.91
C GLN A 172 -20.50 29.08 -38.05
N ALA A 173 -19.53 28.42 -38.69
CA ALA A 173 -19.54 26.98 -38.89
C ALA A 173 -19.40 26.26 -37.53
N HIS A 174 -18.63 26.86 -36.60
CA HIS A 174 -18.45 26.34 -35.23
C HIS A 174 -19.72 26.48 -34.43
N ILE A 175 -20.44 27.59 -34.61
CA ILE A 175 -21.73 27.85 -33.93
C ILE A 175 -22.74 26.83 -34.45
N VAL A 176 -22.82 26.65 -35.78
CA VAL A 176 -23.72 25.68 -36.40
C VAL A 176 -23.38 24.24 -35.88
N ALA A 177 -22.10 23.88 -35.81
CA ALA A 177 -21.69 22.58 -35.29
C ALA A 177 -22.23 22.34 -33.84
N ALA A 178 -22.12 23.35 -32.99
CA ALA A 178 -22.59 23.27 -31.61
C ALA A 178 -24.13 23.14 -31.58
N ARG A 179 -24.84 23.87 -32.50
CA ARG A 179 -26.29 23.79 -32.66
C ARG A 179 -26.70 22.36 -33.05
N MET A 180 -25.92 21.74 -33.97
CA MET A 180 -26.15 20.36 -34.43
C MET A 180 -26.07 19.33 -33.32
N PHE A 181 -25.06 19.45 -32.42
CA PHE A 181 -24.93 18.52 -31.31
C PHE A 181 -26.08 18.72 -30.31
N LYS A 182 -26.38 19.96 -29.99
CA LYS A 182 -27.44 20.27 -29.04
C LYS A 182 -28.82 19.82 -29.52
N GLN A 183 -29.15 20.04 -30.81
CA GLN A 183 -30.46 19.60 -31.32
C GLN A 183 -30.59 18.04 -31.42
N THR A 184 -29.46 17.30 -31.40
CA THR A 184 -29.46 15.83 -31.52
C THR A 184 -29.29 15.13 -30.14
N GLY A 185 -29.40 15.91 -29.06
CA GLY A 185 -29.38 15.38 -27.70
C GLY A 185 -28.05 15.22 -27.00
N TRP A 186 -26.96 15.79 -27.54
CA TRP A 186 -25.66 15.71 -26.86
C TRP A 186 -25.78 16.58 -25.59
N LYS A 187 -25.21 16.09 -24.45
CA LYS A 187 -25.34 16.79 -23.16
C LYS A 187 -24.43 18.01 -23.04
N GLY A 188 -23.40 18.10 -23.86
CA GLY A 188 -22.49 19.23 -23.86
C GLY A 188 -21.71 19.32 -25.16
N VAL A 189 -21.00 20.43 -25.34
CA VAL A 189 -20.18 20.71 -26.53
C VAL A 189 -18.75 21.06 -26.10
N GLU A 190 -17.76 20.48 -26.78
CA GLU A 190 -16.33 20.71 -26.55
C GLU A 190 -15.70 21.41 -27.76
N VAL A 191 -14.97 22.48 -27.51
CA VAL A 191 -14.22 23.16 -28.55
C VAL A 191 -12.77 22.59 -28.53
N CYS A 192 -12.31 22.03 -29.65
CA CYS A 192 -10.95 21.51 -29.74
C CYS A 192 -10.05 22.66 -30.17
N ALA A 193 -9.31 23.26 -29.23
CA ALA A 193 -8.41 24.40 -29.52
C ALA A 193 -6.94 23.93 -29.40
N ILE A 194 -6.66 22.69 -29.81
CA ILE A 194 -5.32 22.11 -29.59
C ILE A 194 -4.55 21.61 -30.79
N VAL A 195 -3.30 21.18 -30.47
CA VAL A 195 -2.35 20.28 -31.13
C VAL A 195 -1.93 20.69 -32.56
N GLY A 196 -2.33 21.87 -33.00
CA GLY A 196 -1.96 22.32 -34.34
C GLY A 196 -3.10 22.30 -35.34
N TYR A 197 -4.32 21.99 -34.89
CA TYR A 197 -5.53 22.10 -35.69
C TYR A 197 -5.87 23.58 -35.85
N LEU A 198 -6.93 23.93 -36.60
CA LEU A 198 -7.21 25.33 -36.95
C LEU A 198 -7.12 26.35 -35.81
N ILE A 199 -7.86 26.16 -34.69
CA ILE A 199 -7.84 27.17 -33.61
C ILE A 199 -6.43 27.38 -33.05
N ALA A 200 -5.72 26.27 -32.76
CA ALA A 200 -4.35 26.26 -32.26
C ALA A 200 -3.42 27.03 -33.22
N ASP A 201 -3.66 26.91 -34.54
CA ASP A 201 -2.89 27.67 -35.56
C ASP A 201 -3.04 29.21 -35.40
N PHE A 202 -4.24 29.67 -35.00
CA PHE A 202 -4.47 31.10 -34.76
C PHE A 202 -3.87 31.51 -33.42
N LEU A 203 -3.88 30.61 -32.44
CA LEU A 203 -3.34 30.90 -31.11
C LEU A 203 -1.81 31.01 -31.09
N SER A 204 -1.13 30.15 -31.83
CA SER A 204 0.34 30.13 -31.82
C SER A 204 0.97 31.24 -32.66
N ARG A 205 2.00 31.91 -32.11
CA ARG A 205 2.79 32.91 -32.84
C ARG A 205 3.68 32.22 -33.91
N TRP A 206 3.92 30.89 -33.81
CA TRP A 206 4.70 30.15 -34.81
C TRP A 206 3.93 30.01 -36.12
N THR A 207 2.60 29.85 -36.05
CA THR A 207 1.73 29.66 -37.21
C THR A 207 0.96 30.91 -37.59
N ASN A 208 0.84 31.87 -36.65
CA ASN A 208 0.07 33.07 -36.91
C ASN A 208 0.95 34.30 -37.05
N LYS A 209 1.13 34.74 -38.31
CA LYS A 209 1.89 35.93 -38.69
C LYS A 209 0.95 37.00 -39.27
N ARG A 210 -0.36 36.92 -38.91
CA ARG A 210 -1.36 37.91 -39.39
C ARG A 210 -1.12 39.31 -38.80
N THR A 211 -1.35 40.34 -39.62
CA THR A 211 -1.12 41.72 -39.20
C THR A 211 -2.43 42.50 -39.08
N ASP A 212 -3.58 41.81 -39.26
CA ASP A 212 -4.92 42.38 -39.05
C ASP A 212 -5.38 42.01 -37.61
N LYS A 213 -6.68 42.09 -37.30
CA LYS A 213 -7.21 41.83 -35.96
C LYS A 213 -7.19 40.36 -35.52
N TRP A 214 -6.86 39.41 -36.43
CA TRP A 214 -6.80 37.98 -36.12
C TRP A 214 -5.39 37.48 -35.70
N GLY A 215 -4.42 38.39 -35.64
CA GLY A 215 -3.03 38.07 -35.26
C GLY A 215 -2.26 39.25 -34.71
N GLY A 216 -1.02 39.01 -34.30
CA GLY A 216 -0.15 40.02 -33.70
C GLY A 216 -0.07 39.75 -32.21
N SER A 217 -0.74 40.60 -31.40
CA SER A 217 -0.86 40.47 -29.94
C SER A 217 -1.59 39.14 -29.55
N LEU A 218 -1.35 38.64 -28.32
CA LEU A 218 -1.99 37.42 -27.81
C LEU A 218 -3.54 37.53 -27.85
N GLU A 219 -4.08 38.72 -27.51
CA GLU A 219 -5.50 39.07 -27.54
C GLU A 219 -6.04 38.84 -28.96
N ASN A 220 -5.28 39.25 -29.99
CA ASN A 220 -5.67 39.09 -31.39
C ASN A 220 -5.58 37.63 -31.81
N ARG A 221 -4.52 36.90 -31.39
CA ARG A 221 -4.36 35.49 -31.75
C ARG A 221 -5.51 34.64 -31.16
N ALA A 222 -6.00 35.05 -29.99
CA ALA A 222 -7.10 34.40 -29.25
C ALA A 222 -8.49 34.79 -29.74
N ARG A 223 -8.60 35.83 -30.57
CA ARG A 223 -9.89 36.35 -31.08
C ARG A 223 -10.77 35.32 -31.78
N PHE A 224 -10.20 34.52 -32.66
CA PHE A 224 -10.91 33.48 -33.39
C PHE A 224 -11.56 32.52 -32.39
N LEU A 225 -10.79 32.05 -31.42
CA LEU A 225 -11.27 31.19 -30.33
C LEU A 225 -12.34 31.90 -29.47
N ILE A 226 -12.08 33.14 -29.05
CA ILE A 226 -13.02 33.90 -28.24
C ILE A 226 -14.35 34.11 -28.94
N GLU A 227 -14.31 34.48 -30.23
CA GLU A 227 -15.51 34.69 -31.02
C GLU A 227 -16.29 33.40 -31.23
N ILE A 228 -15.56 32.27 -31.36
CA ILE A 228 -16.18 30.94 -31.47
C ILE A 228 -16.94 30.62 -30.15
N LEU A 229 -16.27 30.84 -29.01
CA LEU A 229 -16.85 30.59 -27.69
C LEU A 229 -18.04 31.49 -27.41
N LYS A 230 -17.90 32.79 -27.70
CA LYS A 230 -18.99 33.74 -27.51
C LYS A 230 -20.20 33.37 -28.36
N GLY A 231 -19.96 33.01 -29.62
CA GLY A 231 -21.00 32.59 -30.54
C GLY A 231 -21.71 31.32 -30.13
N ILE A 232 -20.95 30.29 -29.70
CA ILE A 232 -21.52 29.02 -29.22
C ILE A 232 -22.38 29.25 -27.98
N ARG A 233 -21.85 30.05 -27.05
CA ARG A 233 -22.55 30.34 -25.80
C ARG A 233 -23.92 31.01 -26.07
N LYS A 234 -23.95 32.02 -26.95
CA LYS A 234 -25.19 32.71 -27.32
C LYS A 234 -26.19 31.73 -28.01
N GLU A 235 -25.66 30.79 -28.81
CA GLU A 235 -26.44 29.78 -29.52
C GLU A 235 -27.09 28.74 -28.57
N VAL A 236 -26.31 28.12 -27.70
CA VAL A 236 -26.74 27.03 -26.81
C VAL A 236 -27.40 27.51 -25.53
N GLY A 237 -27.17 28.78 -25.18
CA GLY A 237 -27.72 29.39 -23.98
C GLY A 237 -26.79 29.21 -22.79
N ASP A 238 -27.16 29.82 -21.69
CA ASP A 238 -26.35 29.81 -20.47
C ASP A 238 -26.33 28.50 -19.71
N ASP A 239 -27.41 27.72 -19.77
CA ASP A 239 -27.49 26.51 -18.99
C ASP A 239 -26.76 25.28 -19.60
N TYR A 240 -26.46 25.35 -20.89
CA TYR A 240 -25.83 24.25 -21.61
C TYR A 240 -24.31 24.12 -21.37
N PRO A 241 -23.82 22.91 -21.01
CA PRO A 241 -22.37 22.73 -20.79
C PRO A 241 -21.46 23.00 -22.00
N LEU A 242 -20.57 23.98 -21.87
CA LEU A 242 -19.60 24.35 -22.90
C LEU A 242 -18.22 24.13 -22.30
N VAL A 243 -17.49 23.18 -22.85
CA VAL A 243 -16.17 22.78 -22.38
C VAL A 243 -15.15 23.00 -23.50
N MET A 244 -13.87 22.86 -23.19
CA MET A 244 -12.88 23.04 -24.22
C MET A 244 -11.58 22.33 -23.91
N ARG A 245 -10.79 22.11 -24.97
CA ARG A 245 -9.47 21.54 -24.91
C ARG A 245 -8.55 22.69 -25.31
N LEU A 246 -7.50 22.92 -24.52
CA LEU A 246 -6.51 23.93 -24.81
C LEU A 246 -5.17 23.36 -24.37
N ASN A 247 -4.07 23.67 -25.08
CA ASN A 247 -2.72 23.23 -24.67
C ASN A 247 -2.32 23.95 -23.38
N SER A 248 -1.49 23.30 -22.56
CA SER A 248 -0.85 23.87 -21.37
C SER A 248 0.62 24.08 -21.75
N THR A 249 1.09 23.34 -22.78
CA THR A 249 2.43 23.41 -23.36
C THR A 249 2.35 22.87 -24.79
N ASP A 250 2.88 23.62 -25.76
CA ASP A 250 2.78 23.19 -27.15
C ASP A 250 4.00 22.41 -27.63
N LEU A 251 5.15 22.49 -26.90
CA LEU A 251 6.44 21.83 -27.22
C LEU A 251 6.93 22.18 -28.65
N ILE A 252 6.71 23.44 -29.04
CA ILE A 252 7.11 24.00 -30.33
C ILE A 252 8.04 25.17 -30.00
N GLU A 253 9.26 25.15 -30.54
CA GLU A 253 10.24 26.23 -30.41
C GLU A 253 9.70 27.36 -31.28
N GLY A 254 9.52 28.52 -30.67
CA GLY A 254 8.93 29.67 -31.33
C GLY A 254 7.41 29.66 -31.23
N GLY A 255 6.86 28.81 -30.36
CA GLY A 255 5.43 28.73 -30.11
C GLY A 255 5.03 29.67 -28.98
N ASN A 256 3.92 29.39 -28.30
CA ASN A 256 3.48 30.21 -27.16
C ASN A 256 4.11 29.65 -25.92
N THR A 257 4.32 30.48 -24.89
CA THR A 257 4.85 30.00 -23.62
C THR A 257 3.71 29.30 -22.85
N ASP A 258 4.05 28.47 -21.84
CA ASP A 258 3.08 27.80 -20.97
C ASP A 258 2.19 28.88 -20.29
N GLU A 259 2.81 30.01 -19.87
CA GLU A 259 2.10 31.11 -19.23
C GLU A 259 1.10 31.79 -20.20
N GLU A 260 1.45 31.91 -21.47
CA GLU A 260 0.53 32.48 -22.49
C GLU A 260 -0.74 31.61 -22.64
N TYR A 261 -0.60 30.29 -22.56
CA TYR A 261 -1.74 29.37 -22.62
C TYR A 261 -2.71 29.58 -21.47
N ILE A 262 -2.15 29.90 -20.27
CA ILE A 262 -2.91 30.24 -19.08
C ILE A 262 -3.65 31.59 -19.32
N GLU A 263 -2.98 32.59 -19.92
CA GLU A 263 -3.60 33.89 -20.22
C GLU A 263 -4.77 33.69 -21.16
N ILE A 264 -4.60 32.84 -22.19
CA ILE A 264 -5.66 32.50 -23.15
C ILE A 264 -6.82 31.87 -22.40
N ALA A 265 -6.54 30.90 -21.52
CA ALA A 265 -7.58 30.27 -20.72
C ALA A 265 -8.32 31.35 -19.89
N LYS A 266 -7.59 32.31 -19.35
CA LYS A 266 -8.21 33.40 -18.57
C LYS A 266 -9.13 34.27 -19.46
N MET A 267 -8.75 34.52 -20.71
CA MET A 267 -9.58 35.26 -21.68
C MET A 267 -10.86 34.45 -21.98
N CYS A 268 -10.72 33.12 -22.11
CA CYS A 268 -11.84 32.21 -22.30
C CYS A 268 -12.86 32.33 -21.18
N GLU A 269 -12.39 32.26 -19.93
CA GLU A 269 -13.22 32.35 -18.74
C GLU A 269 -13.89 33.72 -18.62
N ALA A 270 -13.21 34.78 -19.06
CA ALA A 270 -13.76 36.13 -19.01
C ALA A 270 -14.79 36.34 -20.13
N ALA A 271 -14.70 35.60 -21.22
CA ALA A 271 -15.63 35.76 -22.33
C ALA A 271 -16.93 34.97 -22.09
N VAL A 272 -16.80 33.70 -21.64
CA VAL A 272 -17.91 32.79 -21.41
C VAL A 272 -17.67 32.02 -20.15
N ARG A 273 -18.71 31.42 -19.58
CA ARG A 273 -18.50 30.51 -18.46
C ARG A 273 -18.00 29.16 -19.09
N ILE A 274 -16.74 28.81 -18.86
CA ILE A 274 -16.15 27.56 -19.33
C ILE A 274 -16.50 26.52 -18.27
N ASP A 275 -17.08 25.38 -18.70
CA ASP A 275 -17.58 24.36 -17.76
C ASP A 275 -16.56 23.25 -17.42
N LEU A 276 -15.47 23.15 -18.19
CA LEU A 276 -14.39 22.18 -17.98
C LEU A 276 -13.25 22.54 -18.92
N PHE A 277 -12.03 22.51 -18.40
CA PHE A 277 -10.84 22.70 -19.20
C PHE A 277 -10.11 21.42 -19.30
N SER A 278 -9.94 20.93 -20.53
CA SER A 278 -9.11 19.76 -20.79
C SER A 278 -7.79 20.33 -21.27
N ILE A 279 -6.71 20.02 -20.56
CA ILE A 279 -5.38 20.59 -20.78
C ILE A 279 -4.44 19.57 -21.41
N THR A 280 -3.77 20.02 -22.48
CA THR A 280 -3.05 19.10 -23.33
C THR A 280 -1.57 19.44 -23.49
N VAL A 281 -0.81 18.48 -24.07
CA VAL A 281 0.63 18.57 -24.27
C VAL A 281 1.00 18.36 -25.72
N GLY A 282 1.76 19.31 -26.27
CA GLY A 282 2.30 19.19 -27.62
C GLY A 282 1.37 19.37 -28.80
N TRP A 283 2.02 19.42 -29.96
CA TRP A 283 1.45 19.51 -31.30
C TRP A 283 1.89 18.28 -32.06
N HIS A 284 1.23 17.98 -33.19
CA HIS A 284 1.66 16.81 -33.98
C HIS A 284 3.00 17.04 -34.64
N GLU A 285 3.42 18.29 -34.73
CA GLU A 285 4.69 18.72 -35.28
C GLU A 285 5.76 18.85 -34.18
N SER A 286 5.41 18.57 -32.91
CA SER A 286 6.39 18.67 -31.81
C SER A 286 7.41 17.53 -31.90
N PRO A 287 8.74 17.80 -31.90
CA PRO A 287 9.72 16.69 -31.90
C PRO A 287 9.78 15.91 -30.57
N GLY A 288 9.76 16.60 -29.43
CA GLY A 288 9.86 16.01 -28.10
C GLY A 288 8.82 14.98 -27.69
N ALA A 289 9.08 14.31 -26.56
CA ALA A 289 8.20 13.27 -26.03
C ALA A 289 6.92 13.84 -25.37
N ALA A 290 5.74 13.32 -25.78
CA ALA A 290 4.48 13.76 -25.21
C ALA A 290 3.60 12.59 -24.72
N ILE A 291 3.32 11.61 -25.63
CA ILE A 291 2.42 10.48 -25.41
C ILE A 291 3.09 9.09 -25.37
N THR A 292 4.40 9.04 -25.58
CA THR A 292 5.14 7.78 -25.62
C THR A 292 5.40 7.16 -24.23
N ALA A 293 5.94 5.92 -24.20
CA ALA A 293 6.31 5.23 -22.96
C ALA A 293 7.48 5.95 -22.21
N GLU A 294 8.17 6.91 -22.88
CA GLU A 294 9.21 7.78 -22.29
C GLU A 294 8.61 8.63 -21.15
N LYS A 295 7.32 9.01 -21.28
CA LYS A 295 6.56 9.78 -20.29
C LYS A 295 5.78 8.80 -19.44
N ARG A 296 5.91 8.94 -18.13
CA ARG A 296 5.29 8.08 -17.15
C ARG A 296 4.04 8.79 -16.58
N PRO A 297 3.06 8.06 -15.97
CA PRO A 297 1.90 8.77 -15.35
C PRO A 297 2.34 9.85 -14.34
N GLY A 298 1.76 11.04 -14.45
CA GLY A 298 2.05 12.17 -13.56
C GLY A 298 3.17 13.10 -14.01
N ASP A 299 3.87 12.74 -15.12
CA ASP A 299 4.98 13.54 -15.70
C ASP A 299 4.59 14.92 -16.21
N TRP A 300 3.28 15.15 -16.40
CA TRP A 300 2.76 16.41 -16.92
C TRP A 300 1.87 17.17 -15.94
N LEU A 301 1.52 16.54 -14.80
CA LEU A 301 0.62 17.11 -13.80
C LEU A 301 1.05 18.44 -13.21
N HIS A 302 2.33 18.83 -13.31
CA HIS A 302 2.84 20.14 -12.79
C HIS A 302 2.15 21.28 -13.56
N LEU A 303 1.75 21.02 -14.81
CA LEU A 303 1.03 21.97 -15.65
C LEU A 303 -0.38 22.24 -15.11
N ALA A 304 -1.07 21.18 -14.65
CA ALA A 304 -2.38 21.32 -13.99
C ALA A 304 -2.26 22.17 -12.71
N ASP A 305 -1.12 22.02 -11.99
CA ASP A 305 -0.82 22.79 -10.77
C ASP A 305 -0.73 24.28 -11.06
N ASN A 306 -0.08 24.64 -12.16
CA ASN A 306 0.11 26.02 -12.56
C ASN A 306 -1.21 26.69 -12.93
N TRP A 307 -2.11 25.96 -13.59
CA TRP A 307 -3.44 26.47 -13.95
C TRP A 307 -4.25 26.74 -12.68
N LYS A 308 -4.19 25.83 -11.69
CA LYS A 308 -4.88 25.95 -10.41
C LYS A 308 -4.38 27.17 -9.59
N LYS A 309 -3.04 27.34 -9.48
CA LYS A 309 -2.48 28.45 -8.73
C LYS A 309 -2.64 29.78 -9.51
N ALA A 310 -2.91 29.70 -10.82
CA ALA A 310 -3.19 30.90 -11.65
C ALA A 310 -4.61 31.43 -11.40
N GLY A 311 -5.47 30.61 -10.81
CA GLY A 311 -6.81 31.02 -10.45
C GLY A 311 -7.92 30.62 -11.39
N ILE A 312 -7.66 29.63 -12.27
CA ILE A 312 -8.66 29.11 -13.23
C ILE A 312 -9.83 28.57 -12.40
N LYS A 313 -11.05 29.11 -12.63
CA LYS A 313 -12.27 28.76 -11.89
C LYS A 313 -12.84 27.40 -12.32
N ALA A 314 -12.90 27.15 -13.64
CA ALA A 314 -13.43 25.93 -14.20
C ALA A 314 -12.67 24.68 -13.73
N PRO A 315 -13.39 23.53 -13.52
CA PRO A 315 -12.67 22.29 -13.18
C PRO A 315 -11.76 21.90 -14.33
N ILE A 316 -10.65 21.23 -14.01
CA ILE A 316 -9.62 20.80 -14.97
C ILE A 316 -9.60 19.30 -15.11
N CYS A 317 -9.30 18.83 -16.30
CA CYS A 317 -9.06 17.42 -16.57
C CYS A 317 -7.80 17.24 -17.41
N MET A 318 -7.09 16.14 -17.18
CA MET A 318 -5.85 15.93 -17.90
C MET A 318 -5.65 14.47 -18.21
N ALA A 319 -5.20 14.19 -19.46
CA ALA A 319 -4.89 12.85 -19.98
C ALA A 319 -3.35 12.80 -20.09
N TYR A 320 -2.79 12.34 -21.24
CA TYR A 320 -1.36 12.36 -21.58
C TYR A 320 -0.52 11.47 -20.66
N ARG A 321 -0.59 10.15 -20.98
CA ARG A 321 0.12 9.04 -20.33
C ARG A 321 -0.36 8.80 -18.90
N MET A 322 -1.64 9.11 -18.64
CA MET A 322 -2.26 8.88 -17.35
C MET A 322 -3.04 7.56 -17.49
N ASN A 323 -2.29 6.44 -17.46
CA ASN A 323 -2.84 5.08 -17.64
C ASN A 323 -2.96 4.29 -16.34
N GLN A 324 -2.72 4.94 -15.19
CA GLN A 324 -2.74 4.29 -13.87
C GLN A 324 -3.82 4.86 -12.95
N PRO A 325 -4.77 4.01 -12.47
CA PRO A 325 -5.77 4.52 -11.51
C PRO A 325 -5.18 5.09 -10.24
N ASP A 326 -4.09 4.49 -9.72
CA ASP A 326 -3.42 4.94 -8.48
C ASP A 326 -2.86 6.35 -8.59
N VAL A 327 -2.27 6.69 -9.74
CA VAL A 327 -1.69 8.02 -9.98
C VAL A 327 -2.81 9.08 -10.13
N ALA A 328 -3.85 8.73 -10.86
CA ALA A 328 -4.99 9.63 -11.07
C ALA A 328 -5.76 9.87 -9.77
N GLU A 329 -5.93 8.79 -8.95
CA GLU A 329 -6.64 8.83 -7.68
C GLU A 329 -6.01 9.89 -6.76
N LYS A 330 -4.67 9.84 -6.64
CA LYS A 330 -3.86 10.74 -5.85
C LYS A 330 -3.97 12.16 -6.38
N ALA A 331 -3.87 12.32 -7.71
CA ALA A 331 -3.95 13.62 -8.39
C ALA A 331 -5.29 14.32 -8.11
N VAL A 332 -6.38 13.55 -8.18
CA VAL A 332 -7.73 14.03 -7.91
C VAL A 332 -7.91 14.30 -6.39
N ALA A 333 -7.39 13.41 -5.51
CA ALA A 333 -7.47 13.58 -4.06
C ALA A 333 -6.73 14.84 -3.57
N GLU A 334 -5.57 15.16 -4.18
CA GLU A 334 -4.74 16.32 -3.86
C GLU A 334 -5.22 17.63 -4.56
N GLY A 335 -6.31 17.53 -5.31
CA GLY A 335 -6.90 18.66 -6.02
C GLY A 335 -6.15 19.19 -7.21
N ARG A 336 -5.15 18.44 -7.73
CA ARG A 336 -4.34 18.85 -8.89
C ARG A 336 -5.21 18.87 -10.17
N ILE A 337 -6.05 17.86 -10.33
CA ILE A 337 -7.03 17.72 -11.41
C ILE A 337 -8.37 17.39 -10.77
N ASP A 338 -9.47 17.75 -11.46
CA ASP A 338 -10.79 17.40 -10.95
C ASP A 338 -11.29 16.14 -11.62
N ILE A 339 -10.82 15.90 -12.84
CA ILE A 339 -11.22 14.74 -13.64
C ILE A 339 -10.00 14.08 -14.26
N TRP A 340 -9.97 12.74 -14.19
CA TRP A 340 -8.99 11.92 -14.87
C TRP A 340 -9.51 11.70 -16.31
N GLU A 341 -8.85 12.36 -17.27
CA GLU A 341 -9.21 12.26 -18.69
C GLU A 341 -8.31 11.21 -19.34
N MET A 342 -8.85 10.44 -20.30
CA MET A 342 -8.01 9.44 -20.98
C MET A 342 -8.53 9.11 -22.36
N CYS A 343 -7.60 8.78 -23.27
CA CYS A 343 -7.94 8.30 -24.60
C CYS A 343 -7.49 6.84 -24.73
N ARG A 344 -6.18 6.58 -24.87
CA ARG A 344 -5.64 5.24 -25.10
C ARG A 344 -6.00 4.25 -23.99
N PRO A 345 -5.98 4.61 -22.67
CA PRO A 345 -6.48 3.66 -21.68
C PRO A 345 -7.93 3.23 -21.91
N GLY A 346 -8.74 4.08 -22.53
CA GLY A 346 -10.15 3.83 -22.85
C GLY A 346 -10.33 3.06 -24.15
N ILE A 347 -9.31 3.08 -25.03
CA ILE A 347 -9.26 2.29 -26.26
C ILE A 347 -8.96 0.83 -25.83
N ALA A 348 -7.86 0.67 -25.07
CA ALA A 348 -7.34 -0.56 -24.50
C ALA A 348 -8.37 -1.24 -23.60
N ASP A 349 -9.01 -0.45 -22.70
CA ASP A 349 -10.00 -1.01 -21.80
C ASP A 349 -11.21 -0.09 -21.63
N PRO A 350 -12.28 -0.35 -22.40
CA PRO A 350 -13.49 0.50 -22.28
C PRO A 350 -14.20 0.34 -20.94
N TYR A 351 -13.94 -0.77 -20.23
CA TYR A 351 -14.52 -1.06 -18.92
C TYR A 351 -13.61 -0.65 -17.75
N LEU A 352 -12.52 0.12 -18.03
CA LEU A 352 -11.61 0.63 -16.99
C LEU A 352 -12.40 1.32 -15.84
N PRO A 353 -13.38 2.25 -16.07
CA PRO A 353 -14.07 2.90 -14.93
C PRO A 353 -14.89 1.92 -14.12
N LYS A 354 -15.55 0.95 -14.79
CA LYS A 354 -16.33 -0.11 -14.12
C LYS A 354 -15.39 -0.93 -13.22
N LYS A 355 -14.15 -1.19 -13.68
CA LYS A 355 -13.15 -1.96 -12.90
C LYS A 355 -12.62 -1.16 -11.73
N VAL A 356 -12.37 0.14 -11.93
CA VAL A 356 -11.88 1.06 -10.90
C VAL A 356 -12.92 1.15 -9.77
N CYS A 357 -14.18 1.38 -10.13
CA CYS A 357 -15.25 1.58 -9.17
C CYS A 357 -15.75 0.27 -8.54
N GLU A 358 -15.48 -0.89 -9.15
CA GLU A 358 -15.85 -2.16 -8.51
C GLU A 358 -14.66 -2.68 -7.70
N GLY A 359 -13.57 -1.91 -7.64
CA GLY A 359 -12.37 -2.25 -6.88
C GLY A 359 -11.63 -3.46 -7.41
N ARG A 360 -11.54 -3.59 -8.76
CA ARG A 360 -10.77 -4.69 -9.37
C ARG A 360 -9.77 -4.15 -10.41
N PRO A 361 -8.76 -3.31 -9.98
CA PRO A 361 -7.80 -2.76 -10.97
C PRO A 361 -6.90 -3.82 -11.62
N GLU A 362 -6.83 -5.02 -11.02
CA GLU A 362 -6.05 -6.14 -11.55
C GLU A 362 -6.68 -6.71 -12.86
N ASP A 363 -7.97 -6.39 -13.09
CA ASP A 363 -8.70 -6.79 -14.30
C ASP A 363 -8.53 -5.76 -15.43
N ILE A 364 -7.80 -4.64 -15.18
CA ILE A 364 -7.62 -3.60 -16.20
C ILE A 364 -6.66 -4.02 -17.29
N VAL A 365 -7.11 -3.89 -18.55
CA VAL A 365 -6.32 -4.13 -19.75
C VAL A 365 -5.61 -2.81 -19.98
N THR A 366 -4.37 -2.73 -19.50
CA THR A 366 -3.59 -1.50 -19.53
C THR A 366 -3.02 -1.21 -20.91
N CYS A 367 -3.10 0.05 -21.29
CA CYS A 367 -2.52 0.53 -22.53
C CYS A 367 -0.99 0.63 -22.28
N THR A 368 -0.21 0.03 -23.18
CA THR A 368 1.26 -0.01 -23.07
C THR A 368 1.92 1.11 -23.90
N ALA A 369 1.09 2.05 -24.44
CA ALA A 369 1.52 3.15 -25.31
C ALA A 369 2.33 2.62 -26.53
N CYS A 370 1.88 1.48 -27.13
CA CYS A 370 2.55 0.90 -28.31
C CYS A 370 2.35 1.82 -29.55
N ASN A 371 1.22 2.56 -29.56
CA ASN A 371 0.83 3.54 -30.57
C ASN A 371 0.54 2.93 -31.93
N GLN A 372 0.37 1.57 -32.01
CA GLN A 372 0.12 0.85 -33.27
C GLN A 372 -1.32 1.06 -33.79
N GLY A 373 -2.25 0.30 -33.25
CA GLY A 373 -3.64 0.39 -33.66
C GLY A 373 -4.28 1.76 -33.51
N CYS A 374 -3.86 2.54 -32.50
CA CYS A 374 -4.49 3.83 -32.27
C CYS A 374 -3.90 4.91 -33.18
N PHE A 375 -2.89 5.65 -32.71
CA PHE A 375 -2.21 6.74 -33.45
C PHE A 375 -1.77 6.41 -34.87
N TYR A 376 -0.93 5.37 -35.02
CA TYR A 376 -0.35 5.01 -36.30
C TYR A 376 -1.39 4.64 -37.35
N TYR A 377 -2.34 3.71 -37.02
CA TYR A 377 -3.39 3.30 -37.99
C TYR A 377 -4.24 4.51 -38.41
N VAL A 378 -4.62 5.38 -37.45
CA VAL A 378 -5.43 6.56 -37.76
C VAL A 378 -4.67 7.56 -38.64
N PHE A 379 -3.39 7.79 -38.37
CA PHE A 379 -2.59 8.74 -39.17
C PHE A 379 -2.28 8.23 -40.59
N ILE A 380 -2.28 6.90 -40.83
CA ILE A 380 -2.03 6.34 -42.19
C ILE A 380 -3.35 6.13 -42.93
N ASP A 381 -4.43 6.69 -42.35
CA ASP A 381 -5.80 6.64 -42.85
C ASP A 381 -6.33 5.20 -42.95
N ALA A 382 -6.00 4.40 -41.92
CA ALA A 382 -6.50 3.03 -41.75
C ALA A 382 -7.51 3.06 -40.59
N ILE A 383 -8.38 2.03 -40.54
CA ILE A 383 -9.34 1.83 -39.48
C ILE A 383 -8.59 1.64 -38.15
N MET A 384 -8.98 2.39 -37.12
CA MET A 384 -8.30 2.25 -35.82
C MET A 384 -8.47 0.80 -35.27
N GLY A 385 -7.41 0.31 -34.63
CA GLY A 385 -7.39 -0.97 -33.92
C GLY A 385 -6.71 -0.78 -32.60
N CYS A 386 -6.41 -1.87 -31.88
CA CYS A 386 -5.66 -1.79 -30.61
C CYS A 386 -4.94 -3.12 -30.41
N MET A 387 -3.67 -3.04 -30.07
CA MET A 387 -2.82 -4.20 -29.83
C MET A 387 -3.35 -5.16 -28.76
N VAL A 388 -3.71 -4.60 -27.60
CA VAL A 388 -4.16 -5.35 -26.44
C VAL A 388 -5.69 -5.59 -26.44
N ASN A 389 -6.42 -4.84 -27.29
CA ASN A 389 -7.86 -4.97 -27.38
C ASN A 389 -8.33 -5.24 -28.83
N PRO A 390 -8.50 -6.56 -29.15
CA PRO A 390 -9.00 -6.94 -30.47
C PRO A 390 -10.46 -6.55 -30.78
N ARG A 391 -11.21 -6.08 -29.78
CA ARG A 391 -12.59 -5.64 -29.98
C ARG A 391 -12.69 -4.25 -30.63
N VAL A 392 -11.63 -3.41 -30.53
CA VAL A 392 -11.62 -2.04 -31.09
C VAL A 392 -11.91 -2.03 -32.60
N GLY A 393 -13.02 -1.39 -32.97
CA GLY A 393 -13.52 -1.29 -34.33
C GLY A 393 -14.38 -2.46 -34.74
N ASN A 394 -14.58 -3.40 -33.80
CA ASN A 394 -15.30 -4.64 -34.02
C ASN A 394 -16.48 -4.87 -33.07
N GLU A 395 -16.76 -3.92 -32.16
CA GLU A 395 -17.88 -3.99 -31.18
C GLU A 395 -19.22 -4.19 -31.90
N TRP A 396 -19.35 -3.59 -33.11
CA TRP A 396 -20.50 -3.60 -34.04
C TRP A 396 -20.58 -4.91 -34.84
N ASP A 397 -19.51 -5.72 -34.87
CA ASP A 397 -19.37 -6.96 -35.64
C ASP A 397 -19.87 -8.21 -34.93
N PRO A 398 -20.91 -8.92 -35.47
CA PRO A 398 -21.36 -10.19 -34.84
C PRO A 398 -20.25 -11.23 -34.70
N ALA A 399 -19.24 -11.23 -35.60
CA ALA A 399 -18.13 -12.20 -35.53
C ALA A 399 -17.21 -12.03 -34.31
N TYR A 400 -17.34 -10.91 -33.56
CA TYR A 400 -16.54 -10.60 -32.38
C TYR A 400 -17.36 -10.67 -31.10
N ALA A 401 -18.67 -10.91 -31.23
CA ALA A 401 -19.55 -11.02 -30.07
C ALA A 401 -19.08 -12.22 -29.21
N ILE A 402 -19.14 -12.07 -27.88
CA ILE A 402 -18.72 -13.12 -26.94
C ILE A 402 -19.98 -13.76 -26.47
N ASN A 403 -20.21 -14.99 -26.94
CA ASN A 403 -21.43 -15.73 -26.65
C ASN A 403 -21.14 -17.00 -25.88
N PRO A 404 -21.98 -17.33 -24.87
CA PRO A 404 -21.77 -18.58 -24.12
C PRO A 404 -21.84 -19.79 -25.03
N ALA A 405 -20.94 -20.75 -24.81
CA ALA A 405 -20.94 -22.01 -25.55
C ALA A 405 -21.96 -22.90 -24.83
N ALA A 406 -22.94 -23.44 -25.57
CA ALA A 406 -23.98 -24.31 -25.00
C ALA A 406 -23.38 -25.66 -24.59
N LYS A 407 -22.53 -26.24 -25.47
CA LYS A 407 -21.85 -27.51 -25.22
C LYS A 407 -20.41 -27.19 -24.85
N LYS A 408 -20.05 -27.44 -23.58
CA LYS A 408 -18.70 -27.17 -23.08
C LYS A 408 -17.74 -28.19 -23.67
N LYS A 409 -16.63 -27.71 -24.21
CA LYS A 409 -15.60 -28.56 -24.77
C LYS A 409 -14.32 -28.51 -23.92
N LYS A 410 -13.52 -29.57 -24.00
CA LYS A 410 -12.23 -29.68 -23.34
C LYS A 410 -11.25 -29.05 -24.31
N VAL A 411 -10.71 -27.88 -23.90
CA VAL A 411 -9.77 -27.09 -24.69
C VAL A 411 -8.37 -27.14 -24.09
N LEU A 412 -7.41 -27.61 -24.88
CA LEU A 412 -6.01 -27.64 -24.50
C LEU A 412 -5.25 -26.60 -25.29
N VAL A 413 -4.67 -25.64 -24.59
CA VAL A 413 -3.88 -24.60 -25.20
C VAL A 413 -2.41 -24.87 -24.87
N VAL A 414 -1.59 -24.99 -25.91
CA VAL A 414 -0.16 -25.20 -25.75
C VAL A 414 0.53 -23.87 -25.92
N GLY A 415 1.13 -23.39 -24.84
CA GLY A 415 1.86 -22.12 -24.85
C GLY A 415 1.15 -21.00 -24.14
N ALA A 416 1.79 -20.46 -23.09
CA ALA A 416 1.28 -19.36 -22.28
C ALA A 416 1.84 -18.00 -22.72
N GLY A 417 1.97 -17.82 -24.01
CA GLY A 417 2.35 -16.54 -24.58
C GLY A 417 1.06 -15.74 -24.75
N PRO A 418 1.14 -14.52 -25.30
CA PRO A 418 -0.08 -13.68 -25.45
C PRO A 418 -1.22 -14.29 -26.29
N SER A 419 -0.89 -14.98 -27.41
CA SER A 419 -1.94 -15.57 -28.27
C SER A 419 -2.65 -16.73 -27.52
N GLY A 420 -1.87 -17.60 -26.85
CA GLY A 420 -2.38 -18.72 -26.06
C GLY A 420 -3.27 -18.30 -24.91
N MET A 421 -2.80 -17.30 -24.15
CA MET A 421 -3.53 -16.75 -23.01
C MET A 421 -4.80 -16.01 -23.40
N GLU A 422 -4.79 -15.25 -24.50
CA GLU A 422 -6.00 -14.54 -24.95
C GLU A 422 -7.00 -15.56 -25.45
N CYS A 423 -6.53 -16.60 -26.14
CA CYS A 423 -7.42 -17.68 -26.59
C CYS A 423 -8.05 -18.41 -25.41
N ALA A 424 -7.22 -18.82 -24.44
CA ALA A 424 -7.65 -19.53 -23.24
C ALA A 424 -8.62 -18.68 -22.43
N ARG A 425 -8.33 -17.37 -22.30
CA ARG A 425 -9.16 -16.43 -21.56
C ARG A 425 -10.56 -16.40 -22.15
N LEU A 426 -10.66 -16.16 -23.47
CA LEU A 426 -11.96 -16.09 -24.14
C LEU A 426 -12.72 -17.41 -24.15
N ALA A 427 -12.02 -18.54 -24.37
CA ALA A 427 -12.65 -19.85 -24.36
C ALA A 427 -13.21 -20.14 -22.95
N ALA A 428 -12.49 -19.72 -21.87
CA ALA A 428 -12.95 -19.93 -20.49
C ALA A 428 -14.14 -19.01 -20.16
N VAL A 429 -14.06 -17.73 -20.60
CA VAL A 429 -15.12 -16.73 -20.44
C VAL A 429 -16.43 -17.33 -21.02
N ARG A 430 -16.34 -17.91 -22.22
CA ARG A 430 -17.46 -18.54 -22.92
C ARG A 430 -17.90 -19.87 -22.32
N GLY A 431 -17.22 -20.32 -21.27
CA GLY A 431 -17.61 -21.51 -20.52
C GLY A 431 -16.91 -22.81 -20.81
N HIS A 432 -15.86 -22.81 -21.65
CA HIS A 432 -15.15 -24.05 -21.95
C HIS A 432 -14.24 -24.49 -20.78
N ASP A 433 -13.90 -25.79 -20.77
CA ASP A 433 -13.00 -26.38 -19.79
C ASP A 433 -11.61 -26.25 -20.39
N VAL A 434 -10.87 -25.26 -19.93
CA VAL A 434 -9.58 -24.88 -20.50
C VAL A 434 -8.36 -25.23 -19.63
N THR A 435 -7.30 -25.74 -20.31
CA THR A 435 -5.99 -26.09 -19.76
C THR A 435 -4.93 -25.40 -20.63
N ILE A 436 -3.91 -24.84 -19.99
CA ILE A 436 -2.77 -24.25 -20.68
C ILE A 436 -1.56 -25.08 -20.25
N MET A 437 -0.77 -25.54 -21.22
CA MET A 437 0.49 -26.23 -20.94
C MET A 437 1.57 -25.26 -21.33
N GLU A 438 2.48 -24.99 -20.41
CA GLU A 438 3.56 -24.03 -20.62
C GLU A 438 4.89 -24.67 -20.23
N LYS A 439 5.88 -24.74 -21.15
CA LYS A 439 7.17 -25.40 -20.89
C LYS A 439 8.08 -24.68 -19.89
N SER A 440 7.95 -23.35 -19.79
CA SER A 440 8.75 -22.58 -18.82
C SER A 440 8.06 -22.51 -17.44
N ASP A 441 8.74 -21.89 -16.47
CA ASP A 441 8.27 -21.72 -15.09
C ASP A 441 7.26 -20.55 -14.89
N SER A 442 6.96 -19.80 -15.97
CA SER A 442 6.05 -18.65 -15.87
C SER A 442 5.38 -18.32 -17.20
N ILE A 443 4.23 -17.61 -17.12
CA ILE A 443 3.44 -17.14 -18.26
C ILE A 443 4.10 -15.94 -18.96
N GLY A 444 3.60 -15.60 -20.14
CA GLY A 444 4.04 -14.42 -20.85
C GLY A 444 4.71 -14.65 -22.19
N GLY A 445 5.52 -15.72 -22.27
CA GLY A 445 6.26 -16.06 -23.49
C GLY A 445 7.27 -14.98 -23.82
N GLU A 446 7.20 -14.46 -25.04
CA GLU A 446 8.09 -13.39 -25.45
C GLU A 446 7.78 -12.04 -24.73
N VAL A 447 6.54 -11.84 -24.23
CA VAL A 447 6.14 -10.63 -23.47
C VAL A 447 6.91 -10.57 -22.14
N LYS A 448 7.12 -11.74 -21.53
CA LYS A 448 7.90 -11.95 -20.30
C LYS A 448 9.40 -11.62 -20.54
N LEU A 449 9.89 -11.73 -21.80
CA LEU A 449 11.26 -11.40 -22.16
C LEU A 449 11.38 -9.89 -22.46
N GLY A 450 10.43 -9.37 -23.25
CA GLY A 450 10.37 -7.97 -23.64
C GLY A 450 10.21 -7.00 -22.49
N VAL A 451 9.52 -7.42 -21.40
CA VAL A 451 9.31 -6.59 -20.20
C VAL A 451 10.65 -6.10 -19.57
N LYS A 452 11.76 -6.81 -19.84
CA LYS A 452 13.08 -6.44 -19.35
C LYS A 452 13.64 -5.18 -20.06
N SER A 453 13.14 -4.88 -21.28
CA SER A 453 13.57 -3.71 -22.08
C SER A 453 13.09 -2.41 -21.47
N PRO A 454 13.96 -1.37 -21.45
CA PRO A 454 13.60 -0.09 -20.81
C PRO A 454 12.26 0.53 -21.22
N LEU A 455 11.88 0.48 -22.49
CA LEU A 455 10.63 1.14 -22.89
C LEU A 455 9.41 0.23 -22.84
N LEU A 456 9.60 -1.05 -22.50
CA LEU A 456 8.53 -2.03 -22.43
C LEU A 456 8.12 -2.36 -20.98
N TYR A 457 8.26 -1.37 -20.06
CA TYR A 457 7.90 -1.56 -18.64
C TYR A 457 6.41 -1.80 -18.46
N ASP A 458 5.54 -1.22 -19.32
CA ASP A 458 4.09 -1.44 -19.17
C ASP A 458 3.67 -2.84 -19.61
N TRP A 459 4.60 -3.67 -20.18
CA TRP A 459 4.35 -5.08 -20.56
C TRP A 459 4.17 -5.93 -19.30
N ALA A 460 4.64 -5.44 -18.12
CA ALA A 460 4.42 -6.13 -16.84
C ALA A 460 2.92 -6.08 -16.48
N GLU A 461 2.21 -5.02 -16.94
CA GLU A 461 0.77 -4.86 -16.70
C GLU A 461 0.00 -5.87 -17.52
N THR A 462 0.52 -6.21 -18.73
CA THR A 462 -0.07 -7.24 -19.60
C THR A 462 0.09 -8.62 -18.92
N ILE A 463 1.26 -8.88 -18.30
CA ILE A 463 1.53 -10.15 -17.57
C ILE A 463 0.59 -10.22 -16.36
N ARG A 464 0.53 -9.13 -15.58
CA ARG A 464 -0.29 -9.03 -14.37
C ARG A 464 -1.75 -9.28 -14.75
N TYR A 465 -2.22 -8.68 -15.86
CA TYR A 465 -3.59 -8.88 -16.30
C TYR A 465 -3.91 -10.36 -16.61
N TYR A 466 -3.08 -11.00 -17.46
CA TYR A 466 -3.31 -12.40 -17.84
C TYR A 466 -3.14 -13.38 -16.69
N LYS A 467 -2.21 -13.09 -15.75
CA LYS A 467 -2.00 -13.92 -14.55
C LYS A 467 -3.27 -13.90 -13.69
N ALA A 468 -3.86 -12.71 -13.49
CA ALA A 468 -5.09 -12.55 -12.70
C ALA A 468 -6.29 -13.16 -13.39
N GLN A 469 -6.37 -13.09 -14.75
CA GLN A 469 -7.49 -13.69 -15.51
C GLN A 469 -7.49 -15.23 -15.43
N ILE A 470 -6.30 -15.85 -15.60
CA ILE A 470 -6.15 -17.30 -15.53
C ILE A 470 -6.69 -17.83 -14.17
N ASP A 471 -6.28 -17.14 -13.08
CA ASP A 471 -6.65 -17.40 -11.68
C ASP A 471 -8.17 -17.34 -11.52
N LYS A 472 -8.77 -16.16 -11.80
CA LYS A 472 -10.19 -15.92 -11.70
C LYS A 472 -11.07 -16.87 -12.53
N LEU A 473 -10.69 -17.15 -13.79
CA LEU A 473 -11.47 -18.00 -14.71
C LEU A 473 -11.37 -19.51 -14.46
N GLY A 474 -10.51 -19.92 -13.52
CA GLY A 474 -10.29 -21.32 -13.19
C GLY A 474 -9.58 -22.08 -14.31
N ILE A 475 -8.74 -21.39 -15.09
CA ILE A 475 -7.97 -22.04 -16.15
C ILE A 475 -6.90 -22.94 -15.50
N LYS A 476 -6.88 -24.22 -15.88
CA LYS A 476 -5.90 -25.16 -15.38
C LYS A 476 -4.58 -24.82 -16.07
N LEU A 477 -3.70 -24.14 -15.34
CA LEU A 477 -2.39 -23.76 -15.85
C LEU A 477 -1.37 -24.78 -15.41
N LYS A 478 -0.72 -25.40 -16.39
CA LYS A 478 0.32 -26.38 -16.13
C LYS A 478 1.66 -25.83 -16.56
N LEU A 479 2.36 -25.19 -15.62
CA LEU A 479 3.70 -24.64 -15.81
C LEU A 479 4.75 -25.74 -15.80
N ASN A 480 5.94 -25.49 -16.37
CA ASN A 480 7.06 -26.46 -16.49
C ASN A 480 6.62 -27.75 -17.20
N THR A 481 5.65 -27.61 -18.10
CA THR A 481 5.03 -28.73 -18.81
C THR A 481 5.19 -28.55 -20.31
N GLU A 482 6.14 -29.27 -20.89
CA GLU A 482 6.35 -29.22 -22.31
C GLU A 482 5.33 -30.16 -22.92
N ALA A 483 4.47 -29.63 -23.78
CA ALA A 483 3.47 -30.45 -24.43
C ALA A 483 4.14 -31.26 -25.54
N THR A 484 3.80 -32.55 -25.61
CA THR A 484 4.31 -33.51 -26.59
C THR A 484 3.11 -34.24 -27.17
N ALA A 485 3.35 -35.06 -28.21
CA ALA A 485 2.29 -35.86 -28.81
C ALA A 485 1.62 -36.75 -27.74
N ASP A 486 2.44 -37.35 -26.85
CA ASP A 486 1.96 -38.21 -25.75
C ASP A 486 1.15 -37.49 -24.68
N SER A 487 1.64 -36.29 -24.22
CA SER A 487 0.93 -35.54 -23.17
C SER A 487 -0.39 -34.95 -23.67
N ILE A 488 -0.46 -34.63 -24.99
CA ILE A 488 -1.68 -34.14 -25.64
C ILE A 488 -2.67 -35.33 -25.68
N LYS A 489 -2.19 -36.51 -26.13
CA LYS A 489 -3.01 -37.73 -26.19
C LYS A 489 -3.57 -38.12 -24.83
N ALA A 490 -2.74 -38.03 -23.77
CA ALA A 490 -3.13 -38.32 -22.38
C ALA A 490 -4.25 -37.37 -21.96
N GLU A 491 -4.11 -36.06 -22.31
CA GLU A 491 -5.09 -35.02 -22.02
C GLU A 491 -6.38 -35.25 -22.79
N ALA A 492 -6.28 -35.85 -24.01
CA ALA A 492 -7.40 -36.16 -24.92
C ALA A 492 -8.41 -34.98 -25.06
N PRO A 493 -7.96 -33.76 -25.43
CA PRO A 493 -8.93 -32.65 -25.55
C PRO A 493 -9.79 -32.73 -26.81
N ASP A 494 -10.88 -31.99 -26.80
CA ASP A 494 -11.77 -31.86 -27.95
C ASP A 494 -11.14 -30.92 -28.96
N VAL A 495 -10.45 -29.88 -28.45
CA VAL A 495 -9.81 -28.84 -29.25
C VAL A 495 -8.38 -28.60 -28.76
N LEU A 496 -7.40 -28.79 -29.66
CA LEU A 496 -6.01 -28.53 -29.39
C LEU A 496 -5.68 -27.20 -30.08
N VAL A 497 -5.18 -26.26 -29.27
CA VAL A 497 -4.78 -24.95 -29.74
C VAL A 497 -3.24 -24.86 -29.53
N ILE A 498 -2.48 -24.90 -30.61
CA ILE A 498 -1.00 -24.78 -30.57
C ILE A 498 -0.66 -23.27 -30.71
N ALA A 499 0.02 -22.71 -29.69
CA ALA A 499 0.41 -21.31 -29.63
C ALA A 499 1.84 -21.20 -29.06
N THR A 500 2.75 -21.99 -29.64
CA THR A 500 4.15 -22.18 -29.21
C THR A 500 5.13 -21.06 -29.63
N GLY A 501 4.63 -20.04 -30.30
CA GLY A 501 5.38 -18.85 -30.67
C GLY A 501 6.50 -18.94 -31.67
N GLY A 502 7.44 -18.03 -31.51
CA GLY A 502 8.58 -17.92 -32.41
C GLY A 502 9.89 -18.23 -31.72
N LYS A 503 10.91 -18.45 -32.52
CA LYS A 503 12.28 -18.72 -32.03
C LYS A 503 13.30 -17.94 -32.88
N PRO A 504 14.45 -17.47 -32.32
CA PRO A 504 15.42 -16.74 -33.16
C PRO A 504 15.84 -17.55 -34.40
N SER A 505 15.92 -16.86 -35.53
CA SER A 505 16.32 -17.46 -36.80
C SER A 505 17.83 -17.78 -36.77
N ARG A 506 18.27 -18.62 -37.70
CA ARG A 506 19.69 -18.94 -37.84
C ARG A 506 20.07 -18.65 -39.29
N PRO A 507 20.38 -17.37 -39.64
CA PRO A 507 20.75 -17.05 -41.03
C PRO A 507 22.06 -17.72 -41.40
N LYS A 508 22.28 -17.91 -42.70
CA LYS A 508 23.47 -18.56 -43.25
C LYS A 508 24.63 -17.56 -43.22
N ILE A 509 25.25 -17.38 -42.04
CA ILE A 509 26.40 -16.48 -41.86
C ILE A 509 27.63 -17.33 -41.58
N GLU A 510 28.78 -16.95 -42.17
CA GLU A 510 30.05 -17.64 -41.97
C GLU A 510 30.52 -17.42 -40.53
N GLY A 511 30.73 -18.53 -39.82
CA GLY A 511 31.13 -18.50 -38.42
C GLY A 511 29.98 -18.28 -37.46
N ILE A 512 28.74 -18.69 -37.85
CA ILE A 512 27.56 -18.60 -36.97
C ILE A 512 27.66 -19.65 -35.85
N ASP A 513 28.45 -20.72 -36.08
CA ASP A 513 28.67 -21.79 -35.11
C ASP A 513 29.69 -21.44 -34.03
N ASN A 514 30.19 -20.18 -34.05
CA ASN A 514 31.15 -19.70 -33.06
C ASN A 514 30.56 -19.69 -31.66
N LYS A 515 31.42 -19.79 -30.64
CA LYS A 515 31.07 -19.76 -29.22
C LYS A 515 30.59 -18.36 -28.80
N ILE A 516 31.13 -17.30 -29.47
CA ILE A 516 30.77 -15.88 -29.27
C ILE A 516 29.29 -15.55 -29.63
N VAL A 517 28.72 -16.35 -30.55
CA VAL A 517 27.35 -16.16 -31.05
C VAL A 517 26.31 -16.57 -30.01
N THR A 518 25.35 -15.67 -29.76
CA THR A 518 24.22 -15.90 -28.86
C THR A 518 22.95 -15.40 -29.59
N ASN A 519 21.82 -15.33 -28.87
CA ASN A 519 20.58 -14.86 -29.44
C ASN A 519 19.80 -14.07 -28.39
N VAL A 520 18.76 -13.37 -28.83
CA VAL A 520 17.94 -12.51 -27.97
C VAL A 520 17.29 -13.32 -26.79
N PHE A 521 16.94 -14.60 -27.05
CA PHE A 521 16.34 -15.48 -26.04
C PHE A 521 17.29 -15.77 -24.90
N ASP A 522 18.55 -16.22 -25.19
CA ASP A 522 19.55 -16.51 -24.16
C ASP A 522 19.96 -15.25 -23.35
N ILE A 523 19.93 -14.07 -23.97
CA ILE A 523 20.22 -12.81 -23.30
C ILE A 523 19.16 -12.58 -22.24
N LEU A 524 17.87 -12.58 -22.67
CA LEU A 524 16.75 -12.23 -21.83
C LEU A 524 16.38 -13.29 -20.82
N GLU A 525 16.73 -14.57 -21.06
CA GLU A 525 16.50 -15.67 -20.11
C GLU A 525 17.68 -15.77 -19.12
N GLY A 526 18.70 -14.92 -19.29
CA GLY A 526 19.92 -14.91 -18.48
C GLY A 526 20.76 -16.17 -18.61
N LYS A 527 20.74 -16.80 -19.81
CA LYS A 527 21.45 -18.04 -20.11
C LYS A 527 22.87 -17.81 -20.69
N VAL A 528 23.28 -16.54 -20.78
CA VAL A 528 24.59 -16.13 -21.31
C VAL A 528 25.20 -15.00 -20.47
N LYS A 529 26.51 -15.12 -20.20
CA LYS A 529 27.28 -14.09 -19.52
C LYS A 529 27.88 -13.21 -20.60
N LEU A 530 27.44 -11.96 -20.62
CA LEU A 530 27.89 -10.97 -21.58
C LEU A 530 29.09 -10.20 -21.06
N GLY A 531 29.97 -9.82 -21.98
CA GLY A 531 31.16 -9.03 -21.72
C GLY A 531 30.86 -7.55 -21.73
N ASP A 532 31.91 -6.74 -21.92
CA ASP A 532 31.83 -5.27 -21.95
C ASP A 532 31.37 -4.73 -23.32
N LYS A 533 31.72 -5.42 -24.42
CA LYS A 533 31.37 -5.04 -25.80
C LYS A 533 30.41 -6.08 -26.37
N VAL A 534 29.18 -5.67 -26.68
CA VAL A 534 28.18 -6.57 -27.24
C VAL A 534 27.72 -6.03 -28.61
N VAL A 535 27.80 -6.87 -29.64
CA VAL A 535 27.44 -6.48 -31.00
C VAL A 535 26.22 -7.26 -31.49
N PHE A 536 25.18 -6.52 -31.92
CA PHE A 536 23.92 -7.06 -32.43
C PHE A 536 23.87 -7.08 -33.95
N ILE A 537 23.65 -8.28 -34.54
CA ILE A 537 23.48 -8.35 -36.01
C ILE A 537 21.97 -8.36 -36.23
N GLY A 538 21.44 -7.28 -36.81
CA GLY A 538 20.02 -7.07 -37.01
C GLY A 538 19.53 -5.79 -36.36
N GLY A 539 18.76 -5.02 -37.10
CA GLY A 539 18.27 -3.71 -36.66
C GLY A 539 16.78 -3.59 -36.54
N ASN A 540 16.07 -4.75 -36.40
CA ASN A 540 14.62 -4.82 -36.20
C ASN A 540 14.29 -4.46 -34.74
N GLU A 541 12.99 -4.21 -34.48
CA GLU A 541 12.40 -3.85 -33.20
C GLU A 541 12.85 -4.74 -32.03
N ILE A 542 12.84 -6.06 -32.24
CA ILE A 542 13.24 -7.02 -31.22
C ILE A 542 14.75 -6.88 -30.91
N SER A 543 15.57 -6.81 -31.97
CA SER A 543 17.02 -6.65 -31.82
C SER A 543 17.35 -5.33 -31.06
N ILE A 544 16.65 -4.23 -31.39
CA ILE A 544 16.85 -2.92 -30.77
C ILE A 544 16.43 -2.91 -29.29
N GLN A 545 15.25 -3.46 -28.97
CA GLN A 545 14.78 -3.51 -27.59
C GLN A 545 15.66 -4.37 -26.67
N THR A 546 16.25 -5.45 -27.22
CA THR A 546 17.17 -6.30 -26.48
C THR A 546 18.49 -5.57 -26.29
N ALA A 547 18.93 -4.82 -27.31
CA ALA A 547 20.18 -4.06 -27.28
C ALA A 547 20.11 -2.93 -26.25
N GLU A 548 18.93 -2.33 -26.09
CA GLU A 548 18.62 -1.28 -25.10
C GLU A 548 18.70 -1.86 -23.69
N TYR A 549 18.29 -3.13 -23.50
CA TYR A 549 18.40 -3.86 -22.24
C TYR A 549 19.88 -4.12 -21.91
N VAL A 550 20.68 -4.53 -22.93
CA VAL A 550 22.11 -4.81 -22.75
C VAL A 550 22.87 -3.51 -22.45
N ALA A 551 22.50 -2.41 -23.12
CA ALA A 551 23.15 -1.12 -22.96
C ALA A 551 22.85 -0.46 -21.62
N GLU A 552 21.60 -0.58 -21.11
CA GLU A 552 21.15 -0.02 -19.82
C GLU A 552 22.03 -0.53 -18.68
N GLN A 553 22.54 -1.77 -18.81
CA GLN A 553 23.45 -2.42 -17.86
C GLN A 553 24.87 -1.79 -17.87
N GLY A 554 25.10 -0.81 -18.74
CA GLY A 554 26.37 -0.12 -18.86
C GLY A 554 27.38 -0.82 -19.76
N LYS A 555 26.88 -1.52 -20.80
CA LYS A 555 27.70 -2.24 -21.76
C LYS A 555 27.83 -1.45 -23.08
N GLU A 556 28.96 -1.62 -23.79
CA GLU A 556 29.23 -0.97 -25.08
C GLU A 556 28.51 -1.78 -26.17
N VAL A 557 27.43 -1.20 -26.73
CA VAL A 557 26.57 -1.92 -27.69
C VAL A 557 26.59 -1.29 -29.10
N THR A 558 26.78 -2.15 -30.11
CA THR A 558 26.75 -1.79 -31.53
C THR A 558 25.66 -2.60 -32.25
N VAL A 559 24.82 -1.92 -33.03
CA VAL A 559 23.79 -2.57 -33.82
C VAL A 559 24.19 -2.50 -35.29
N LEU A 560 24.37 -3.66 -35.93
CA LEU A 560 24.77 -3.75 -37.33
C LEU A 560 23.58 -4.20 -38.17
N GLU A 561 23.18 -3.37 -39.17
CA GLU A 561 22.01 -3.64 -40.02
C GLU A 561 22.37 -3.70 -41.49
N LYS A 562 22.00 -4.81 -42.18
CA LYS A 562 22.29 -4.97 -43.61
C LYS A 562 21.42 -4.09 -44.51
N GLY A 563 20.24 -3.72 -44.01
CA GLY A 563 19.27 -2.88 -44.68
C GLY A 563 19.60 -1.42 -44.52
N LYS A 564 18.74 -0.56 -45.12
CA LYS A 564 18.90 0.89 -45.17
C LYS A 564 18.68 1.59 -43.85
N HIS A 565 17.85 1.02 -42.98
CA HIS A 565 17.51 1.63 -41.71
C HIS A 565 17.38 0.63 -40.55
N ILE A 566 17.69 1.12 -39.34
CA ILE A 566 17.46 0.40 -38.10
C ILE A 566 16.03 0.81 -37.71
N CYS A 567 15.35 0.00 -36.88
CA CYS A 567 13.97 0.23 -36.44
C CYS A 567 13.02 0.26 -37.63
N PHE A 568 13.36 -0.49 -38.71
CA PHE A 568 12.57 -0.52 -39.94
C PHE A 568 11.13 -1.02 -39.74
N ASP A 569 10.87 -1.82 -38.69
CA ASP A 569 9.53 -2.35 -38.41
C ASP A 569 8.87 -1.65 -37.21
N VAL A 570 9.41 -0.49 -36.86
CA VAL A 570 8.93 0.33 -35.75
C VAL A 570 8.10 1.45 -36.38
N ASN A 571 6.83 1.63 -35.93
CA ASN A 571 5.93 2.69 -36.46
C ASN A 571 6.54 4.08 -36.21
N ILE A 572 6.18 5.06 -37.05
CA ILE A 572 6.64 6.45 -37.04
C ILE A 572 6.67 7.10 -35.66
N PHE A 573 5.61 6.88 -34.83
CA PHE A 573 5.46 7.41 -33.47
C PHE A 573 6.53 6.91 -32.47
N ASN A 574 7.16 5.75 -32.71
CA ASN A 574 8.13 5.21 -31.74
C ASN A 574 9.57 5.36 -32.15
N ILE A 575 9.82 5.80 -33.40
CA ILE A 575 11.15 5.99 -33.97
C ILE A 575 12.03 6.91 -33.11
N LEU A 576 11.52 8.13 -32.80
CA LEU A 576 12.24 9.17 -32.03
C LEU A 576 12.53 8.75 -30.61
N GLN A 577 11.57 8.02 -30.01
CA GLN A 577 11.66 7.44 -28.68
C GLN A 577 12.91 6.56 -28.60
N HIS A 578 13.15 5.73 -29.65
CA HIS A 578 14.31 4.83 -29.77
C HIS A 578 15.61 5.58 -30.02
N ARG A 579 15.57 6.69 -30.79
CA ARG A 579 16.73 7.55 -31.07
C ARG A 579 17.28 8.14 -29.78
N ARG A 580 16.37 8.74 -28.96
CA ARG A 580 16.67 9.34 -27.66
C ARG A 580 17.33 8.33 -26.74
N LEU A 581 16.78 7.11 -26.68
CA LEU A 581 17.32 6.10 -25.79
C LEU A 581 18.68 5.60 -26.26
N MET A 582 18.83 5.37 -27.56
CA MET A 582 20.10 4.91 -28.12
C MET A 582 21.21 5.93 -27.92
N ALA A 583 20.88 7.24 -28.05
CA ALA A 583 21.86 8.32 -27.84
C ALA A 583 22.23 8.32 -26.36
N LYS A 584 21.21 8.43 -25.47
CA LYS A 584 21.31 8.42 -23.99
C LYS A 584 22.18 7.27 -23.49
N LEU A 585 21.99 6.06 -24.05
CA LEU A 585 22.75 4.87 -23.66
C LEU A 585 24.07 4.66 -24.42
N ASN A 586 24.47 5.66 -25.24
CA ASN A 586 25.71 5.67 -26.05
C ASN A 586 25.85 4.41 -26.91
N MET A 587 24.75 4.08 -27.59
CA MET A 587 24.66 2.92 -28.49
C MET A 587 25.13 3.33 -29.88
N LYS A 588 25.94 2.48 -30.53
CA LYS A 588 26.41 2.73 -31.89
C LYS A 588 25.56 1.90 -32.85
N SER A 589 25.36 2.42 -34.07
CA SER A 589 24.66 1.67 -35.10
C SER A 589 25.25 1.91 -36.46
N MET A 590 25.26 0.86 -37.30
CA MET A 590 25.73 0.92 -38.70
C MET A 590 24.66 0.27 -39.58
N THR A 591 24.36 0.91 -40.72
CA THR A 591 23.38 0.43 -41.72
C THR A 591 24.09 0.16 -43.05
N ASN A 592 23.44 -0.59 -43.97
CA ASN A 592 23.96 -0.93 -45.32
C ASN A 592 25.29 -1.64 -45.24
N VAL A 593 25.45 -2.44 -44.20
CA VAL A 593 26.68 -3.17 -44.00
C VAL A 593 26.54 -4.62 -44.48
N THR A 594 27.60 -5.17 -45.04
CA THR A 594 27.65 -6.56 -45.47
C THR A 594 28.32 -7.32 -44.32
N ILE A 595 27.65 -8.34 -43.76
CA ILE A 595 28.26 -9.16 -42.70
C ILE A 595 29.07 -10.20 -43.42
N ASN A 596 30.41 -10.08 -43.35
CA ASN A 596 31.34 -10.98 -44.05
C ASN A 596 31.53 -12.29 -43.32
N GLU A 597 31.73 -12.20 -41.99
CA GLU A 597 31.91 -13.34 -41.10
C GLU A 597 31.89 -12.95 -39.63
N ILE A 598 31.65 -13.94 -38.78
CA ILE A 598 31.75 -13.82 -37.33
C ILE A 598 32.97 -14.67 -36.96
N ASN A 599 33.80 -14.17 -36.06
CA ASN A 599 34.98 -14.90 -35.59
C ASN A 599 35.13 -14.71 -34.08
N ASP A 600 36.24 -15.19 -33.53
CA ASP A 600 36.61 -15.16 -32.12
C ASP A 600 36.61 -13.76 -31.50
N ASP A 601 37.05 -12.73 -32.26
CA ASP A 601 37.15 -11.38 -31.71
C ASP A 601 36.02 -10.42 -32.10
N GLY A 602 35.04 -10.92 -32.84
CA GLY A 602 33.91 -10.10 -33.27
C GLY A 602 33.40 -10.42 -34.66
N VAL A 603 33.00 -9.38 -35.42
CA VAL A 603 32.42 -9.55 -36.76
C VAL A 603 33.14 -8.65 -37.82
N GLU A 604 33.46 -9.26 -38.98
CA GLU A 604 34.07 -8.58 -40.12
C GLU A 604 32.94 -8.05 -41.02
N ILE A 605 32.94 -6.73 -41.24
CA ILE A 605 31.92 -6.06 -42.07
C ILE A 605 32.56 -5.26 -43.21
N SER A 606 31.80 -5.07 -44.30
CA SER A 606 32.19 -4.25 -45.44
C SER A 606 31.09 -3.24 -45.58
N THR A 607 31.42 -1.93 -45.47
CA THR A 607 30.45 -0.84 -45.58
C THR A 607 29.98 -0.73 -47.03
N ALA A 608 28.88 0.03 -47.26
CA ALA A 608 28.33 0.29 -48.60
C ALA A 608 29.35 1.02 -49.51
N GLY A 609 30.23 1.82 -48.90
CA GLY A 609 31.29 2.52 -49.61
C GLY A 609 32.51 1.68 -49.93
N GLY A 610 32.55 0.44 -49.43
CA GLY A 610 33.66 -0.47 -49.69
C GLY A 610 34.72 -0.59 -48.61
N LYS A 611 34.45 -0.08 -47.38
CA LYS A 611 35.41 -0.17 -46.28
C LYS A 611 35.27 -1.48 -45.50
N ASP A 612 36.37 -2.27 -45.41
CA ASP A 612 36.40 -3.51 -44.65
C ASP A 612 36.85 -3.18 -43.23
N VAL A 613 35.94 -3.36 -42.26
CA VAL A 613 36.12 -3.01 -40.85
C VAL A 613 35.76 -4.18 -39.91
N THR A 614 36.56 -4.36 -38.86
CA THR A 614 36.36 -5.37 -37.82
C THR A 614 35.63 -4.74 -36.64
N ILE A 615 34.44 -5.27 -36.32
CA ILE A 615 33.68 -4.78 -35.19
C ILE A 615 34.02 -5.67 -34.00
N GLU A 616 34.79 -5.12 -33.04
CA GLU A 616 35.24 -5.82 -31.83
C GLU A 616 34.05 -6.16 -30.93
N ALA A 617 33.95 -7.43 -30.53
CA ALA A 617 32.87 -7.90 -29.67
C ALA A 617 33.32 -8.96 -28.71
N ASP A 618 32.76 -8.92 -27.49
CA ASP A 618 32.96 -9.97 -26.48
C ASP A 618 31.80 -10.97 -26.69
N ASN A 619 30.67 -10.50 -27.29
CA ASN A 619 29.48 -11.28 -27.66
C ASN A 619 28.85 -10.76 -28.94
N VAL A 620 28.44 -11.70 -29.82
CA VAL A 620 27.79 -11.44 -31.09
C VAL A 620 26.34 -11.99 -30.98
N VAL A 621 25.34 -11.10 -31.01
CA VAL A 621 23.92 -11.48 -30.93
C VAL A 621 23.37 -11.54 -32.34
N VAL A 622 23.03 -12.74 -32.81
CA VAL A 622 22.45 -12.89 -34.13
C VAL A 622 20.93 -12.72 -33.97
N ALA A 623 20.46 -11.54 -34.34
CA ALA A 623 19.07 -11.16 -34.17
C ALA A 623 18.50 -10.56 -35.47
N GLU A 624 18.57 -11.30 -36.58
CA GLU A 624 18.10 -10.87 -37.91
C GLU A 624 16.60 -11.07 -38.05
N GLY A 625 16.05 -11.92 -37.19
CA GLY A 625 14.62 -12.22 -37.18
C GLY A 625 14.26 -13.45 -36.38
N MET A 626 13.02 -13.90 -36.58
CA MET A 626 12.40 -15.00 -35.88
C MET A 626 11.78 -15.99 -36.84
N ASP A 627 11.86 -17.28 -36.47
CA ASP A 627 11.23 -18.38 -37.19
C ASP A 627 10.05 -18.85 -36.34
N ALA A 628 9.04 -19.46 -36.98
CA ALA A 628 7.91 -20.04 -36.29
C ALA A 628 8.40 -21.29 -35.58
N ASP A 629 8.11 -21.40 -34.29
CA ASP A 629 8.45 -22.59 -33.51
C ASP A 629 7.25 -23.53 -33.77
N ASP A 630 7.29 -24.23 -34.93
CA ASP A 630 6.18 -25.10 -35.36
C ASP A 630 6.51 -26.61 -35.31
N ALA A 631 7.54 -27.02 -34.53
CA ALA A 631 7.95 -28.42 -34.44
C ALA A 631 6.83 -29.31 -33.92
N LEU A 632 6.17 -28.89 -32.82
CA LEU A 632 5.04 -29.62 -32.22
C LEU A 632 3.90 -29.80 -33.23
N ALA A 633 3.52 -28.74 -33.95
CA ALA A 633 2.45 -28.78 -34.94
C ALA A 633 2.76 -29.74 -36.09
N LYS A 634 4.03 -29.82 -36.50
CA LYS A 634 4.47 -30.72 -37.57
C LYS A 634 4.51 -32.16 -37.03
N ALA A 635 4.91 -32.31 -35.76
CA ALA A 635 4.95 -33.60 -35.09
C ALA A 635 3.57 -34.20 -34.78
N VAL A 636 2.57 -33.38 -34.43
CA VAL A 636 1.24 -33.93 -34.05
C VAL A 636 0.21 -33.98 -35.19
N GLY A 637 0.38 -33.16 -36.24
CA GLY A 637 -0.54 -33.07 -37.36
C GLY A 637 -1.89 -32.47 -37.00
N THR A 638 -2.91 -32.77 -37.81
CA THR A 638 -4.27 -32.25 -37.60
C THR A 638 -5.28 -33.29 -37.04
N LYS A 639 -4.83 -34.53 -36.83
CA LYS A 639 -5.69 -35.64 -36.40
C LYS A 639 -5.50 -36.12 -34.95
N ILE A 640 -4.55 -35.51 -34.18
CA ILE A 640 -4.27 -35.88 -32.78
C ILE A 640 -5.47 -35.60 -31.84
N ALA A 641 -6.36 -34.66 -32.25
CA ALA A 641 -7.56 -34.28 -31.52
C ALA A 641 -8.65 -33.99 -32.56
N PRO A 642 -9.97 -34.01 -32.20
CA PRO A 642 -11.02 -33.68 -33.21
C PRO A 642 -10.83 -32.33 -33.90
N GLU A 643 -10.32 -31.30 -33.17
CA GLU A 643 -10.01 -29.98 -33.72
C GLU A 643 -8.58 -29.62 -33.35
N VAL A 644 -7.77 -29.25 -34.36
CA VAL A 644 -6.36 -28.85 -34.16
C VAL A 644 -6.13 -27.49 -34.86
N TYR A 645 -5.68 -26.47 -34.11
CA TYR A 645 -5.40 -25.13 -34.60
C TYR A 645 -4.02 -24.66 -34.17
N SER A 646 -3.41 -23.82 -34.99
CA SER A 646 -2.13 -23.17 -34.70
C SER A 646 -2.42 -21.69 -34.78
N ILE A 647 -2.01 -20.93 -33.74
CA ILE A 647 -2.23 -19.46 -33.63
C ILE A 647 -0.95 -18.75 -33.21
N GLY A 648 -0.92 -17.44 -33.47
CA GLY A 648 0.21 -16.59 -33.15
C GLY A 648 1.40 -16.86 -34.04
N ASP A 649 2.60 -16.64 -33.51
CA ASP A 649 3.86 -16.76 -34.25
C ASP A 649 4.20 -18.17 -34.70
N CYS A 650 3.60 -19.22 -34.10
CA CYS A 650 3.92 -20.59 -34.56
C CYS A 650 3.18 -20.91 -35.87
N ALA A 651 2.13 -20.11 -36.19
CA ALA A 651 1.35 -20.22 -37.42
C ALA A 651 1.92 -19.29 -38.51
N GLY A 652 3.05 -18.64 -38.22
CA GLY A 652 3.70 -17.67 -39.10
C GLY A 652 4.02 -16.42 -38.30
N VAL A 653 5.32 -16.03 -38.27
CA VAL A 653 5.79 -14.90 -37.47
C VAL A 653 5.22 -13.55 -37.95
N ARG A 654 4.45 -12.93 -37.06
CA ARG A 654 3.86 -11.60 -37.20
C ARG A 654 4.33 -10.89 -35.93
N LYS A 655 3.51 -10.06 -35.30
CA LYS A 655 4.02 -9.39 -34.08
C LYS A 655 3.01 -9.54 -32.94
N LEU A 656 3.10 -8.71 -31.89
CA LEU A 656 2.23 -8.80 -30.72
C LEU A 656 0.76 -8.53 -31.03
N TYR A 657 0.47 -7.54 -31.87
CA TYR A 657 -0.90 -7.17 -32.25
C TYR A 657 -1.61 -8.39 -32.84
N GLU A 658 -0.96 -9.08 -33.80
CA GLU A 658 -1.52 -10.23 -34.49
C GLU A 658 -1.68 -11.44 -33.59
N ALA A 659 -0.75 -11.67 -32.62
CA ALA A 659 -0.79 -12.77 -31.65
C ALA A 659 -2.04 -12.63 -30.77
N ILE A 660 -2.24 -11.44 -30.17
CA ILE A 660 -3.40 -11.14 -29.32
C ILE A 660 -4.73 -11.24 -30.12
N HIS A 661 -4.75 -10.71 -31.36
CA HIS A 661 -5.93 -10.77 -32.23
C HIS A 661 -6.26 -12.19 -32.64
N ASP A 662 -5.23 -13.01 -32.97
CA ASP A 662 -5.39 -14.44 -33.31
C ASP A 662 -5.98 -15.20 -32.12
N GLY A 663 -5.51 -14.88 -30.90
CA GLY A 663 -6.00 -15.49 -29.66
C GLY A 663 -7.46 -15.18 -29.42
N TYR A 664 -7.86 -13.90 -29.61
CA TYR A 664 -9.25 -13.48 -29.41
C TYR A 664 -10.14 -14.23 -30.41
N LYS A 665 -9.74 -14.21 -31.69
CA LYS A 665 -10.48 -14.84 -32.78
C LYS A 665 -10.60 -16.36 -32.59
N MET A 666 -9.54 -16.99 -32.04
CA MET A 666 -9.58 -18.41 -31.77
C MET A 666 -10.56 -18.69 -30.62
N GLY A 667 -10.45 -17.91 -29.55
CA GLY A 667 -11.26 -18.02 -28.34
C GLY A 667 -12.74 -17.87 -28.58
N VAL A 668 -13.16 -16.92 -29.46
CA VAL A 668 -14.58 -16.69 -29.79
C VAL A 668 -15.16 -17.73 -30.71
N LYS A 669 -14.35 -18.35 -31.61
CA LYS A 669 -14.89 -19.26 -32.62
C LYS A 669 -15.07 -20.72 -32.14
N ILE A 670 -14.42 -21.13 -31.02
CA ILE A 670 -14.53 -22.51 -30.49
C ILE A 670 -16.00 -22.82 -30.20
N ARG A 671 -16.63 -23.54 -31.13
CA ARG A 671 -18.06 -23.84 -31.04
C ARG A 671 -18.43 -24.88 -29.98
N GLY A 672 -19.71 -24.92 -29.68
CA GLY A 672 -20.31 -25.89 -28.77
C GLY A 672 -21.47 -26.61 -29.42
N SER A 673 -21.19 -27.77 -30.07
CA SER A 673 -22.21 -28.59 -30.73
C SER A 673 -21.97 -30.10 -30.59
N MET B 13 4.87 -32.59 27.57
CA MET B 13 4.12 -31.37 27.42
C MET B 13 5.11 -30.33 26.98
N TYR B 14 4.73 -29.68 25.90
CA TYR B 14 5.37 -28.58 25.17
C TYR B 14 6.71 -28.99 24.54
N GLU B 15 6.72 -30.14 23.87
CA GLU B 15 7.89 -30.71 23.21
C GLU B 15 8.45 -29.76 22.18
N ASN B 16 7.59 -29.09 21.39
CA ASN B 16 8.03 -28.17 20.35
C ASN B 16 8.63 -26.90 20.89
N LEU B 17 8.06 -26.33 21.96
CA LEU B 17 8.60 -25.10 22.57
C LEU B 17 9.93 -25.33 23.28
N CYS B 18 10.14 -26.55 23.78
CA CYS B 18 11.33 -26.90 24.55
C CYS B 18 12.44 -27.58 23.72
N LYS B 19 12.19 -27.72 22.40
CA LYS B 19 13.09 -28.28 21.40
C LYS B 19 14.19 -27.24 21.03
N PRO B 20 15.48 -27.63 20.94
CA PRO B 20 16.52 -26.64 20.57
C PRO B 20 16.51 -26.21 19.09
N ILE B 21 17.29 -25.17 18.76
CA ILE B 21 17.37 -24.62 17.39
C ILE B 21 18.72 -23.94 17.12
N LYS B 22 19.26 -24.07 15.89
CA LYS B 22 20.50 -23.39 15.52
C LYS B 22 20.18 -22.02 14.91
N ILE B 23 20.70 -20.95 15.53
CA ILE B 23 20.57 -19.57 15.03
C ILE B 23 21.98 -19.19 14.67
N GLY B 24 22.24 -19.24 13.36
CA GLY B 24 23.58 -19.07 12.82
C GLY B 24 24.34 -20.33 13.17
N ASN B 25 25.52 -20.19 13.78
CA ASN B 25 26.30 -21.35 14.22
C ASN B 25 26.21 -21.51 15.77
N HIS B 26 25.15 -20.97 16.37
CA HIS B 26 24.92 -21.00 17.80
C HIS B 26 23.63 -21.74 18.12
N LEU B 27 23.74 -22.74 19.00
CA LEU B 27 22.62 -23.57 19.42
C LEU B 27 21.88 -22.92 20.57
N VAL B 28 20.59 -22.71 20.36
CA VAL B 28 19.68 -22.10 21.32
C VAL B 28 18.98 -23.28 21.95
N LYS B 29 18.80 -23.27 23.28
CA LYS B 29 18.25 -24.41 24.05
C LYS B 29 16.73 -24.65 23.88
N ASN B 30 15.96 -23.62 23.50
CA ASN B 30 14.52 -23.75 23.30
C ASN B 30 14.01 -22.74 22.26
N ARG B 31 12.69 -22.75 22.00
CA ARG B 31 12.03 -21.90 21.02
C ARG B 31 11.32 -20.73 21.71
N MET B 32 11.84 -20.30 22.86
CA MET B 32 11.27 -19.16 23.56
C MET B 32 12.26 -17.97 23.58
N LYS B 33 11.85 -16.86 22.98
CA LYS B 33 12.66 -15.65 22.83
C LYS B 33 12.07 -14.48 23.57
N TYR B 34 12.87 -13.87 24.46
CA TYR B 34 12.47 -12.66 25.14
C TYR B 34 12.91 -11.48 24.24
N ALA B 35 11.93 -10.76 23.67
CA ALA B 35 12.10 -9.63 22.75
C ALA B 35 12.61 -8.32 23.39
N ALA B 36 13.23 -7.45 22.56
CA ALA B 36 13.75 -6.13 22.97
C ALA B 36 12.68 -5.30 23.67
N THR B 37 13.07 -4.72 24.81
CA THR B 37 12.18 -3.97 25.68
C THR B 37 12.84 -2.70 26.25
N VAL B 38 12.65 -1.55 25.61
CA VAL B 38 13.15 -0.30 26.23
C VAL B 38 12.30 -0.12 27.53
N ASP B 39 12.98 0.16 28.65
CA ASP B 39 12.29 0.22 29.96
C ASP B 39 12.62 1.42 30.82
N ASN B 40 13.49 2.32 30.34
CA ASN B 40 13.93 3.52 31.07
C ASN B 40 14.71 3.16 32.35
N PHE B 41 15.44 2.03 32.30
CA PHE B 41 16.24 1.52 33.42
C PHE B 41 17.70 1.90 33.25
N CYS B 42 18.11 2.36 32.07
CA CYS B 42 19.48 2.74 31.89
C CYS B 42 19.68 4.17 32.37
N ASP B 43 20.95 4.55 32.58
CA ASP B 43 21.33 5.86 33.07
C ASP B 43 20.82 6.92 32.11
N THR B 44 19.85 7.72 32.58
CA THR B 44 19.19 8.78 31.84
C THR B 44 20.18 9.88 31.37
N LYS B 45 21.32 10.04 32.07
CA LYS B 45 22.32 11.06 31.76
C LYS B 45 23.19 10.72 30.56
N ASN B 46 23.54 9.42 30.38
CA ASN B 46 24.50 9.03 29.36
C ASN B 46 24.21 7.75 28.54
N GLY B 47 23.07 7.08 28.80
CA GLY B 47 22.70 5.85 28.10
C GLY B 47 23.42 4.59 28.55
N ASN B 48 24.15 4.68 29.66
CA ASN B 48 24.89 3.55 30.23
C ASN B 48 23.96 2.56 30.90
N VAL B 49 24.32 1.27 30.76
CA VAL B 49 23.65 0.15 31.40
C VAL B 49 24.02 0.25 32.89
N ILE B 50 23.01 0.17 33.78
CA ILE B 50 23.21 0.19 35.23
C ILE B 50 22.54 -1.05 35.85
N ASP B 51 22.72 -1.28 37.17
CA ASP B 51 22.21 -2.46 37.89
C ASP B 51 20.73 -2.74 37.69
N ARG B 52 19.88 -1.69 37.61
CA ARG B 52 18.44 -1.87 37.39
C ARG B 52 18.21 -2.66 36.11
N GLU B 53 18.94 -2.31 35.03
CA GLU B 53 18.81 -2.99 33.74
C GLU B 53 19.37 -4.42 33.78
N ILE B 54 20.60 -4.58 34.33
CA ILE B 54 21.31 -5.85 34.45
C ILE B 54 20.45 -6.91 35.13
N GLU B 55 19.86 -6.56 36.29
CA GLU B 55 19.05 -7.47 37.07
C GLU B 55 17.71 -7.75 36.44
N TYR B 56 17.20 -6.79 35.67
CA TYR B 56 15.96 -6.99 34.94
C TYR B 56 16.13 -8.09 33.89
N LEU B 57 17.18 -7.98 33.05
CA LEU B 57 17.43 -8.95 31.98
C LEU B 57 18.04 -10.24 32.49
N ARG B 58 18.76 -10.20 33.63
CA ARG B 58 19.30 -11.41 34.28
C ARG B 58 18.13 -12.29 34.74
N GLU B 59 17.01 -11.65 35.19
CA GLU B 59 15.84 -12.41 35.63
C GLU B 59 15.21 -13.16 34.46
N ARG B 60 15.21 -12.56 33.25
CA ARG B 60 14.66 -13.22 32.06
C ARG B 60 15.55 -14.38 31.62
N ALA B 61 16.87 -14.21 31.79
CA ALA B 61 17.86 -15.22 31.47
C ALA B 61 17.76 -16.39 32.46
N LYS B 62 17.62 -16.09 33.78
CA LYS B 62 17.44 -17.11 34.84
C LYS B 62 16.08 -17.80 34.62
N GLY B 63 15.13 -17.03 34.07
CA GLY B 63 13.79 -17.47 33.74
C GLY B 63 13.66 -18.57 32.70
N GLY B 64 14.76 -18.90 32.02
CA GLY B 64 14.82 -19.97 31.03
C GLY B 64 14.69 -19.66 29.55
N PHE B 65 14.63 -18.36 29.18
CA PHE B 65 14.51 -17.98 27.77
C PHE B 65 15.74 -18.43 26.98
N GLY B 66 15.54 -19.04 25.81
CA GLY B 66 16.66 -19.51 24.98
C GLY B 66 17.43 -18.33 24.43
N ILE B 67 16.69 -17.24 24.11
CA ILE B 67 17.24 -15.99 23.59
C ILE B 67 16.75 -14.83 24.45
N VAL B 68 17.67 -13.94 24.85
CA VAL B 68 17.33 -12.71 25.57
C VAL B 68 17.93 -11.53 24.77
N VAL B 69 17.04 -10.68 24.25
CA VAL B 69 17.45 -9.52 23.46
C VAL B 69 17.54 -8.31 24.37
N SER B 70 18.59 -7.47 24.18
CA SER B 70 18.71 -6.22 24.92
C SER B 70 17.64 -5.30 24.36
N GLN B 71 17.42 -4.14 24.99
CA GLN B 71 16.52 -3.14 24.45
C GLN B 71 17.24 -2.48 23.25
N GLY B 72 16.48 -1.82 22.38
CA GLY B 72 17.06 -1.13 21.24
C GLY B 72 17.91 0.02 21.70
N GLY B 73 19.20 -0.03 21.38
CA GLY B 73 20.15 0.99 21.79
C GLY B 73 20.29 2.08 20.73
N TYR B 74 20.30 3.36 21.16
CA TYR B 74 20.44 4.43 20.17
C TYR B 74 21.87 4.51 19.58
N THR B 75 21.98 4.79 18.28
CA THR B 75 23.26 4.87 17.56
C THR B 75 23.82 6.28 17.47
N HIS B 76 23.03 7.28 17.94
CA HIS B 76 23.36 8.71 17.92
C HIS B 76 22.36 9.36 18.87
N ILE B 77 22.78 10.39 19.62
CA ILE B 77 21.93 11.08 20.59
C ILE B 77 20.60 11.59 19.99
N LEU B 78 20.56 11.93 18.69
CA LEU B 78 19.32 12.38 18.00
C LEU B 78 18.33 11.24 17.88
N GLY B 79 18.86 10.01 17.88
CA GLY B 79 18.09 8.78 17.82
C GLY B 79 17.58 8.30 19.17
N LYS B 80 17.82 9.07 20.27
CA LYS B 80 17.35 8.71 21.61
C LYS B 80 15.86 9.06 21.69
N GLY B 81 15.02 8.05 21.86
CA GLY B 81 13.57 8.23 21.89
C GLY B 81 12.91 7.93 23.21
N TYR B 82 13.70 7.57 24.23
CA TYR B 82 13.19 7.23 25.57
C TYR B 82 14.19 7.78 26.57
N VAL B 83 13.69 8.38 27.68
CA VAL B 83 14.52 9.09 28.67
C VAL B 83 15.70 8.26 29.19
N GLY B 84 15.46 6.97 29.43
CA GLY B 84 16.50 6.09 29.94
C GLY B 84 16.91 5.02 28.95
N GLN B 85 16.85 5.32 27.64
CA GLN B 85 17.25 4.40 26.59
C GLN B 85 18.75 4.10 26.67
N MET B 86 19.11 2.88 26.29
CA MET B 86 20.48 2.42 26.23
C MET B 86 21.17 3.10 25.05
N GLY B 87 22.45 3.39 25.23
CA GLY B 87 23.26 3.98 24.18
C GLY B 87 24.28 3.02 23.62
N LEU B 88 24.52 3.12 22.30
CA LEU B 88 25.51 2.34 21.56
C LEU B 88 26.33 3.31 20.70
N VAL B 89 27.03 4.25 21.36
CA VAL B 89 27.79 5.31 20.68
C VAL B 89 29.25 5.39 21.07
N GLU B 90 29.50 5.55 22.38
CA GLU B 90 30.81 5.84 22.97
C GLU B 90 31.50 4.64 23.58
N GLU B 91 32.83 4.76 23.76
CA GLU B 91 33.68 3.76 24.43
C GLU B 91 33.26 3.59 25.89
N SER B 92 32.73 4.66 26.51
CA SER B 92 32.22 4.66 27.89
C SER B 92 30.93 3.79 28.04
N HIS B 93 30.32 3.34 26.92
CA HIS B 93 29.16 2.44 26.96
C HIS B 93 29.60 0.99 27.13
N LEU B 94 30.85 0.66 26.70
CA LEU B 94 31.42 -0.68 26.70
C LEU B 94 31.40 -1.39 28.04
N PRO B 95 31.85 -0.79 29.18
CA PRO B 95 31.81 -1.55 30.46
C PRO B 95 30.44 -2.11 30.83
N GLY B 96 29.39 -1.30 30.64
CA GLY B 96 28.02 -1.69 30.94
C GLY B 96 27.50 -2.78 30.03
N LEU B 97 27.83 -2.68 28.73
CA LEU B 97 27.41 -3.68 27.74
C LEU B 97 27.99 -5.04 28.08
N LYS B 98 29.27 -5.07 28.53
CA LYS B 98 29.97 -6.29 28.94
C LYS B 98 29.30 -6.93 30.15
N LYS B 99 28.96 -6.12 31.18
CA LYS B 99 28.27 -6.59 32.39
C LYS B 99 26.92 -7.22 32.08
N LEU B 100 26.17 -6.60 31.15
CA LEU B 100 24.85 -7.03 30.70
C LEU B 100 24.94 -8.39 29.98
N ALA B 101 25.87 -8.52 29.02
CA ALA B 101 26.10 -9.76 28.27
C ALA B 101 26.55 -10.88 29.21
N ASP B 102 27.49 -10.59 30.15
CA ASP B 102 27.96 -11.58 31.12
C ASP B 102 26.79 -12.17 31.91
N ALA B 103 25.91 -11.30 32.42
CA ALA B 103 24.72 -11.62 33.21
C ALA B 103 23.73 -12.53 32.43
N ILE B 104 23.48 -12.21 31.15
CA ILE B 104 22.59 -13.05 30.33
C ILE B 104 23.27 -14.39 30.03
N ASN B 105 24.52 -14.35 29.51
CA ASN B 105 25.29 -15.53 29.12
C ASN B 105 25.48 -16.53 30.22
N ALA B 106 25.73 -16.05 31.46
CA ALA B 106 25.94 -16.92 32.63
C ALA B 106 24.74 -17.82 32.91
N GLU B 107 23.54 -17.39 32.51
CA GLU B 107 22.34 -18.18 32.74
C GLU B 107 22.07 -19.22 31.66
N GLY B 108 22.79 -19.15 30.54
CA GLY B 108 22.64 -20.10 29.44
C GLY B 108 21.75 -19.61 28.31
N ALA B 109 21.36 -18.34 28.38
CA ALA B 109 20.54 -17.71 27.34
C ALA B 109 21.45 -17.09 26.29
N MET B 110 21.08 -17.19 25.01
CA MET B 110 21.85 -16.57 23.95
C MET B 110 21.56 -15.06 24.04
N SER B 111 22.57 -14.24 24.35
CA SER B 111 22.42 -12.78 24.43
C SER B 111 22.44 -12.20 23.03
N ILE B 112 21.43 -11.37 22.71
CA ILE B 112 21.34 -10.70 21.41
C ILE B 112 21.21 -9.21 21.66
N GLY B 113 22.08 -8.44 21.03
CA GLY B 113 22.09 -6.99 21.17
C GLY B 113 21.32 -6.32 20.07
N GLN B 114 20.31 -5.50 20.43
CA GLN B 114 19.52 -4.81 19.44
C GLN B 114 20.00 -3.35 19.20
N ILE B 115 20.03 -2.98 17.92
CA ILE B 115 20.45 -1.64 17.48
C ILE B 115 19.20 -0.91 17.01
N MET B 116 18.86 0.21 17.65
CA MET B 116 17.62 0.93 17.34
C MET B 116 17.74 2.43 17.51
N HIS B 117 17.96 3.12 16.39
CA HIS B 117 17.91 4.58 16.27
C HIS B 117 16.38 4.83 16.11
N THR B 118 15.76 5.66 16.98
CA THR B 118 14.30 5.89 16.93
C THR B 118 13.81 6.85 15.82
N GLY B 119 14.73 7.41 15.03
CA GLY B 119 14.43 8.30 13.93
C GLY B 119 13.39 9.36 14.23
N ARG B 120 12.25 9.29 13.53
CA ARG B 120 11.16 10.25 13.65
C ARG B 120 10.58 10.34 15.05
N TYR B 121 10.80 9.32 15.87
CA TYR B 121 10.30 9.20 17.23
C TYR B 121 11.30 9.70 18.30
N GLY B 122 12.41 10.28 17.82
CA GLY B 122 13.45 10.85 18.68
C GLY B 122 12.93 12.01 19.51
N HIS B 123 13.45 12.18 20.73
CA HIS B 123 13.07 13.22 21.68
C HIS B 123 14.31 13.82 22.39
N ALA B 124 15.46 13.95 21.68
CA ALA B 124 16.71 14.51 22.25
C ALA B 124 16.55 15.87 22.96
N HIS B 125 15.67 16.74 22.41
N HIS B 125 15.68 16.72 22.42
CA HIS B 125 15.37 18.07 22.97
CA HIS B 125 15.34 18.06 22.93
C HIS B 125 14.83 17.99 24.40
C HIS B 125 14.76 18.02 24.35
N GLU B 126 14.04 16.94 24.68
CA GLU B 126 13.47 16.72 26.01
C GLU B 126 14.47 16.11 26.98
N TYR B 127 15.65 15.68 26.49
CA TYR B 127 16.64 15.03 27.34
C TYR B 127 17.88 15.89 27.59
N GLY B 128 17.67 17.21 27.64
CA GLY B 128 18.71 18.20 27.91
C GLY B 128 19.73 18.38 26.82
N ILE B 129 19.37 18.01 25.58
CA ILE B 129 20.25 18.15 24.43
C ILE B 129 19.81 19.41 23.68
N HIS B 130 20.75 20.32 23.41
CA HIS B 130 20.45 21.57 22.70
C HIS B 130 21.11 21.63 21.33
N GLU B 131 22.17 20.86 21.17
CA GLU B 131 22.98 20.80 19.96
C GLU B 131 23.53 19.41 19.79
N ALA B 132 23.81 19.05 18.54
CA ALA B 132 24.50 17.81 18.21
C ALA B 132 25.28 18.03 16.91
N ILE B 133 26.23 17.13 16.63
CA ILE B 133 27.02 17.10 15.40
C ILE B 133 26.46 15.92 14.61
N ALA B 134 25.98 16.17 13.38
CA ALA B 134 25.44 15.12 12.51
C ALA B 134 25.80 15.40 11.06
N GLY B 135 26.49 14.43 10.46
CA GLY B 135 27.01 14.51 9.10
C GLY B 135 28.07 15.59 8.98
N GLY B 136 28.90 15.69 10.02
CA GLY B 136 29.98 16.68 10.12
C GLY B 136 29.54 18.13 10.28
N LYS B 137 28.28 18.35 10.70
CA LYS B 137 27.73 19.70 10.88
C LYS B 137 26.93 19.85 12.18
N THR B 138 26.95 21.07 12.75
CA THR B 138 26.19 21.37 13.97
C THR B 138 24.71 21.50 13.61
N VAL B 139 23.87 20.74 14.32
CA VAL B 139 22.43 20.71 14.09
C VAL B 139 21.69 20.90 15.41
N GLY B 140 20.41 21.21 15.28
CA GLY B 140 19.53 21.32 16.44
C GLY B 140 19.21 19.95 17.00
N PRO B 141 18.47 19.86 18.12
CA PRO B 141 18.17 18.54 18.70
C PRO B 141 16.92 17.82 18.16
N GLU B 142 16.29 18.35 17.09
CA GLU B 142 15.07 17.77 16.52
C GLU B 142 15.27 16.33 15.95
N PRO B 143 14.26 15.44 15.98
CA PRO B 143 14.47 14.09 15.43
C PRO B 143 14.73 14.13 13.92
N VAL B 144 15.34 13.07 13.39
CA VAL B 144 15.73 13.00 11.99
C VAL B 144 14.99 11.91 11.24
N GLY B 145 14.79 12.15 9.95
CA GLY B 145 14.13 11.21 9.06
C GLY B 145 14.60 11.39 7.62
N PRO B 146 14.22 10.48 6.69
CA PRO B 146 14.65 10.66 5.28
C PRO B 146 14.03 11.92 4.66
N THR B 147 12.83 12.27 5.14
CA THR B 147 12.06 13.43 4.66
C THR B 147 11.55 14.23 5.85
N ALA B 148 11.73 15.56 5.80
CA ALA B 148 11.26 16.49 6.80
C ALA B 148 9.74 16.44 6.77
N MET B 149 9.12 16.09 7.92
CA MET B 149 7.68 15.96 8.07
C MET B 149 7.24 16.01 9.52
N SER B 150 5.91 16.07 9.71
CA SER B 150 5.24 16.11 10.99
C SER B 150 4.56 14.78 11.24
N SER B 151 4.20 14.52 12.50
CA SER B 151 3.51 13.31 12.92
C SER B 151 2.02 13.58 13.20
N PRO B 152 1.10 12.63 12.85
CA PRO B 152 -0.33 12.81 13.26
C PRO B 152 -0.47 12.86 14.79
N ILE B 153 0.42 12.15 15.51
CA ILE B 153 0.49 12.07 16.96
C ILE B 153 1.35 13.23 17.52
N LYS B 154 0.80 13.98 18.50
CA LYS B 154 1.44 15.14 19.12
C LYS B 154 2.71 14.80 19.92
N ARG B 155 2.87 13.53 20.37
CA ARG B 155 4.05 13.07 21.12
C ARG B 155 5.31 13.17 20.25
N TYR B 156 5.14 13.04 18.92
CA TYR B 156 6.27 13.10 17.99
C TYR B 156 6.36 14.46 17.30
N SER B 157 7.48 15.16 17.57
CA SER B 157 7.76 16.50 17.04
C SER B 157 8.22 16.48 15.58
N PRO B 158 8.09 17.59 14.80
CA PRO B 158 8.51 17.56 13.39
C PRO B 158 10.00 17.26 13.20
N CYS B 159 10.28 16.35 12.26
CA CYS B 159 11.62 15.86 12.01
C CYS B 159 12.35 16.64 10.91
N ARG B 160 13.69 16.65 11.00
CA ARG B 160 14.56 17.30 10.02
C ARG B 160 15.04 16.26 8.97
N GLU B 161 15.23 16.70 7.72
CA GLU B 161 15.71 15.86 6.61
C GLU B 161 17.20 15.56 6.81
N MET B 162 17.56 14.26 6.86
CA MET B 162 18.97 13.86 6.98
C MET B 162 19.69 14.19 5.67
N THR B 163 20.93 14.70 5.76
CA THR B 163 21.76 15.00 4.58
C THR B 163 22.31 13.63 4.12
N PRO B 164 22.73 13.45 2.85
CA PRO B 164 23.30 12.16 2.44
C PRO B 164 24.46 11.71 3.35
N GLU B 165 25.24 12.68 3.88
CA GLU B 165 26.38 12.46 4.79
C GLU B 165 25.92 11.87 6.12
N GLU B 166 24.76 12.34 6.65
CA GLU B 166 24.14 11.82 7.89
C GLU B 166 23.71 10.39 7.69
N ILE B 167 23.25 10.05 6.47
CA ILE B 167 22.81 8.69 6.10
C ILE B 167 24.02 7.77 6.15
N GLU B 168 25.12 8.19 5.51
CA GLU B 168 26.35 7.42 5.46
C GLU B 168 26.93 7.20 6.85
N GLU B 169 26.93 8.27 7.68
CA GLU B 169 27.37 8.25 9.08
C GLU B 169 26.51 7.29 9.91
N GLN B 170 25.17 7.27 9.72
CA GLN B 170 24.30 6.36 10.45
C GLN B 170 24.53 4.89 10.10
N ILE B 171 24.89 4.59 8.84
CA ILE B 171 25.22 3.22 8.41
C ILE B 171 26.46 2.79 9.20
N GLN B 172 27.48 3.66 9.26
CA GLN B 172 28.71 3.44 10.01
C GLN B 172 28.45 3.32 11.51
N ALA B 173 27.50 4.10 12.04
CA ALA B 173 27.15 4.08 13.44
C ALA B 173 26.50 2.73 13.81
N HIS B 174 25.74 2.13 12.86
CA HIS B 174 25.12 0.82 13.03
C HIS B 174 26.18 -0.27 13.03
N ILE B 175 27.20 -0.15 12.16
CA ILE B 175 28.32 -1.09 12.10
C ILE B 175 29.10 -1.01 13.42
N VAL B 176 29.42 0.23 13.88
CA VAL B 176 30.11 0.45 15.15
C VAL B 176 29.27 -0.17 16.32
N ALA B 177 27.94 0.06 16.34
CA ALA B 177 27.06 -0.52 17.38
C ALA B 177 27.19 -2.05 17.43
N ALA B 178 27.20 -2.71 16.25
CA ALA B 178 27.31 -4.16 16.16
C ALA B 178 28.70 -4.61 16.65
N ARG B 179 29.77 -3.82 16.33
CA ARG B 179 31.14 -4.06 16.78
C ARG B 179 31.18 -4.00 18.33
N MET B 180 30.49 -3.00 18.92
CA MET B 180 30.39 -2.81 20.37
C MET B 180 29.77 -4.01 21.09
N PHE B 181 28.68 -4.57 20.55
CA PHE B 181 28.05 -5.74 21.15
C PHE B 181 28.97 -6.95 21.04
N LYS B 182 29.55 -7.17 19.87
CA LYS B 182 30.43 -8.31 19.64
C LYS B 182 31.68 -8.27 20.52
N GLN B 183 32.32 -7.09 20.67
CA GLN B 183 33.52 -7.00 21.52
C GLN B 183 33.22 -7.14 23.05
N THR B 184 31.93 -6.97 23.46
CA THR B 184 31.55 -7.08 24.88
C THR B 184 30.89 -8.45 25.21
N GLY B 185 31.00 -9.40 24.29
CA GLY B 185 30.53 -10.78 24.48
C GLY B 185 29.11 -11.11 24.14
N TRP B 186 28.37 -10.22 23.44
CA TRP B 186 27.00 -10.56 23.05
C TRP B 186 27.07 -11.69 21.99
N LYS B 187 26.18 -12.69 22.08
CA LYS B 187 26.23 -13.85 21.17
C LYS B 187 25.68 -13.58 19.76
N GLY B 188 24.91 -12.51 19.61
CA GLY B 188 24.37 -12.11 18.31
C GLY B 188 23.95 -10.65 18.29
N VAL B 189 23.65 -10.14 17.10
CA VAL B 189 23.22 -8.74 16.89
C VAL B 189 21.89 -8.73 16.12
N GLU B 190 20.93 -7.90 16.59
CA GLU B 190 19.62 -7.71 15.97
C GLU B 190 19.50 -6.30 15.42
N VAL B 191 19.05 -6.19 14.17
CA VAL B 191 18.77 -4.90 13.54
C VAL B 191 17.27 -4.63 13.73
N CYS B 192 16.92 -3.53 14.40
CA CYS B 192 15.52 -3.15 14.57
C CYS B 192 15.09 -2.33 13.36
N ALA B 193 14.31 -2.93 12.47
CA ALA B 193 13.87 -2.23 11.27
C ALA B 193 12.34 -2.07 11.23
N ILE B 194 11.74 -1.90 12.42
CA ILE B 194 10.28 -1.81 12.65
C ILE B 194 9.71 -0.47 13.21
N VAL B 195 8.37 -0.48 13.37
CA VAL B 195 7.41 0.35 14.10
C VAL B 195 7.53 1.89 13.93
N GLY B 196 8.32 2.37 12.99
CA GLY B 196 8.41 3.81 12.73
C GLY B 196 9.69 4.44 13.22
N TYR B 197 10.65 3.62 13.62
CA TYR B 197 11.98 4.09 14.01
C TYR B 197 12.76 4.37 12.71
N LEU B 198 14.00 4.84 12.80
CA LEU B 198 14.77 5.30 11.63
C LEU B 198 14.74 4.39 10.39
N ILE B 199 15.12 3.11 10.50
CA ILE B 199 15.15 2.23 9.32
C ILE B 199 13.78 2.11 8.65
N ALA B 200 12.73 1.84 9.46
CA ALA B 200 11.35 1.74 9.03
C ALA B 200 10.93 3.03 8.28
N ASP B 201 11.39 4.21 8.73
CA ASP B 201 11.13 5.50 8.05
C ASP B 201 11.68 5.53 6.61
N PHE B 202 12.85 4.89 6.38
CA PHE B 202 13.42 4.81 5.03
C PHE B 202 12.67 3.75 4.21
N LEU B 203 12.21 2.68 4.83
CA LEU B 203 11.48 1.59 4.18
C LEU B 203 10.08 2.01 3.69
N SER B 204 9.37 2.77 4.49
CA SER B 204 7.99 3.15 4.16
C SER B 204 7.90 4.29 3.15
N ARG B 205 7.00 4.17 2.17
CA ARG B 205 6.73 5.24 1.20
C ARG B 205 6.01 6.42 1.88
N TRP B 206 5.31 6.15 2.98
CA TRP B 206 4.61 7.20 3.72
C TRP B 206 5.57 8.21 4.33
N THR B 207 6.74 7.75 4.79
CA THR B 207 7.75 8.61 5.42
C THR B 207 8.93 8.95 4.51
N ASN B 208 9.11 8.16 3.44
CA ASN B 208 10.23 8.37 2.54
C ASN B 208 9.82 8.93 1.20
N LYS B 209 10.05 10.25 1.03
CA LYS B 209 9.77 11.01 -0.21
C LYS B 209 11.07 11.45 -0.88
N ARG B 210 12.19 10.75 -0.58
CA ARG B 210 13.51 11.07 -1.17
C ARG B 210 13.56 10.77 -2.67
N THR B 211 14.26 11.63 -3.42
CA THR B 211 14.35 11.50 -4.87
C THR B 211 15.77 11.12 -5.33
N ASP B 212 16.68 10.88 -4.36
CA ASP B 212 18.05 10.41 -4.63
C ASP B 212 18.03 8.86 -4.48
N LYS B 213 19.20 8.22 -4.31
CA LYS B 213 19.33 6.76 -4.21
C LYS B 213 18.77 6.13 -2.93
N TRP B 214 18.41 6.95 -1.91
CA TRP B 214 17.87 6.48 -0.63
C TRP B 214 16.32 6.39 -0.58
N GLY B 215 15.65 6.73 -1.69
CA GLY B 215 14.20 6.70 -1.79
C GLY B 215 13.69 6.56 -3.21
N GLY B 216 12.36 6.45 -3.32
CA GLY B 216 11.65 6.23 -4.57
C GLY B 216 11.20 4.79 -4.64
N SER B 217 11.88 3.99 -5.47
CA SER B 217 11.64 2.55 -5.66
C SER B 217 11.85 1.77 -4.33
N LEU B 218 11.21 0.58 -4.20
CA LEU B 218 11.35 -0.28 -3.01
C LEU B 218 12.82 -0.65 -2.75
N GLU B 219 13.57 -0.93 -3.83
CA GLU B 219 15.01 -1.24 -3.84
C GLU B 219 15.79 -0.08 -3.18
N ASN B 220 15.45 1.17 -3.57
CA ASN B 220 16.07 2.38 -3.04
C ASN B 220 15.72 2.62 -1.56
N ARG B 221 14.45 2.37 -1.18
CA ARG B 221 13.94 2.56 0.18
C ARG B 221 14.52 1.56 1.16
N ALA B 222 14.91 0.38 0.62
CA ALA B 222 15.55 -0.72 1.36
C ALA B 222 17.07 -0.55 1.44
N ARG B 223 17.67 0.37 0.64
CA ARG B 223 19.12 0.59 0.57
C ARG B 223 19.80 0.85 1.91
N PHE B 224 19.24 1.76 2.72
CA PHE B 224 19.76 2.11 4.03
C PHE B 224 19.88 0.85 4.88
N LEU B 225 18.79 0.06 4.94
CA LEU B 225 18.75 -1.23 5.62
C LEU B 225 19.76 -2.23 5.04
N ILE B 226 19.80 -2.37 3.70
CA ILE B 226 20.70 -3.32 3.03
C ILE B 226 22.16 -2.98 3.31
N GLU B 227 22.52 -1.69 3.23
CA GLU B 227 23.87 -1.21 3.49
C GLU B 227 24.26 -1.40 4.94
N ILE B 228 23.30 -1.26 5.87
CA ILE B 228 23.49 -1.51 7.30
C ILE B 228 23.83 -3.00 7.49
N LEU B 229 23.01 -3.89 6.90
CA LEU B 229 23.19 -5.34 6.98
C LEU B 229 24.49 -5.79 6.37
N LYS B 230 24.81 -5.28 5.16
CA LYS B 230 26.05 -5.62 4.46
C LYS B 230 27.27 -5.19 5.29
N GLY B 231 27.21 -3.98 5.86
CA GLY B 231 28.26 -3.42 6.70
C GLY B 231 28.47 -4.19 7.98
N ILE B 232 27.37 -4.56 8.68
CA ILE B 232 27.44 -5.35 9.92
C ILE B 232 28.02 -6.72 9.63
N ARG B 233 27.56 -7.35 8.55
CA ARG B 233 28.03 -8.68 8.17
C ARG B 233 29.55 -8.70 7.94
N LYS B 234 30.07 -7.71 7.18
CA LYS B 234 31.51 -7.58 6.93
C LYS B 234 32.30 -7.35 8.25
N GLU B 235 31.70 -6.58 9.18
CA GLU B 235 32.29 -6.28 10.48
C GLU B 235 32.38 -7.49 11.42
N VAL B 236 31.27 -8.19 11.63
CA VAL B 236 31.16 -9.31 12.56
C VAL B 236 31.63 -10.64 11.99
N GLY B 237 31.71 -10.73 10.66
CA GLY B 237 32.13 -11.94 9.96
C GLY B 237 30.96 -12.83 9.63
N ASP B 238 31.22 -13.89 8.89
CA ASP B 238 30.21 -14.84 8.45
C ASP B 238 29.68 -15.75 9.54
N ASP B 239 30.48 -16.09 10.54
CA ASP B 239 30.02 -17.04 11.56
C ASP B 239 29.13 -16.44 12.65
N TYR B 240 29.14 -15.12 12.81
CA TYR B 240 28.40 -14.44 13.86
C TYR B 240 26.90 -14.28 13.58
N PRO B 241 26.02 -14.66 14.52
CA PRO B 241 24.58 -14.51 14.29
C PRO B 241 24.08 -13.07 14.08
N LEU B 242 23.50 -12.81 12.90
CA LEU B 242 22.91 -11.53 12.54
C LEU B 242 21.42 -11.78 12.28
N VAL B 243 20.60 -11.19 13.13
CA VAL B 243 19.15 -11.36 13.09
C VAL B 243 18.51 -9.99 12.87
N MET B 244 17.21 -9.97 12.64
CA MET B 244 16.56 -8.69 12.43
C MET B 244 15.07 -8.75 12.71
N ARG B 245 14.51 -7.57 12.96
CA ARG B 245 13.09 -7.36 13.16
C ARG B 245 12.64 -6.56 11.95
N LEU B 246 11.58 -7.01 11.31
CA LEU B 246 11.01 -6.32 10.15
C LEU B 246 9.49 -6.46 10.27
N ASN B 247 8.75 -5.42 9.86
CA ASN B 247 7.28 -5.47 9.87
C ASN B 247 6.78 -6.47 8.83
N SER B 248 5.66 -7.17 9.09
CA SER B 248 4.96 -8.05 8.13
C SER B 248 3.72 -7.27 7.64
N THR B 249 3.30 -6.26 8.44
CA THR B 249 2.22 -5.31 8.17
C THR B 249 2.46 -4.06 9.01
N ASP B 250 2.40 -2.87 8.39
CA ASP B 250 2.67 -1.64 9.14
C ASP B 250 1.43 -0.96 9.68
N LEU B 251 0.22 -1.34 9.18
CA LEU B 251 -1.09 -0.76 9.56
C LEU B 251 -1.14 0.78 9.40
N ILE B 252 -0.51 1.26 8.32
CA ILE B 252 -0.43 2.69 7.99
C ILE B 252 -1.03 2.81 6.59
N GLU B 253 -2.05 3.68 6.46
CA GLU B 253 -2.70 4.00 5.19
C GLU B 253 -1.66 4.79 4.42
N GLY B 254 -1.31 4.31 3.22
CA GLY B 254 -0.28 4.95 2.42
C GLY B 254 1.12 4.45 2.76
N GLY B 255 1.19 3.34 3.51
CA GLY B 255 2.45 2.69 3.88
C GLY B 255 2.84 1.66 2.85
N ASN B 256 3.65 0.66 3.24
CA ASN B 256 4.06 -0.43 2.34
C ASN B 256 3.03 -1.53 2.44
N THR B 257 2.89 -2.33 1.38
CA THR B 257 1.96 -3.46 1.42
C THR B 257 2.64 -4.61 2.19
N ASP B 258 1.85 -5.60 2.64
CA ASP B 258 2.36 -6.78 3.34
C ASP B 258 3.34 -7.52 2.41
N GLU B 259 3.01 -7.58 1.11
CA GLU B 259 3.85 -8.22 0.08
C GLU B 259 5.19 -7.49 -0.10
N GLU B 260 5.21 -6.14 0.00
CA GLU B 260 6.44 -5.36 -0.09
C GLU B 260 7.41 -5.69 1.06
N TYR B 261 6.86 -5.92 2.27
CA TYR B 261 7.67 -6.30 3.43
C TYR B 261 8.37 -7.64 3.21
N ILE B 262 7.68 -8.58 2.52
CA ILE B 262 8.21 -9.88 2.11
C ILE B 262 9.35 -9.65 1.09
N GLU B 263 9.15 -8.76 0.10
CA GLU B 263 10.18 -8.47 -0.91
C GLU B 263 11.44 -7.92 -0.24
N ILE B 264 11.26 -7.01 0.75
CA ILE B 264 12.36 -6.44 1.53
C ILE B 264 13.09 -7.58 2.24
N ALA B 265 12.33 -8.47 2.91
CA ALA B 265 12.94 -9.61 3.58
C ALA B 265 13.74 -10.46 2.57
N LYS B 266 13.21 -10.65 1.35
CA LYS B 266 13.93 -11.40 0.31
C LYS B 266 15.25 -10.69 -0.08
N MET B 267 15.24 -9.34 -0.16
CA MET B 267 16.45 -8.56 -0.46
C MET B 267 17.47 -8.76 0.67
N CYS B 268 16.99 -8.77 1.93
CA CYS B 268 17.82 -8.99 3.11
C CYS B 268 18.55 -10.32 3.02
N GLU B 269 17.80 -11.40 2.72
CA GLU B 269 18.35 -12.74 2.58
C GLU B 269 19.34 -12.86 1.45
N ALA B 270 19.10 -12.15 0.35
CA ALA B 270 19.98 -12.17 -0.80
C ALA B 270 21.26 -11.37 -0.53
N ALA B 271 21.19 -10.33 0.33
CA ALA B 271 22.34 -9.47 0.63
C ALA B 271 23.28 -10.12 1.65
N VAL B 272 22.71 -10.68 2.73
CA VAL B 272 23.45 -11.30 3.83
C VAL B 272 22.72 -12.55 4.26
N ARG B 273 23.38 -13.42 4.99
CA ARG B 273 22.68 -14.57 5.52
C ARG B 273 21.96 -14.05 6.80
N ILE B 274 20.62 -14.00 6.77
CA ILE B 274 19.81 -13.59 7.92
C ILE B 274 19.61 -14.85 8.73
N ASP B 275 19.92 -14.80 10.02
CA ASP B 275 19.89 -15.98 10.88
C ASP B 275 18.53 -16.22 11.52
N LEU B 276 17.71 -15.15 11.66
CA LEU B 276 16.37 -15.19 12.24
C LEU B 276 15.62 -13.93 11.86
N PHE B 277 14.37 -14.12 11.44
CA PHE B 277 13.49 -13.00 11.15
C PHE B 277 12.45 -12.89 12.22
N SER B 278 12.44 -11.75 12.93
CA SER B 278 11.37 -11.45 13.89
C SER B 278 10.39 -10.55 13.10
N ILE B 279 9.14 -11.01 12.96
CA ILE B 279 8.09 -10.36 12.17
C ILE B 279 7.10 -9.64 13.05
N THR B 280 6.84 -8.38 12.71
CA THR B 280 6.07 -7.50 13.55
C THR B 280 4.81 -6.93 12.92
N VAL B 281 3.99 -6.23 13.75
CA VAL B 281 2.70 -5.65 13.38
C VAL B 281 2.61 -4.19 13.82
N GLY B 282 2.30 -3.32 12.85
CA GLY B 282 2.08 -1.91 13.12
C GLY B 282 3.25 -1.01 13.44
N TRP B 283 2.92 0.27 13.49
CA TRP B 283 3.77 1.40 13.83
C TRP B 283 3.19 2.11 15.02
N HIS B 284 3.96 2.97 15.72
CA HIS B 284 3.39 3.69 16.88
C HIS B 284 2.37 4.72 16.47
N GLU B 285 2.36 5.07 15.18
CA GLU B 285 1.42 6.01 14.60
C GLU B 285 0.22 5.27 13.99
N SER B 286 0.18 3.91 14.06
CA SER B 286 -0.92 3.15 13.50
C SER B 286 -2.19 3.32 14.35
N PRO B 287 -3.33 3.74 13.76
CA PRO B 287 -4.57 3.83 14.56
C PRO B 287 -5.15 2.47 14.99
N GLY B 288 -5.19 1.50 14.08
CA GLY B 288 -5.75 0.16 14.30
C GLY B 288 -5.18 -0.67 15.45
N ALA B 289 -5.85 -1.78 15.77
CA ALA B 289 -5.45 -2.67 16.85
C ALA B 289 -4.23 -3.52 16.50
N ALA B 290 -3.21 -3.53 17.36
CA ALA B 290 -2.03 -4.37 17.16
C ALA B 290 -1.66 -5.23 18.37
N ILE B 291 -1.51 -4.58 19.55
CA ILE B 291 -1.03 -5.22 20.79
C ILE B 291 -2.09 -5.29 21.92
N THR B 292 -3.28 -4.73 21.70
CA THR B 292 -4.35 -4.69 22.70
C THR B 292 -5.07 -6.03 22.89
N ALA B 293 -5.93 -6.10 23.91
CA ALA B 293 -6.75 -7.29 24.20
C ALA B 293 -7.78 -7.59 23.08
N GLU B 294 -8.01 -6.63 22.13
CA GLU B 294 -8.85 -6.79 20.93
C GLU B 294 -8.29 -7.92 20.05
N LYS B 295 -6.94 -8.08 20.04
CA LYS B 295 -6.24 -9.13 19.32
C LYS B 295 -6.02 -10.30 20.30
N ARG B 296 -6.34 -11.50 19.85
CA ARG B 296 -6.20 -12.73 20.62
C ARG B 296 -4.97 -13.53 20.16
N PRO B 297 -4.41 -14.48 20.95
CA PRO B 297 -3.25 -15.27 20.45
C PRO B 297 -3.59 -15.98 19.11
N GLY B 298 -2.68 -15.86 18.15
CA GLY B 298 -2.82 -16.46 16.81
C GLY B 298 -3.47 -15.57 15.76
N ASP B 299 -4.00 -14.39 16.16
CA ASP B 299 -4.65 -13.41 15.28
C ASP B 299 -3.76 -12.81 14.20
N TRP B 300 -2.44 -12.94 14.36
CA TRP B 300 -1.47 -12.39 13.40
C TRP B 300 -0.64 -13.47 12.70
N LEU B 301 -0.76 -14.75 13.12
CA LEU B 301 0.01 -15.87 12.57
C LEU B 301 -0.13 -16.11 11.07
N HIS B 302 -1.21 -15.59 10.42
CA HIS B 302 -1.42 -15.76 8.97
C HIS B 302 -0.30 -15.08 8.20
N LEU B 303 0.23 -14.00 8.81
CA LEU B 303 1.36 -13.25 8.28
C LEU B 303 2.62 -14.15 8.22
N ALA B 304 2.91 -14.94 9.29
CA ALA B 304 4.04 -15.88 9.32
C ALA B 304 3.88 -16.93 8.22
N ASP B 305 2.62 -17.35 7.94
CA ASP B 305 2.27 -18.31 6.87
C ASP B 305 2.67 -17.79 5.50
N ASN B 306 2.42 -16.49 5.25
CA ASN B 306 2.73 -15.85 3.98
C ASN B 306 4.21 -15.77 3.73
N TRP B 307 5.01 -15.50 4.78
CA TRP B 307 6.47 -15.45 4.69
C TRP B 307 7.02 -16.83 4.34
N LYS B 308 6.47 -17.89 4.98
CA LYS B 308 6.87 -19.30 4.75
C LYS B 308 6.56 -19.76 3.31
N LYS B 309 5.33 -19.48 2.82
CA LYS B 309 4.95 -19.86 1.46
C LYS B 309 5.67 -18.98 0.41
N ALA B 310 6.17 -17.79 0.81
CA ALA B 310 6.94 -16.90 -0.07
C ALA B 310 8.36 -17.42 -0.29
N GLY B 311 8.80 -18.37 0.54
CA GLY B 311 10.10 -19.03 0.40
C GLY B 311 11.22 -18.48 1.24
N ILE B 312 10.91 -17.73 2.31
CA ILE B 312 11.92 -17.18 3.25
C ILE B 312 12.64 -18.37 3.88
N LYS B 313 13.97 -18.43 3.71
CA LYS B 313 14.82 -19.53 4.19
C LYS B 313 15.09 -19.48 5.68
N ALA B 314 15.39 -18.28 6.21
CA ALA B 314 15.70 -18.04 7.62
C ALA B 314 14.54 -18.45 8.53
N PRO B 315 14.84 -19.00 9.73
CA PRO B 315 13.76 -19.29 10.69
C PRO B 315 13.04 -18.00 11.09
N ILE B 316 11.75 -18.10 11.38
CA ILE B 316 10.88 -16.97 11.74
C ILE B 316 10.47 -17.06 13.20
N CYS B 317 10.32 -15.89 13.84
CA CYS B 317 9.73 -15.78 15.17
C CYS B 317 8.69 -14.69 15.22
N MET B 318 7.65 -14.86 16.06
CA MET B 318 6.58 -13.86 16.17
C MET B 318 6.02 -13.67 17.58
N ALA B 319 5.89 -12.40 18.00
CA ALA B 319 5.31 -11.99 19.25
C ALA B 319 3.86 -11.51 18.93
N TYR B 320 3.44 -10.35 19.48
CA TYR B 320 2.18 -9.64 19.17
C TYR B 320 0.93 -10.42 19.61
N ARG B 321 0.68 -10.36 20.92
CA ARG B 321 -0.43 -10.94 21.66
C ARG B 321 -0.36 -12.48 21.71
N MET B 322 0.86 -13.02 21.67
CA MET B 322 1.10 -14.46 21.78
C MET B 322 1.47 -14.74 23.23
N ASN B 323 0.45 -14.73 24.09
CA ASN B 323 0.61 -14.89 25.54
C ASN B 323 0.21 -16.28 26.05
N GLN B 324 -0.08 -17.22 25.13
CA GLN B 324 -0.52 -18.58 25.48
C GLN B 324 0.47 -19.67 25.02
N PRO B 325 1.01 -20.49 25.94
CA PRO B 325 1.90 -21.59 25.51
C PRO B 325 1.24 -22.58 24.55
N ASP B 326 -0.07 -22.86 24.75
CA ASP B 326 -0.82 -23.81 23.92
C ASP B 326 -0.92 -23.37 22.47
N VAL B 327 -1.15 -22.06 22.25
CA VAL B 327 -1.27 -21.49 20.89
C VAL B 327 0.12 -21.50 20.20
N ALA B 328 1.16 -21.11 20.93
CA ALA B 328 2.52 -21.08 20.39
C ALA B 328 3.04 -22.47 20.09
N GLU B 329 2.75 -23.46 20.98
CA GLU B 329 3.16 -24.86 20.84
C GLU B 329 2.66 -25.41 19.50
N LYS B 330 1.36 -25.20 19.20
CA LYS B 330 0.68 -25.62 17.98
C LYS B 330 1.31 -24.92 16.78
N ALA B 331 1.54 -23.59 16.88
CA ALA B 331 2.13 -22.78 15.80
C ALA B 331 3.51 -23.29 15.42
N VAL B 332 4.34 -23.64 16.41
CA VAL B 332 5.68 -24.19 16.21
C VAL B 332 5.59 -25.63 15.68
N ALA B 333 4.66 -26.46 16.21
CA ALA B 333 4.44 -27.85 15.76
C ALA B 333 4.02 -27.93 14.29
N GLU B 334 3.14 -27.00 13.84
CA GLU B 334 2.63 -26.91 12.48
C GLU B 334 3.59 -26.17 11.51
N GLY B 335 4.75 -25.74 12.02
CA GLY B 335 5.77 -25.07 11.24
C GLY B 335 5.45 -23.65 10.80
N ARG B 336 4.43 -23.02 11.40
CA ARG B 336 4.04 -21.63 11.06
C ARG B 336 5.13 -20.63 11.50
N ILE B 337 5.68 -20.86 12.71
CA ILE B 337 6.80 -20.12 13.29
C ILE B 337 7.83 -21.12 13.80
N ASP B 338 9.11 -20.73 13.85
CA ASP B 338 10.14 -21.60 14.39
C ASP B 338 10.40 -21.29 15.84
N ILE B 339 10.16 -20.02 16.23
CA ILE B 339 10.36 -19.54 17.60
C ILE B 339 9.18 -18.72 18.06
N TRP B 340 8.75 -18.97 19.31
CA TRP B 340 7.74 -18.18 20.00
C TRP B 340 8.48 -16.98 20.63
N GLU B 341 8.33 -15.80 20.04
CA GLU B 341 8.93 -14.58 20.57
C GLU B 341 7.90 -13.91 21.49
N MET B 342 8.35 -13.20 22.52
CA MET B 342 7.43 -12.47 23.38
C MET B 342 8.11 -11.33 24.13
N CYS B 343 7.34 -10.26 24.38
CA CYS B 343 7.82 -9.15 25.21
C CYS B 343 7.00 -9.11 26.50
N ARG B 344 5.74 -8.65 26.45
CA ARG B 344 4.90 -8.48 27.64
C ARG B 344 4.70 -9.79 28.42
N PRO B 345 4.50 -10.99 27.79
CA PRO B 345 4.47 -12.21 28.61
C PRO B 345 5.76 -12.44 29.42
N GLY B 346 6.90 -11.93 28.93
CA GLY B 346 8.20 -12.03 29.60
C GLY B 346 8.42 -10.96 30.66
N ILE B 347 7.64 -9.85 30.57
CA ILE B 347 7.64 -8.79 31.57
C ILE B 347 6.85 -9.32 32.78
N ALA B 348 5.61 -9.78 32.48
CA ALA B 348 4.65 -10.36 33.41
C ALA B 348 5.22 -11.60 34.10
N ASP B 349 5.85 -12.51 33.34
CA ASP B 349 6.43 -13.71 33.91
C ASP B 349 7.79 -14.04 33.32
N PRO B 350 8.88 -13.64 34.00
CA PRO B 350 10.23 -13.94 33.46
C PRO B 350 10.56 -15.43 33.50
N TYR B 351 9.84 -16.21 34.33
CA TYR B 351 10.03 -17.63 34.47
C TYR B 351 9.05 -18.45 33.62
N LEU B 352 8.34 -17.80 32.66
CA LEU B 352 7.41 -18.49 31.75
C LEU B 352 8.10 -19.70 31.04
N PRO B 353 9.33 -19.58 30.47
CA PRO B 353 9.93 -20.76 29.80
C PRO B 353 10.24 -21.90 30.75
N LYS B 354 10.70 -21.58 31.97
CA LYS B 354 10.96 -22.56 33.02
C LYS B 354 9.66 -23.30 33.38
N LYS B 355 8.52 -22.57 33.41
CA LYS B 355 7.20 -23.14 33.71
C LYS B 355 6.69 -24.03 32.57
N VAL B 356 6.89 -23.57 31.33
CA VAL B 356 6.49 -24.29 30.12
C VAL B 356 7.25 -25.64 30.06
N CYS B 357 8.57 -25.59 30.24
CA CYS B 357 9.40 -26.77 30.12
C CYS B 357 9.36 -27.69 31.36
N GLU B 358 8.88 -27.19 32.52
CA GLU B 358 8.71 -28.07 33.66
C GLU B 358 7.28 -28.62 33.68
N GLY B 359 6.49 -28.28 32.66
CA GLY B 359 5.11 -28.74 32.51
C GLY B 359 4.15 -28.22 33.56
N ARG B 360 4.30 -26.93 33.93
CA ARG B 360 3.43 -26.28 34.92
C ARG B 360 2.90 -24.96 34.37
N PRO B 361 2.06 -25.01 33.29
CA PRO B 361 1.54 -23.77 32.71
C PRO B 361 0.62 -23.01 33.65
N GLU B 362 -0.03 -23.71 34.61
CA GLU B 362 -0.96 -23.15 35.60
C GLU B 362 -0.28 -22.18 36.55
N ASP B 363 1.08 -22.25 36.63
CA ASP B 363 1.90 -21.35 37.43
C ASP B 363 2.28 -20.08 36.67
N ILE B 364 1.89 -19.96 35.39
CA ILE B 364 2.24 -18.79 34.57
C ILE B 364 1.44 -17.55 34.96
N VAL B 365 2.18 -16.45 35.24
CA VAL B 365 1.63 -15.13 35.54
C VAL B 365 1.41 -14.53 34.14
N THR B 366 0.19 -14.66 33.64
CA THR B 366 -0.19 -14.23 32.30
C THR B 366 -0.33 -12.72 32.18
N CYS B 367 0.18 -12.19 31.08
CA CYS B 367 0.05 -10.79 30.74
C CYS B 367 -1.41 -10.59 30.24
N THR B 368 -2.11 -9.59 30.80
CA THR B 368 -3.51 -9.29 30.45
C THR B 368 -3.62 -8.15 29.42
N ALA B 369 -2.51 -7.67 28.87
CA ALA B 369 -2.46 -6.56 27.89
C ALA B 369 -3.10 -5.26 28.41
N CYS B 370 -2.82 -4.93 29.69
CA CYS B 370 -3.34 -3.71 30.30
C CYS B 370 -2.57 -2.49 29.76
N ASN B 371 -1.29 -2.71 29.37
CA ASN B 371 -0.35 -1.72 28.78
C ASN B 371 -0.02 -0.55 29.74
N GLN B 372 -0.33 -0.74 31.05
CA GLN B 372 -0.10 0.25 32.12
C GLN B 372 1.39 0.43 32.46
N GLY B 373 1.96 -0.54 33.15
CA GLY B 373 3.34 -0.48 33.59
C GLY B 373 4.34 -0.55 32.45
N CYS B 374 3.98 -1.26 31.36
CA CYS B 374 4.92 -1.46 30.26
C CYS B 374 4.92 -0.28 29.23
N PHE B 375 4.09 -0.34 28.19
CA PHE B 375 3.98 0.66 27.14
C PHE B 375 3.74 2.07 27.65
N TYR B 376 2.72 2.27 28.50
CA TYR B 376 2.34 3.59 28.97
C TYR B 376 3.42 4.27 29.82
N TYR B 377 3.95 3.60 30.87
CA TYR B 377 5.01 4.16 31.71
C TYR B 377 6.25 4.52 30.86
N VAL B 378 6.65 3.63 29.93
CA VAL B 378 7.82 3.87 29.06
C VAL B 378 7.58 5.05 28.14
N PHE B 379 6.36 5.19 27.58
CA PHE B 379 6.03 6.29 26.65
C PHE B 379 5.86 7.65 27.33
N ILE B 380 5.62 7.70 28.65
CA ILE B 380 5.52 8.96 29.38
C ILE B 380 6.85 9.29 30.07
N ASP B 381 7.90 8.54 29.69
CA ASP B 381 9.27 8.64 30.18
C ASP B 381 9.36 8.40 31.70
N ALA B 382 8.60 7.38 32.16
CA ALA B 382 8.63 6.88 33.53
C ALA B 382 9.32 5.51 33.52
N ILE B 383 9.81 5.07 34.69
CA ILE B 383 10.44 3.77 34.87
C ILE B 383 9.41 2.68 34.61
N MET B 384 9.76 1.70 33.76
CA MET B 384 8.81 0.63 33.45
C MET B 384 8.43 -0.16 34.73
N GLY B 385 7.17 -0.58 34.78
CA GLY B 385 6.62 -1.43 35.82
C GLY B 385 5.74 -2.49 35.18
N CYS B 386 5.01 -3.27 35.99
CA CYS B 386 4.07 -4.26 35.48
C CYS B 386 2.99 -4.46 36.50
N MET B 387 1.73 -4.44 36.03
CA MET B 387 0.54 -4.61 36.85
C MET B 387 0.53 -5.92 37.65
N VAL B 388 0.78 -7.04 36.96
CA VAL B 388 0.72 -8.38 37.53
C VAL B 388 2.06 -8.81 38.14
N ASN B 389 3.15 -8.10 37.82
CA ASN B 389 4.48 -8.42 38.33
C ASN B 389 5.15 -7.21 39.01
N PRO B 390 4.99 -7.13 40.34
CA PRO B 390 5.63 -6.04 41.12
C PRO B 390 7.16 -6.08 41.19
N ARG B 391 7.79 -7.16 40.72
CA ARG B 391 9.26 -7.28 40.71
C ARG B 391 9.88 -6.45 39.55
N VAL B 392 9.12 -6.13 38.48
CA VAL B 392 9.61 -5.39 37.31
C VAL B 392 10.20 -4.02 37.70
N GLY B 393 11.51 -3.87 37.46
CA GLY B 393 12.27 -2.67 37.79
C GLY B 393 12.81 -2.69 39.21
N ASN B 394 12.50 -3.77 39.95
CA ASN B 394 12.87 -3.94 41.36
C ASN B 394 13.71 -5.17 41.68
N GLU B 395 14.07 -5.97 40.65
CA GLU B 395 14.93 -7.18 40.74
C GLU B 395 16.26 -6.87 41.43
N TRP B 396 16.79 -5.64 41.22
CA TRP B 396 18.04 -5.14 41.80
C TRP B 396 17.87 -4.77 43.26
N ASP B 397 16.64 -4.36 43.64
CA ASP B 397 16.31 -3.83 44.96
C ASP B 397 16.29 -4.85 46.09
N PRO B 398 17.16 -4.70 47.12
CA PRO B 398 17.11 -5.64 48.27
C PRO B 398 15.76 -5.67 48.98
N ALA B 399 14.97 -4.56 48.93
CA ALA B 399 13.64 -4.51 49.58
C ALA B 399 12.59 -5.39 48.90
N TYR B 400 12.88 -5.96 47.73
CA TYR B 400 11.98 -6.83 46.95
C TYR B 400 12.47 -8.28 46.95
N ALA B 401 13.64 -8.54 47.54
CA ALA B 401 14.18 -9.89 47.68
C ALA B 401 13.20 -10.79 48.46
N ILE B 402 13.05 -12.04 48.03
CA ILE B 402 12.14 -12.99 48.67
C ILE B 402 13.00 -13.90 49.53
N ASN B 403 12.91 -13.69 50.85
CA ASN B 403 13.73 -14.43 51.81
C ASN B 403 12.90 -15.31 52.72
N PRO B 404 13.35 -16.55 53.03
CA PRO B 404 12.57 -17.42 53.93
C PRO B 404 12.47 -16.81 55.32
N ALA B 405 11.29 -16.91 55.92
CA ALA B 405 11.05 -16.47 57.28
C ALA B 405 11.51 -17.61 58.18
N ALA B 406 12.42 -17.33 59.14
CA ALA B 406 12.97 -18.35 60.01
C ALA B 406 11.94 -18.95 60.98
N LYS B 407 11.23 -18.10 61.73
CA LYS B 407 10.22 -18.55 62.69
C LYS B 407 8.87 -18.11 62.15
N LYS B 408 8.10 -19.08 61.59
CA LYS B 408 6.80 -18.87 60.93
C LYS B 408 5.75 -18.23 61.83
N LYS B 409 5.03 -17.24 61.28
CA LYS B 409 3.95 -16.54 61.95
C LYS B 409 2.59 -16.99 61.41
N LYS B 410 1.54 -16.84 62.23
CA LYS B 410 0.16 -17.10 61.85
C LYS B 410 -0.34 -15.81 61.22
N VAL B 411 -0.58 -15.88 59.91
CA VAL B 411 -1.02 -14.75 59.09
C VAL B 411 -2.46 -14.93 58.64
N LEU B 412 -3.32 -13.97 59.02
CA LEU B 412 -4.72 -13.94 58.60
C LEU B 412 -4.90 -12.82 57.59
N VAL B 413 -5.32 -13.18 56.40
CA VAL B 413 -5.58 -12.24 55.33
C VAL B 413 -7.10 -12.18 55.15
N VAL B 414 -7.67 -10.99 55.27
CA VAL B 414 -9.10 -10.76 55.09
C VAL B 414 -9.30 -10.22 53.68
N GLY B 415 -9.96 -11.01 52.84
CA GLY B 415 -10.26 -10.63 51.47
C GLY B 415 -9.43 -11.35 50.43
N ALA B 416 -10.11 -12.11 49.54
CA ALA B 416 -9.46 -12.87 48.46
C ALA B 416 -9.49 -12.14 47.12
N GLY B 417 -9.28 -10.85 47.18
CA GLY B 417 -9.09 -10.02 46.00
C GLY B 417 -7.62 -10.10 45.63
N PRO B 418 -7.18 -9.33 44.61
CA PRO B 418 -5.78 -9.41 44.17
C PRO B 418 -4.72 -9.01 45.19
N SER B 419 -4.95 -7.97 46.02
CA SER B 419 -3.96 -7.61 47.05
C SER B 419 -3.86 -8.66 48.12
N GLY B 420 -4.99 -9.15 48.61
CA GLY B 420 -5.04 -10.21 49.61
C GLY B 420 -4.34 -11.47 49.18
N MET B 421 -4.66 -11.95 47.96
CA MET B 421 -4.07 -13.15 47.38
C MET B 421 -2.57 -12.99 47.07
N GLU B 422 -2.13 -11.81 46.53
CA GLU B 422 -0.70 -11.61 46.29
C GLU B 422 0.06 -11.60 47.63
N CYS B 423 -0.52 -10.95 48.66
CA CYS B 423 0.07 -10.92 49.99
C CYS B 423 0.20 -12.32 50.57
N ALA B 424 -0.93 -13.06 50.57
CA ALA B 424 -1.02 -14.43 51.10
C ALA B 424 -0.06 -15.36 50.38
N ARG B 425 0.04 -15.21 49.03
CA ARG B 425 0.91 -16.03 48.21
C ARG B 425 2.36 -15.88 48.66
N LEU B 426 2.85 -14.63 48.76
CA LEU B 426 4.23 -14.37 49.17
C LEU B 426 4.52 -14.74 50.59
N ALA B 427 3.57 -14.46 51.52
CA ALA B 427 3.75 -14.84 52.92
C ALA B 427 3.84 -16.38 53.02
N ALA B 428 3.07 -17.13 52.22
CA ALA B 428 3.13 -18.61 52.23
C ALA B 428 4.42 -19.11 51.58
N VAL B 429 4.84 -18.49 50.45
CA VAL B 429 6.10 -18.78 49.74
C VAL B 429 7.26 -18.67 50.76
N ARG B 430 7.26 -17.59 51.57
CA ARG B 430 8.28 -17.38 52.58
C ARG B 430 8.13 -18.30 53.82
N GLY B 431 7.12 -19.18 53.82
CA GLY B 431 6.94 -20.17 54.87
C GLY B 431 5.97 -19.87 56.00
N HIS B 432 5.21 -18.76 55.92
CA HIS B 432 4.24 -18.45 56.98
C HIS B 432 3.01 -19.37 56.92
N ASP B 433 2.28 -19.46 58.04
CA ASP B 433 1.04 -20.22 58.16
C ASP B 433 -0.06 -19.23 57.82
N VAL B 434 -0.55 -19.32 56.60
CA VAL B 434 -1.49 -18.36 56.03
C VAL B 434 -2.92 -18.88 55.88
N THR B 435 -3.88 -18.01 56.24
CA THR B 435 -5.32 -18.21 56.11
C THR B 435 -5.90 -17.00 55.38
N ILE B 436 -6.81 -17.23 54.44
CA ILE B 436 -7.54 -16.17 53.76
C ILE B 436 -9.00 -16.36 54.13
N MET B 437 -9.65 -15.29 54.60
CA MET B 437 -11.09 -15.31 54.87
C MET B 437 -11.71 -14.50 53.75
N GLU B 438 -12.68 -15.08 53.06
CA GLU B 438 -13.36 -14.45 51.93
C GLU B 438 -14.88 -14.55 52.13
N LYS B 439 -15.59 -13.38 52.16
CA LYS B 439 -17.04 -13.34 52.40
C LYS B 439 -17.87 -14.02 51.31
N SER B 440 -17.45 -13.95 50.02
CA SER B 440 -18.17 -14.56 48.89
C SER B 440 -17.80 -16.05 48.71
N ASP B 441 -18.48 -16.71 47.74
CA ASP B 441 -18.29 -18.13 47.41
C ASP B 441 -17.06 -18.42 46.51
N SER B 442 -16.32 -17.38 46.09
CA SER B 442 -15.16 -17.56 45.23
C SER B 442 -14.15 -16.45 45.36
N ILE B 443 -12.92 -16.76 44.97
CA ILE B 443 -11.81 -15.82 44.99
C ILE B 443 -11.95 -14.83 43.81
N GLY B 444 -11.13 -13.81 43.84
CA GLY B 444 -11.03 -12.83 42.77
C GLY B 444 -11.33 -11.40 43.14
N GLY B 445 -12.31 -11.20 44.03
CA GLY B 445 -12.78 -9.88 44.43
C GLY B 445 -13.34 -9.14 43.23
N GLU B 446 -12.87 -7.91 42.97
CA GLU B 446 -13.31 -7.13 41.81
C GLU B 446 -12.80 -7.71 40.47
N VAL B 447 -11.69 -8.49 40.48
CA VAL B 447 -11.13 -9.17 39.28
C VAL B 447 -12.14 -10.22 38.73
N LYS B 448 -12.85 -10.89 39.65
CA LYS B 448 -13.90 -11.86 39.39
C LYS B 448 -15.13 -11.17 38.74
N LEU B 449 -15.35 -9.86 39.03
CA LEU B 449 -16.44 -9.08 38.42
C LEU B 449 -16.01 -8.53 37.05
N GLY B 450 -14.80 -7.99 36.98
CA GLY B 450 -14.21 -7.42 35.76
C GLY B 450 -14.04 -8.42 34.63
N VAL B 451 -13.78 -9.71 34.95
CA VAL B 451 -13.61 -10.78 33.97
C VAL B 451 -14.87 -10.92 33.03
N LYS B 452 -16.05 -10.46 33.48
CA LYS B 452 -17.28 -10.48 32.69
C LYS B 452 -17.26 -9.46 31.53
N SER B 453 -16.43 -8.41 31.63
CA SER B 453 -16.29 -7.36 30.61
C SER B 453 -15.61 -7.89 29.35
N PRO B 454 -16.12 -7.50 28.15
CA PRO B 454 -15.55 -8.03 26.90
C PRO B 454 -14.02 -7.97 26.74
N LEU B 455 -13.39 -6.86 27.16
CA LEU B 455 -11.95 -6.73 26.96
C LEU B 455 -11.09 -7.25 28.10
N LEU B 456 -11.72 -7.72 29.19
CA LEU B 456 -11.01 -8.23 30.36
C LEU B 456 -11.06 -9.77 30.46
N TYR B 457 -11.13 -10.46 29.30
CA TYR B 457 -11.15 -11.91 29.28
C TYR B 457 -9.88 -12.54 29.85
N ASP B 458 -8.71 -11.88 29.69
CA ASP B 458 -7.45 -12.46 30.23
C ASP B 458 -7.38 -12.38 31.76
N TRP B 459 -8.37 -11.72 32.44
CA TRP B 459 -8.48 -11.64 33.90
C TRP B 459 -8.83 -13.01 34.47
N ALA B 460 -9.38 -13.92 33.64
CA ALA B 460 -9.67 -15.30 34.06
C ALA B 460 -8.32 -16.06 34.32
N GLU B 461 -7.25 -15.65 33.60
CA GLU B 461 -5.90 -16.22 33.75
C GLU B 461 -5.32 -15.81 35.09
N THR B 462 -5.64 -14.59 35.55
CA THR B 462 -5.21 -14.07 36.85
C THR B 462 -5.91 -14.88 37.96
N ILE B 463 -7.21 -15.19 37.78
CA ILE B 463 -7.99 -16.00 38.73
C ILE B 463 -7.39 -17.42 38.76
N ARG B 464 -7.17 -18.02 37.57
CA ARG B 464 -6.63 -19.36 37.42
C ARG B 464 -5.27 -19.44 38.10
N TYR B 465 -4.42 -18.41 37.91
CA TYR B 465 -3.12 -18.41 38.54
C TYR B 465 -3.19 -18.43 40.08
N TYR B 466 -3.97 -17.48 40.68
CA TYR B 466 -4.09 -17.39 42.13
C TYR B 466 -4.80 -18.59 42.74
N LYS B 467 -5.77 -19.19 42.03
CA LYS B 467 -6.48 -20.40 42.50
C LYS B 467 -5.49 -21.55 42.61
N ALA B 468 -4.64 -21.74 41.59
CA ALA B 468 -3.61 -22.79 41.58
C ALA B 468 -2.53 -22.56 42.63
N GLN B 469 -2.15 -21.28 42.88
CA GLN B 469 -1.12 -20.95 43.90
C GLN B 469 -1.61 -21.25 45.31
N ILE B 470 -2.87 -20.86 45.64
CA ILE B 470 -3.47 -21.10 46.96
C ILE B 470 -3.43 -22.60 47.29
N ASP B 471 -3.83 -23.44 46.29
CA ASP B 471 -3.87 -24.91 46.32
C ASP B 471 -2.48 -25.46 46.63
N LYS B 472 -1.51 -25.19 45.75
CA LYS B 472 -0.13 -25.65 45.86
C LYS B 472 0.57 -25.23 47.16
N LEU B 473 0.41 -23.97 47.60
CA LEU B 473 1.07 -23.43 48.81
C LEU B 473 0.45 -23.86 50.15
N GLY B 474 -0.68 -24.56 50.09
CA GLY B 474 -1.41 -25.00 51.27
C GLY B 474 -2.04 -23.87 52.06
N ILE B 475 -2.41 -22.76 51.37
CA ILE B 475 -3.08 -21.64 52.02
C ILE B 475 -4.50 -22.08 52.44
N LYS B 476 -4.81 -21.90 53.73
CA LYS B 476 -6.13 -22.21 54.25
C LYS B 476 -7.07 -21.14 53.75
N LEU B 477 -7.85 -21.49 52.73
CA LEU B 477 -8.82 -20.59 52.15
C LEU B 477 -10.18 -20.87 52.78
N LYS B 478 -10.75 -19.84 53.39
CA LYS B 478 -12.05 -19.95 54.03
C LYS B 478 -13.03 -19.10 53.28
N LEU B 479 -13.72 -19.72 52.29
CA LEU B 479 -14.75 -19.08 51.47
C LEU B 479 -16.03 -18.97 52.27
N ASN B 480 -16.95 -18.05 51.85
CA ASN B 480 -18.25 -17.78 52.52
C ASN B 480 -18.07 -17.40 53.98
N THR B 481 -16.92 -16.77 54.29
CA THR B 481 -16.51 -16.42 55.65
C THR B 481 -16.27 -14.94 55.76
N GLU B 482 -17.25 -14.22 56.33
CA GLU B 482 -17.13 -12.79 56.53
C GLU B 482 -16.31 -12.61 57.77
N ALA B 483 -15.15 -11.95 57.65
CA ALA B 483 -14.30 -11.70 58.81
C ALA B 483 -14.90 -10.58 59.64
N THR B 484 -14.96 -10.78 60.95
CA THR B 484 -15.50 -9.84 61.95
C THR B 484 -14.49 -9.72 63.06
N ALA B 485 -14.71 -8.79 64.01
CA ALA B 485 -13.84 -8.64 65.17
C ALA B 485 -13.74 -9.97 65.94
N ASP B 486 -14.88 -10.68 66.10
CA ASP B 486 -14.96 -11.96 66.79
C ASP B 486 -14.26 -13.10 66.08
N SER B 487 -14.43 -13.23 64.74
CA SER B 487 -13.81 -14.32 63.98
C SER B 487 -12.30 -14.15 63.86
N ILE B 488 -11.82 -12.89 63.86
CA ILE B 488 -10.39 -12.56 63.86
C ILE B 488 -9.84 -12.97 65.24
N LYS B 489 -10.52 -12.57 66.33
CA LYS B 489 -10.13 -12.91 67.69
C LYS B 489 -10.07 -14.44 67.92
N ALA B 490 -11.06 -15.18 67.39
CA ALA B 490 -11.10 -16.64 67.46
C ALA B 490 -9.88 -17.24 66.76
N GLU B 491 -9.53 -16.68 65.58
CA GLU B 491 -8.37 -17.10 64.78
C GLU B 491 -7.07 -16.75 65.51
N ALA B 492 -7.06 -15.67 66.32
CA ALA B 492 -5.91 -15.17 67.09
C ALA B 492 -4.59 -15.13 66.27
N PRO B 493 -4.55 -14.47 65.07
CA PRO B 493 -3.29 -14.48 64.30
C PRO B 493 -2.23 -13.54 64.86
N ASP B 494 -1.00 -13.73 64.42
CA ASP B 494 0.13 -12.89 64.79
C ASP B 494 0.04 -11.62 63.95
N VAL B 495 -0.38 -11.77 62.67
CA VAL B 495 -0.48 -10.68 61.71
C VAL B 495 -1.84 -10.70 61.01
N LEU B 496 -2.59 -9.60 61.15
CA LEU B 496 -3.85 -9.41 60.46
C LEU B 496 -3.60 -8.48 59.29
N VAL B 497 -3.94 -8.96 58.09
CA VAL B 497 -3.83 -8.22 56.85
C VAL B 497 -5.27 -7.99 56.32
N ILE B 498 -5.75 -6.74 56.39
CA ILE B 498 -7.07 -6.36 55.90
C ILE B 498 -6.93 -5.92 54.42
N ALA B 499 -7.63 -6.63 53.50
CA ALA B 499 -7.58 -6.37 52.06
C ALA B 499 -9.00 -6.51 51.49
N THR B 500 -9.96 -5.80 52.12
CA THR B 500 -11.41 -5.83 51.86
C THR B 500 -11.89 -5.01 50.63
N GLY B 501 -10.95 -4.38 49.93
CA GLY B 501 -11.22 -3.66 48.70
C GLY B 501 -12.05 -2.39 48.71
N GLY B 502 -12.70 -2.14 47.58
CA GLY B 502 -13.51 -0.96 47.37
C GLY B 502 -14.97 -1.28 47.17
N LYS B 503 -15.81 -0.27 47.28
CA LYS B 503 -17.25 -0.39 47.08
C LYS B 503 -17.78 0.83 46.29
N PRO B 504 -18.81 0.68 45.42
CA PRO B 504 -19.30 1.87 44.69
C PRO B 504 -19.65 3.05 45.60
N SER B 505 -19.25 4.24 45.18
CA SER B 505 -19.51 5.45 45.94
C SER B 505 -20.99 5.85 45.81
N ARG B 506 -21.45 6.75 46.67
CA ARG B 506 -22.83 7.27 46.66
C ARG B 506 -22.75 8.81 46.60
N PRO B 507 -22.56 9.40 45.39
CA PRO B 507 -22.47 10.85 45.29
C PRO B 507 -23.77 11.53 45.67
N LYS B 508 -23.68 12.80 46.04
CA LYS B 508 -24.82 13.60 46.48
C LYS B 508 -25.64 14.04 45.26
N ILE B 509 -26.47 13.12 44.72
CA ILE B 509 -27.32 13.37 43.55
C ILE B 509 -28.77 13.37 43.98
N GLU B 510 -29.57 14.31 43.44
CA GLU B 510 -31.00 14.39 43.73
C GLU B 510 -31.72 13.19 43.13
N GLY B 511 -32.39 12.43 43.98
CA GLY B 511 -33.11 11.23 43.55
C GLY B 511 -32.21 10.02 43.41
N ILE B 512 -31.09 9.96 44.17
CA ILE B 512 -30.19 8.80 44.20
C ILE B 512 -30.87 7.62 44.93
N ASP B 513 -31.87 7.91 45.79
CA ASP B 513 -32.61 6.92 46.56
C ASP B 513 -33.69 6.22 45.75
N ASN B 514 -33.87 6.58 44.47
CA ASN B 514 -34.86 5.99 43.56
C ASN B 514 -34.54 4.52 43.31
N LYS B 515 -35.59 3.72 43.15
CA LYS B 515 -35.62 2.27 42.90
C LYS B 515 -34.89 1.94 41.61
N ILE B 516 -34.94 2.86 40.62
CA ILE B 516 -34.27 2.74 39.32
C ILE B 516 -32.72 2.62 39.47
N VAL B 517 -32.14 3.28 40.51
CA VAL B 517 -30.70 3.38 40.71
C VAL B 517 -30.09 2.04 41.15
N THR B 518 -29.03 1.64 40.46
CA THR B 518 -28.27 0.44 40.72
C THR B 518 -26.77 0.80 40.69
N ASN B 519 -25.89 -0.18 40.89
CA ASN B 519 -24.47 0.11 40.84
C ASN B 519 -23.74 -0.97 40.05
N VAL B 520 -22.42 -0.79 39.79
CA VAL B 520 -21.61 -1.74 39.02
C VAL B 520 -21.53 -3.16 39.69
N PHE B 521 -21.51 -3.21 41.03
CA PHE B 521 -21.44 -4.46 41.79
C PHE B 521 -22.69 -5.30 41.60
N ASP B 522 -23.90 -4.72 41.75
CA ASP B 522 -25.18 -5.44 41.56
C ASP B 522 -25.36 -5.92 40.12
N ILE B 523 -24.83 -5.17 39.13
CA ILE B 523 -24.89 -5.55 37.72
C ILE B 523 -24.09 -6.84 37.56
N LEU B 524 -22.81 -6.80 37.97
CA LEU B 524 -21.85 -7.88 37.75
C LEU B 524 -22.07 -9.09 38.62
N GLU B 525 -22.73 -8.92 39.78
CA GLU B 525 -23.08 -10.04 40.68
C GLU B 525 -24.43 -10.66 40.27
N GLY B 526 -25.07 -10.07 39.26
CA GLY B 526 -26.39 -10.49 38.77
C GLY B 526 -27.51 -10.30 39.77
N LYS B 527 -27.40 -9.26 40.62
CA LYS B 527 -28.36 -8.94 41.68
C LYS B 527 -29.45 -7.96 41.24
N VAL B 528 -29.43 -7.56 39.94
CA VAL B 528 -30.37 -6.62 39.34
C VAL B 528 -30.79 -7.09 37.95
N LYS B 529 -32.10 -6.99 37.68
CA LYS B 529 -32.66 -7.35 36.38
C LYS B 529 -32.74 -6.04 35.62
N LEU B 530 -31.94 -5.95 34.55
CA LEU B 530 -31.88 -4.75 33.74
C LEU B 530 -32.88 -4.76 32.59
N GLY B 531 -33.37 -3.57 32.22
CA GLY B 531 -34.30 -3.34 31.12
C GLY B 531 -33.56 -3.21 29.80
N ASP B 532 -34.23 -2.62 28.81
CA ASP B 532 -33.72 -2.42 27.45
C ASP B 532 -32.82 -1.19 27.35
N LYS B 533 -33.10 -0.13 28.13
CA LYS B 533 -32.35 1.14 28.16
C LYS B 533 -31.64 1.27 29.49
N VAL B 534 -30.31 1.24 29.47
CA VAL B 534 -29.49 1.35 30.69
C VAL B 534 -28.56 2.57 30.58
N VAL B 535 -28.68 3.49 31.55
CA VAL B 535 -27.90 4.73 31.57
C VAL B 535 -26.89 4.71 32.73
N PHE B 536 -25.60 4.94 32.39
CA PHE B 536 -24.48 4.98 33.32
C PHE B 536 -24.08 6.41 33.67
N ILE B 537 -24.00 6.73 34.97
CA ILE B 537 -23.53 8.06 35.41
C ILE B 537 -22.09 7.83 35.88
N GLY B 538 -21.16 8.43 35.15
CA GLY B 538 -19.73 8.26 35.38
C GLY B 538 -19.14 7.63 34.14
N GLY B 539 -18.03 8.17 33.68
CA GLY B 539 -17.35 7.68 32.48
C GLY B 539 -15.95 7.16 32.73
N ASN B 540 -15.65 6.79 33.97
CA ASN B 540 -14.37 6.20 34.38
C ASN B 540 -14.27 4.75 33.81
N GLU B 541 -13.04 4.20 33.81
CA GLU B 541 -12.68 2.85 33.35
C GLU B 541 -13.64 1.77 33.82
N ILE B 542 -13.96 1.75 35.13
CA ILE B 542 -14.85 0.77 35.73
C ILE B 542 -16.28 0.91 35.17
N SER B 543 -16.80 2.16 35.13
CA SER B 543 -18.14 2.44 34.60
C SER B 543 -18.22 2.00 33.12
N ILE B 544 -17.16 2.28 32.30
CA ILE B 544 -17.10 1.93 30.88
C ILE B 544 -17.07 0.41 30.67
N GLN B 545 -16.20 -0.32 31.41
CA GLN B 545 -16.10 -1.76 31.28
C GLN B 545 -17.38 -2.49 31.67
N THR B 546 -18.11 -1.96 32.66
CA THR B 546 -19.41 -2.51 33.08
C THR B 546 -20.46 -2.21 32.02
N ALA B 547 -20.41 -1.01 31.41
CA ALA B 547 -21.34 -0.58 30.39
C ALA B 547 -21.18 -1.42 29.12
N GLU B 548 -19.94 -1.82 28.82
CA GLU B 548 -19.58 -2.70 27.71
C GLU B 548 -20.14 -4.10 27.91
N TYR B 549 -20.19 -4.56 29.17
CA TYR B 549 -20.79 -5.84 29.55
C TYR B 549 -22.32 -5.76 29.37
N VAL B 550 -22.95 -4.63 29.78
CA VAL B 550 -24.40 -4.44 29.64
C VAL B 550 -24.79 -4.30 28.16
N ALA B 551 -23.95 -3.61 27.36
CA ALA B 551 -24.21 -3.40 25.94
C ALA B 551 -24.06 -4.66 25.11
N GLU B 552 -23.05 -5.53 25.45
CA GLU B 552 -22.77 -6.82 24.76
C GLU B 552 -24.01 -7.71 24.75
N GLN B 553 -24.82 -7.60 25.82
CA GLN B 553 -26.09 -8.33 26.00
C GLN B 553 -27.21 -7.82 25.06
N GLY B 554 -26.90 -6.80 24.26
CA GLY B 554 -27.84 -6.22 23.31
C GLY B 554 -28.78 -5.18 23.90
N LYS B 555 -28.29 -4.44 24.93
CA LYS B 555 -29.05 -3.38 25.59
C LYS B 555 -28.62 -2.00 25.08
N GLU B 556 -29.56 -1.02 25.13
CA GLU B 556 -29.31 0.36 24.69
C GLU B 556 -28.63 1.09 25.86
N VAL B 557 -27.32 1.37 25.73
CA VAL B 557 -26.51 1.94 26.81
C VAL B 557 -25.99 3.36 26.50
N THR B 558 -26.17 4.25 27.49
CA THR B 558 -25.70 5.64 27.45
C THR B 558 -24.78 5.91 28.64
N VAL B 559 -23.62 6.51 28.37
CA VAL B 559 -22.67 6.87 29.41
C VAL B 559 -22.69 8.39 29.55
N LEU B 560 -23.03 8.89 30.74
CA LEU B 560 -23.11 10.32 31.02
C LEU B 560 -21.96 10.73 31.91
N GLU B 561 -21.10 11.66 31.45
CA GLU B 561 -19.92 12.12 32.18
C GLU B 561 -19.94 13.62 32.44
N LYS B 562 -19.77 14.04 33.73
CA LYS B 562 -19.76 15.47 34.09
C LYS B 562 -18.48 16.19 33.69
N GLY B 563 -17.40 15.43 33.56
CA GLY B 563 -16.09 15.89 33.15
C GLY B 563 -15.97 16.03 31.65
N LYS B 564 -14.79 16.47 31.20
CA LYS B 564 -14.46 16.75 29.81
C LYS B 564 -14.34 15.53 28.92
N HIS B 565 -13.96 14.39 29.50
CA HIS B 565 -13.78 13.16 28.74
C HIS B 565 -14.25 11.90 29.48
N ILE B 566 -14.69 10.91 28.69
CA ILE B 566 -14.99 9.55 29.15
C ILE B 566 -13.63 8.83 29.06
N CYS B 567 -13.44 7.75 29.82
CA CYS B 567 -12.20 6.99 29.86
C CYS B 567 -11.04 7.86 30.34
N PHE B 568 -11.32 8.87 31.20
CA PHE B 568 -10.32 9.81 31.70
C PHE B 568 -9.18 9.14 32.50
N ASP B 569 -9.43 7.97 33.08
CA ASP B 569 -8.43 7.24 33.87
C ASP B 569 -7.90 5.99 33.11
N VAL B 570 -8.13 5.98 31.80
CA VAL B 570 -7.71 4.90 30.91
C VAL B 570 -6.48 5.44 30.18
N ASN B 571 -5.35 4.67 30.22
CA ASN B 571 -4.10 5.07 29.56
C ASN B 571 -4.30 5.21 28.05
N ILE B 572 -3.49 6.07 27.41
CA ILE B 572 -3.50 6.38 25.97
C ILE B 572 -3.63 5.15 25.05
N PHE B 573 -2.91 4.05 25.35
CA PHE B 573 -2.91 2.81 24.59
C PHE B 573 -4.26 2.07 24.57
N ASN B 574 -5.15 2.29 25.57
CA ASN B 574 -6.43 1.58 25.65
C ASN B 574 -7.64 2.39 25.23
N ILE B 575 -7.44 3.71 25.03
CA ILE B 575 -8.49 4.65 24.63
C ILE B 575 -9.22 4.22 23.35
N LEU B 576 -8.46 3.93 22.28
CA LEU B 576 -8.98 3.56 20.96
C LEU B 576 -9.73 2.24 20.96
N GLN B 577 -9.20 1.27 21.74
CA GLN B 577 -9.81 -0.04 21.96
C GLN B 577 -11.24 0.16 22.49
N HIS B 578 -11.41 1.09 23.44
CA HIS B 578 -12.71 1.40 24.02
C HIS B 578 -13.65 2.11 23.03
N ARG B 579 -13.09 3.01 22.16
CA ARG B 579 -13.85 3.72 21.12
C ARG B 579 -14.48 2.73 20.14
N ARG B 580 -13.65 1.79 19.63
CA ARG B 580 -14.04 0.72 18.71
C ARG B 580 -15.16 -0.12 19.31
N LEU B 581 -15.01 -0.51 20.59
CA LEU B 581 -16.03 -1.34 21.23
C LEU B 581 -17.33 -0.61 21.45
N MET B 582 -17.24 0.65 21.89
CA MET B 582 -18.43 1.46 22.12
C MET B 582 -19.20 1.73 20.84
N ALA B 583 -18.47 1.94 19.71
CA ALA B 583 -19.10 2.16 18.41
C ALA B 583 -19.78 0.85 17.99
N LYS B 584 -19.00 -0.26 17.97
CA LYS B 584 -19.43 -1.62 17.64
C LYS B 584 -20.69 -2.03 18.39
N LEU B 585 -20.76 -1.70 19.70
CA LEU B 585 -21.93 -2.03 20.56
C LEU B 585 -23.02 -0.95 20.58
N ASN B 586 -22.91 0.06 19.69
CA ASN B 586 -23.86 1.18 19.52
C ASN B 586 -24.19 1.88 20.84
N MET B 587 -23.13 2.13 21.62
CA MET B 587 -23.26 2.80 22.90
C MET B 587 -23.16 4.32 22.67
N LYS B 588 -23.97 5.07 23.40
CA LYS B 588 -23.98 6.52 23.34
C LYS B 588 -23.21 7.08 24.53
N SER B 589 -22.59 8.24 24.36
CA SER B 589 -21.92 8.92 25.45
C SER B 589 -22.05 10.41 25.36
N MET B 590 -22.19 11.07 26.52
CA MET B 590 -22.25 12.52 26.65
C MET B 590 -21.24 12.96 27.72
N THR B 591 -20.52 14.05 27.43
CA THR B 591 -19.54 14.65 28.34
C THR B 591 -19.97 16.09 28.68
N ASN B 592 -19.38 16.68 29.76
CA ASN B 592 -19.65 18.08 30.20
C ASN B 592 -21.12 18.28 30.52
N VAL B 593 -21.77 17.23 31.01
CA VAL B 593 -23.17 17.29 31.34
C VAL B 593 -23.37 17.52 32.83
N THR B 594 -24.40 18.28 33.18
CA THR B 594 -24.78 18.54 34.57
C THR B 594 -25.88 17.54 34.89
N ILE B 595 -25.69 16.70 35.92
CA ILE B 595 -26.72 15.74 36.33
C ILE B 595 -27.62 16.54 37.27
N ASN B 596 -28.84 16.86 36.80
CA ASN B 596 -29.80 17.67 37.56
C ASN B 596 -30.54 16.84 38.59
N GLU B 597 -31.01 15.65 38.18
CA GLU B 597 -31.70 14.70 39.03
C GLU B 597 -31.93 13.34 38.36
N ILE B 598 -32.20 12.33 39.18
CA ILE B 598 -32.59 11.01 38.74
C ILE B 598 -34.05 10.89 39.15
N ASN B 599 -34.88 10.33 38.28
CA ASN B 599 -36.29 10.13 38.59
C ASN B 599 -36.74 8.77 38.06
N ASP B 600 -38.04 8.50 38.14
CA ASP B 600 -38.68 7.26 37.71
C ASP B 600 -38.45 6.90 36.24
N ASP B 601 -38.36 7.88 35.35
CA ASP B 601 -38.22 7.60 33.91
C ASP B 601 -36.79 7.75 33.35
N GLY B 602 -35.83 8.09 34.23
CA GLY B 602 -34.45 8.29 33.81
C GLY B 602 -33.75 9.41 34.53
N VAL B 603 -32.88 10.15 33.82
CA VAL B 603 -32.06 11.23 34.40
C VAL B 603 -32.21 12.54 33.60
N GLU B 604 -32.42 13.65 34.34
CA GLU B 604 -32.51 15.00 33.78
C GLU B 604 -31.10 15.61 33.74
N ILE B 605 -30.64 16.01 32.55
CA ILE B 605 -29.31 16.60 32.38
C ILE B 605 -29.35 17.99 31.74
N SER B 606 -28.24 18.71 31.86
CA SER B 606 -28.08 19.96 31.18
C SER B 606 -26.75 19.89 30.48
N THR B 607 -26.75 20.20 29.19
CA THR B 607 -25.49 20.18 28.43
C THR B 607 -24.70 21.44 28.79
N ALA B 608 -23.39 21.47 28.45
CA ALA B 608 -22.51 22.62 28.67
C ALA B 608 -23.01 23.87 27.93
N GLY B 609 -23.71 23.68 26.81
CA GLY B 609 -24.30 24.75 26.01
C GLY B 609 -25.61 25.27 26.56
N GLY B 610 -26.16 24.61 27.59
CA GLY B 610 -27.40 25.03 28.21
C GLY B 610 -28.66 24.29 27.81
N LYS B 611 -28.54 23.12 27.13
CA LYS B 611 -29.71 22.34 26.73
C LYS B 611 -30.17 21.38 27.84
N ASP B 612 -31.43 21.50 28.27
CA ASP B 612 -32.02 20.64 29.30
C ASP B 612 -32.66 19.45 28.58
N VAL B 613 -32.09 18.25 28.80
CA VAL B 613 -32.48 17.01 28.12
C VAL B 613 -32.71 15.87 29.14
N THR B 614 -33.77 15.08 28.88
CA THR B 614 -34.16 13.92 29.65
C THR B 614 -33.56 12.67 29.00
N ILE B 615 -32.71 11.95 29.75
CA ILE B 615 -32.15 10.71 29.24
C ILE B 615 -33.03 9.58 29.76
N GLU B 616 -33.80 8.97 28.85
CA GLU B 616 -34.76 7.87 29.13
C GLU B 616 -33.99 6.62 29.56
N ALA B 617 -34.39 6.05 30.71
CA ALA B 617 -33.71 4.87 31.26
C ALA B 617 -34.66 3.94 31.95
N ASP B 618 -34.40 2.64 31.83
CA ASP B 618 -35.11 1.58 32.56
C ASP B 618 -34.32 1.32 33.85
N ASN B 619 -33.00 1.61 33.85
CA ASN B 619 -32.07 1.48 34.98
C ASN B 619 -31.02 2.55 34.90
N VAL B 620 -30.70 3.15 36.05
CA VAL B 620 -29.66 4.20 36.17
C VAL B 620 -28.53 3.65 37.05
N VAL B 621 -27.33 3.49 36.46
CA VAL B 621 -26.16 2.96 37.17
C VAL B 621 -25.34 4.11 37.66
N VAL B 622 -25.29 4.30 38.97
CA VAL B 622 -24.48 5.37 39.52
C VAL B 622 -23.08 4.80 39.74
N ALA B 623 -22.19 5.15 38.84
CA ALA B 623 -20.83 4.66 38.80
C ALA B 623 -19.83 5.81 38.64
N GLU B 624 -19.85 6.79 39.57
CA GLU B 624 -18.96 7.98 39.53
C GLU B 624 -17.61 7.68 40.13
N GLY B 625 -17.54 6.59 40.89
CA GLY B 625 -16.32 6.15 41.54
C GLY B 625 -16.50 5.06 42.58
N MET B 626 -15.43 4.84 43.33
CA MET B 626 -15.35 3.83 44.38
C MET B 626 -14.87 4.43 45.68
N ASP B 627 -15.41 3.91 46.79
CA ASP B 627 -15.01 4.27 48.14
C ASP B 627 -14.26 3.07 48.72
N ALA B 628 -13.38 3.32 49.68
CA ALA B 628 -12.64 2.25 50.34
C ALA B 628 -13.62 1.55 51.25
N ASP B 629 -13.68 0.22 51.16
CA ASP B 629 -14.52 -0.59 52.02
C ASP B 629 -13.63 -0.80 53.26
N ASP B 630 -13.60 0.22 54.15
CA ASP B 630 -12.76 0.23 55.33
C ASP B 630 -13.51 0.05 56.67
N ALA B 631 -14.77 -0.42 56.63
CA ALA B 631 -15.59 -0.61 57.84
C ALA B 631 -14.93 -1.54 58.83
N LEU B 632 -14.45 -2.73 58.38
CA LEU B 632 -13.77 -3.71 59.23
C LEU B 632 -12.54 -3.10 59.90
N ALA B 633 -11.70 -2.40 59.12
CA ALA B 633 -10.47 -1.77 59.63
C ALA B 633 -10.75 -0.73 60.70
N LYS B 634 -11.86 0.03 60.55
CA LYS B 634 -12.26 1.07 61.48
C LYS B 634 -12.84 0.42 62.71
N ALA B 635 -13.59 -0.68 62.51
CA ALA B 635 -14.21 -1.46 63.58
C ALA B 635 -13.20 -2.19 64.45
N VAL B 636 -12.07 -2.67 63.90
CA VAL B 636 -11.15 -3.49 64.69
C VAL B 636 -9.96 -2.71 65.26
N GLY B 637 -9.57 -1.60 64.64
CA GLY B 637 -8.42 -0.80 65.06
C GLY B 637 -7.12 -1.52 64.80
N THR B 638 -6.05 -1.08 65.47
CA THR B 638 -4.71 -1.62 65.27
C THR B 638 -4.22 -2.56 66.38
N LYS B 639 -5.06 -2.83 67.39
CA LYS B 639 -4.69 -3.62 68.56
C LYS B 639 -5.36 -5.02 68.66
N ILE B 640 -6.22 -5.39 67.68
CA ILE B 640 -6.91 -6.69 67.66
C ILE B 640 -5.93 -7.89 67.49
N ALA B 641 -4.74 -7.63 66.93
CA ALA B 641 -3.70 -8.62 66.74
C ALA B 641 -2.36 -7.92 66.98
N PRO B 642 -1.23 -8.65 67.25
CA PRO B 642 0.06 -7.94 67.43
C PRO B 642 0.47 -7.04 66.26
N GLU B 643 0.14 -7.43 65.01
CA GLU B 643 0.40 -6.64 63.80
C GLU B 643 -0.90 -6.54 63.01
N VAL B 644 -1.30 -5.31 62.65
CA VAL B 644 -2.52 -5.02 61.88
C VAL B 644 -2.16 -4.10 60.68
N TYR B 645 -2.46 -4.56 59.46
CA TYR B 645 -2.19 -3.82 58.22
C TYR B 645 -3.43 -3.77 57.34
N SER B 646 -3.55 -2.69 56.55
CA SER B 646 -4.61 -2.51 55.55
C SER B 646 -3.89 -2.31 54.24
N ILE B 647 -4.28 -3.08 53.20
CA ILE B 647 -3.68 -3.05 51.86
C ILE B 647 -4.74 -3.00 50.77
N GLY B 648 -4.34 -2.59 49.58
CA GLY B 648 -5.21 -2.47 48.44
C GLY B 648 -6.16 -1.31 48.56
N ASP B 649 -7.34 -1.44 47.92
CA ASP B 649 -8.35 -0.40 47.86
C ASP B 649 -8.99 -0.05 49.21
N CYS B 650 -8.90 -0.94 50.23
CA CYS B 650 -9.49 -0.60 51.53
C CYS B 650 -8.60 0.39 52.29
N ALA B 651 -7.33 0.51 51.89
CA ALA B 651 -6.35 1.45 52.44
C ALA B 651 -6.37 2.78 51.66
N GLY B 652 -7.26 2.89 50.68
CA GLY B 652 -7.35 4.04 49.78
C GLY B 652 -7.46 3.55 48.36
N VAL B 653 -8.55 3.93 47.66
CA VAL B 653 -8.86 3.46 46.31
C VAL B 653 -7.85 3.96 45.28
N ARG B 654 -7.17 3.00 44.67
CA ARG B 654 -6.23 3.19 43.59
C ARG B 654 -6.73 2.18 42.55
N LYS B 655 -5.87 1.42 41.88
CA LYS B 655 -6.44 0.46 40.90
C LYS B 655 -5.79 -0.91 41.06
N LEU B 656 -5.85 -1.78 40.03
CA LEU B 656 -5.30 -3.13 40.06
C LEU B 656 -3.77 -3.19 40.21
N TYR B 657 -3.05 -2.27 39.57
CA TYR B 657 -1.59 -2.22 39.65
C TYR B 657 -1.16 -2.03 41.12
N GLU B 658 -1.76 -1.04 41.80
CA GLU B 658 -1.44 -0.70 43.17
C GLU B 658 -1.83 -1.79 44.16
N ALA B 659 -2.97 -2.49 43.92
CA ALA B 659 -3.48 -3.60 44.76
C ALA B 659 -2.48 -4.76 44.77
N ILE B 660 -2.06 -5.21 43.58
CA ILE B 660 -1.07 -6.28 43.41
C ILE B 660 0.31 -5.89 44.01
N HIS B 661 0.74 -4.64 43.78
CA HIS B 661 2.01 -4.12 44.32
C HIS B 661 2.00 -4.03 45.85
N ASP B 662 0.86 -3.58 46.43
CA ASP B 662 0.66 -3.50 47.88
C ASP B 662 0.73 -4.90 48.49
N GLY B 663 0.14 -5.89 47.80
CA GLY B 663 0.12 -7.29 48.24
C GLY B 663 1.52 -7.87 48.26
N TYR B 664 2.31 -7.61 47.20
CA TYR B 664 3.69 -8.11 47.12
C TYR B 664 4.50 -7.53 48.26
N LYS B 665 4.42 -6.18 48.41
CA LYS B 665 5.17 -5.43 49.44
C LYS B 665 4.77 -5.87 50.85
N MET B 666 3.48 -6.19 51.05
CA MET B 666 3.03 -6.68 52.35
C MET B 666 3.59 -8.08 52.60
N GLY B 667 3.44 -8.98 51.63
CA GLY B 667 3.94 -10.35 51.69
C GLY B 667 5.43 -10.46 52.01
N VAL B 668 6.29 -9.65 51.36
CA VAL B 668 7.74 -9.68 51.58
C VAL B 668 8.18 -9.11 52.90
N LYS B 669 7.44 -8.13 53.47
CA LYS B 669 7.87 -7.47 54.71
C LYS B 669 7.49 -8.20 56.01
N ILE B 670 6.57 -9.19 55.96
CA ILE B 670 6.16 -9.91 57.19
C ILE B 670 7.37 -10.63 57.83
N ARG B 671 7.92 -10.01 58.89
CA ARG B 671 9.09 -10.53 59.58
C ARG B 671 8.76 -11.81 60.35
N GLY B 672 9.75 -12.68 60.50
CA GLY B 672 9.61 -13.90 61.29
C GLY B 672 9.61 -13.55 62.76
N SER B 673 9.13 -14.47 63.63
CA SER B 673 9.06 -14.28 65.09
C SER B 673 10.43 -14.08 65.71
N LEU B 674 10.48 -13.31 66.82
CA LEU B 674 11.72 -13.07 67.56
C LEU B 674 11.85 -14.21 68.56
N GLU B 675 13.06 -14.42 69.15
CA GLU B 675 13.20 -15.47 70.17
C GLU B 675 12.26 -15.17 71.35
N VAL B 676 12.10 -13.85 71.68
CA VAL B 676 11.22 -13.17 72.65
C VAL B 676 11.83 -11.79 72.98
#